data_3U61
#
_entry.id   3U61
#
_cell.length_a   82.303
_cell.length_b   137.272
_cell.length_c   222.779
_cell.angle_alpha   90.00
_cell.angle_beta   90.00
_cell.angle_gamma   90.00
#
_symmetry.space_group_name_H-M   'P 21 21 21'
#
loop_
_entity.id
_entity.type
_entity.pdbx_description
1 polymer 'DNA polymerase accessory protein 44'
2 polymer 'DNA polymerase accessory protein 62'
3 polymer 'DNA polymerase processivity component'
4 polymer 'Template DNA strand'
5 polymer 'Primer DNA strand'
6 non-polymer "ADENOSINE-5'-DIPHOSPHATE"
7 non-polymer 'MAGNESIUM ION'
8 non-polymer [[[(2R,3S,4R,5R)-5-(6-aminopurin-9-yl)-3,4-bis(oxidanyl)oxolan-2-yl]methoxy-oxidanyl-phosphoryl]oxy-oxidanyl-phosphoryl]oxy-tris(fluoranyl)beryllium
#
loop_
_entity_poly.entity_id
_entity_poly.type
_entity_poly.pdbx_seq_one_letter_code
_entity_poly.pdbx_strand_id
1 'polypeptide(L)'
;GPGGSMITVNEKEHILEQKYRPSTIDECILPAFDKETFKSITSKGKIPHIILHSPSPGTGKTTVAKALCHDVNADMMFVN
GSDCKIDFVRGPLTNFASAASFDGRQKVIVIDEFDRSGLAESQRHLRSFMEAYSSNCSIIITANNIDGIIKPLQSRCRVI
TFGQPTDEDKIEMMKQMIRRLTEICKHEGIAIADMKVVAALVKKNFPDFRKTIGELDSYSSKGVLDAGILSLVTNDRGAI
DDVLESLKNKDVKQLRALAPKYAADYSWFVGKLAEEIYSRVTPQSIIRMYEIVGENNQYHGIAANTELHLAYLFIQLACE
MQWK
;
B,C,D,E
2 'polypeptide(L)'
;SLFKDDIQLNEHQVAWYSKDWTAVQSAADSFKEKAENEFFEIIGAINNKTKCSIAQKDYSKFMVENALSQFPECMPAVYA
MNLIGSGLSDEAHFNYLMAAVPRGKRYGKWAKLVEDSTEVLIIKLLAKRYQVNTNDAINYKSILTKNGKLPLVLKELKGL
VTDDFLKEVTKNVKEQKQLKKLALEWGLEHHHHHHHHHH
;
A
3 'polypeptide(L)'
;(MSE)KLSKDTTALLKNFATINSGI(MSE)LKSGQFI(MSE)TRAVNGTTYAEANISDVIDFDVAIYDLNGFLGILSLVN
DDAEISQSEDGNIKIADARSTIFWPAADPSTVVAPNKPIPFPVASAVTEIKAEDLQQLLRVSRGLQIDTIAITVKEGKIV
INGFNKVEDSALTRVKYSLTLGDYDGENTFNFIIN(MSE)AN(MSE)K(MSE)QPGNYKLLLWAKGKQGAAKFEGEHANY
VVALEADSTHDF
;
G,H,F
4 'polydeoxyribonucleotide' (DT)(DT)(DT)(DT)(DT)(DT)(DT)(DT)(DT)(DT)(DG)(DG)(DT)(DG)(DT)(DC)(DT)(DA)(DC)(DG) I
5 'polydeoxyribonucleotide' (DC)(DG)(DT)(DA)(DG)(DA)(DC)(DA)(DC)(DC) J
#
# COMPACT_ATOMS: atom_id res chain seq x y z
N ILE A 7 -10.17 -51.94 6.47
CA ILE A 7 -9.87 -50.61 5.93
C ILE A 7 -10.97 -49.60 6.32
N THR A 8 -10.57 -48.51 6.96
CA THR A 8 -11.50 -47.56 7.57
C THR A 8 -12.07 -46.54 6.61
N VAL A 9 -13.35 -46.19 6.79
CA VAL A 9 -13.99 -45.13 6.00
C VAL A 9 -14.60 -44.04 6.88
N ASN A 10 -14.20 -42.78 6.64
CA ASN A 10 -14.91 -41.67 7.26
C ASN A 10 -15.99 -41.28 6.27
N GLU A 11 -17.22 -41.71 6.54
CA GLU A 11 -18.32 -41.49 5.61
C GLU A 11 -18.69 -40.03 5.72
N LYS A 12 -19.45 -39.54 4.76
CA LYS A 12 -19.81 -38.12 4.71
C LYS A 12 -18.63 -37.26 4.22
N GLU A 13 -17.51 -37.89 3.90
CA GLU A 13 -16.38 -37.20 3.31
C GLU A 13 -16.36 -37.30 1.78
N HIS A 14 -16.06 -36.17 1.12
CA HIS A 14 -16.07 -36.08 -0.35
C HIS A 14 -14.85 -36.70 -1.02
N ILE A 15 -13.68 -36.10 -0.82
CA ILE A 15 -12.49 -36.58 -1.49
C ILE A 15 -12.10 -37.89 -0.82
N LEU A 16 -11.68 -38.85 -1.63
CA LEU A 16 -11.36 -40.19 -1.15
C LEU A 16 -10.18 -40.14 -0.20
N GLU A 17 -9.29 -39.18 -0.43
CA GLU A 17 -8.11 -39.00 0.40
C GLU A 17 -8.51 -38.47 1.78
N GLN A 18 -9.62 -37.73 1.84
CA GLN A 18 -10.19 -37.35 3.13
C GLN A 18 -11.07 -38.49 3.69
N LYS A 19 -11.77 -39.18 2.78
CA LYS A 19 -12.68 -40.26 3.16
C LYS A 19 -12.02 -41.59 3.44
N TYR A 20 -10.87 -41.85 2.83
CA TYR A 20 -10.13 -43.02 3.30
C TYR A 20 -8.84 -42.54 3.92
N ARG A 21 -8.81 -42.50 5.25
CA ARG A 21 -7.73 -41.87 5.98
C ARG A 21 -7.20 -42.79 7.06
N PRO A 22 -6.11 -43.49 6.78
CA PRO A 22 -5.77 -44.55 7.73
C PRO A 22 -5.83 -44.05 9.18
N SER A 23 -6.61 -44.81 9.95
CA SER A 23 -7.07 -44.46 11.30
C SER A 23 -6.07 -44.80 12.38
N THR A 24 -5.39 -45.92 12.15
CA THR A 24 -4.44 -46.43 13.09
C THR A 24 -3.06 -46.46 12.45
N ILE A 25 -2.03 -46.29 13.28
CA ILE A 25 -0.65 -46.31 12.81
C ILE A 25 -0.36 -47.64 12.11
N ASP A 26 -1.20 -48.63 12.37
CA ASP A 26 -1.17 -49.93 11.70
C ASP A 26 -1.73 -49.87 10.27
N GLU A 27 -2.81 -49.11 10.10
CA GLU A 27 -3.46 -49.02 8.80
C GLU A 27 -2.70 -48.06 7.90
N CYS A 28 -1.74 -47.35 8.45
CA CYS A 28 -0.94 -46.48 7.61
C CYS A 28 0.09 -47.37 6.90
N ILE A 29 0.37 -47.07 5.64
CA ILE A 29 1.34 -47.86 4.86
C ILE A 29 2.72 -47.21 4.99
N LEU A 30 3.68 -47.95 5.56
CA LEU A 30 4.95 -47.34 5.93
C LEU A 30 6.18 -48.22 5.76
N PRO A 31 7.36 -47.58 5.72
CA PRO A 31 8.65 -48.28 5.69
C PRO A 31 8.98 -49.02 7.01
N ALA A 32 10.08 -49.75 6.99
CA ALA A 32 10.40 -50.66 8.08
C ALA A 32 10.51 -49.94 9.42
N PHE A 33 11.58 -49.19 9.59
CA PHE A 33 11.83 -48.51 10.85
C PHE A 33 10.66 -47.61 11.18
N ASP A 34 10.21 -46.84 10.19
CA ASP A 34 9.15 -45.89 10.44
C ASP A 34 7.93 -46.49 11.15
N LYS A 35 7.52 -47.69 10.79
CA LYS A 35 6.28 -48.23 11.35
C LYS A 35 6.49 -48.68 12.79
N GLU A 36 7.58 -49.41 12.98
CA GLU A 36 8.02 -49.89 14.29
C GLU A 36 8.16 -48.70 15.24
N THR A 37 8.76 -47.63 14.75
CA THR A 37 8.93 -46.36 15.46
C THR A 37 7.64 -45.80 16.08
N PHE A 38 6.56 -45.78 15.30
CA PHE A 38 5.31 -45.24 15.79
C PHE A 38 4.53 -46.22 16.69
N LYS A 39 4.67 -47.53 16.48
CA LYS A 39 4.09 -48.45 17.44
C LYS A 39 4.92 -48.25 18.69
N SER A 40 6.23 -48.12 18.50
CA SER A 40 7.19 -47.93 19.58
C SER A 40 6.65 -46.86 20.51
N ILE A 41 6.20 -45.79 19.89
CA ILE A 41 5.61 -44.63 20.55
C ILE A 41 4.20 -44.89 21.09
N THR A 42 3.31 -45.40 20.23
CA THR A 42 1.93 -45.64 20.62
C THR A 42 1.78 -46.63 21.77
N SER A 43 2.81 -47.42 22.04
CA SER A 43 2.73 -48.36 23.16
C SER A 43 2.99 -47.67 24.51
N LYS A 44 3.96 -46.76 24.53
CA LYS A 44 4.28 -46.04 25.76
C LYS A 44 3.10 -45.16 26.21
N GLY A 45 2.06 -45.14 25.38
CA GLY A 45 0.79 -44.52 25.75
C GLY A 45 0.86 -43.00 25.92
N LYS A 46 2.03 -42.45 25.64
CA LYS A 46 2.24 -41.01 25.75
C LYS A 46 3.12 -40.52 24.61
N ILE A 47 2.78 -39.35 24.12
CA ILE A 47 3.43 -38.77 22.96
C ILE A 47 4.24 -37.56 23.38
N PRO A 48 5.57 -37.60 23.15
CA PRO A 48 6.53 -36.51 23.41
C PRO A 48 6.33 -35.33 22.45
N HIS A 49 7.17 -34.32 22.51
CA HIS A 49 7.08 -33.27 21.49
C HIS A 49 7.72 -33.79 20.22
N ILE A 50 6.96 -33.76 19.13
CA ILE A 50 7.37 -34.37 17.87
C ILE A 50 7.32 -33.41 16.67
N ILE A 51 8.27 -33.54 15.75
CA ILE A 51 8.06 -32.98 14.42
C ILE A 51 8.36 -34.08 13.43
N LEU A 52 7.30 -34.50 12.75
CA LEU A 52 7.41 -35.37 11.60
C LEU A 52 7.70 -34.51 10.37
N HIS A 53 8.79 -34.80 9.67
CA HIS A 53 8.98 -34.10 8.40
C HIS A 53 9.28 -35.08 7.28
N SER A 54 8.66 -34.83 6.11
CA SER A 54 8.63 -35.78 4.96
C SER A 54 9.94 -36.09 4.17
N PRO A 55 10.53 -35.11 3.47
CA PRO A 55 9.99 -33.87 2.88
C PRO A 55 9.08 -34.17 1.68
N SER A 56 9.39 -35.20 0.91
CA SER A 56 8.58 -35.61 -0.27
C SER A 56 7.13 -35.80 0.14
N PRO A 57 6.19 -35.12 -0.55
CA PRO A 57 4.85 -35.06 0.05
C PRO A 57 4.10 -36.39 -0.09
N GLY A 58 2.90 -36.44 0.46
CA GLY A 58 2.01 -37.58 0.32
C GLY A 58 2.44 -38.87 1.00
N THR A 59 3.55 -38.85 1.74
CA THR A 59 3.96 -40.02 2.53
C THR A 59 3.05 -40.36 3.72
N GLY A 60 2.23 -39.42 4.18
CA GLY A 60 1.44 -39.64 5.37
C GLY A 60 1.76 -38.90 6.67
N LYS A 61 2.44 -37.76 6.58
CA LYS A 61 2.68 -36.90 7.74
C LYS A 61 1.44 -36.66 8.59
N THR A 62 0.52 -35.88 8.03
CA THR A 62 -0.65 -35.43 8.79
C THR A 62 -1.53 -36.61 9.20
N THR A 63 -1.39 -37.72 8.48
CA THR A 63 -2.16 -38.93 8.69
C THR A 63 -1.64 -39.74 9.88
N VAL A 64 -0.31 -39.86 9.96
CA VAL A 64 0.33 -40.51 11.10
C VAL A 64 0.05 -39.68 12.32
N ALA A 65 0.10 -38.36 12.13
CA ALA A 65 -0.08 -37.43 13.26
C ALA A 65 -1.42 -37.62 14.00
N LYS A 66 -2.51 -37.60 13.21
CA LYS A 66 -3.87 -37.78 13.69
C LYS A 66 -4.07 -39.15 14.34
N ALA A 67 -3.40 -40.16 13.79
CA ALA A 67 -3.56 -41.56 14.19
C ALA A 67 -2.78 -41.86 15.46
N LEU A 68 -1.68 -41.14 15.65
CA LEU A 68 -0.93 -41.25 16.88
C LEU A 68 -1.83 -40.83 18.03
N CYS A 69 -2.70 -39.87 17.75
CA CYS A 69 -3.67 -39.43 18.74
C CYS A 69 -4.68 -40.52 18.98
N HIS A 70 -5.28 -40.97 17.90
CA HIS A 70 -6.20 -42.06 17.97
C HIS A 70 -5.57 -43.10 18.84
N ASP A 71 -4.53 -43.76 18.33
CA ASP A 71 -4.03 -44.99 18.94
C ASP A 71 -3.79 -44.91 20.46
N VAL A 72 -3.53 -43.71 20.97
CA VAL A 72 -3.41 -43.47 22.40
C VAL A 72 -4.72 -42.93 22.99
N ASN A 73 -5.76 -42.85 22.17
CA ASN A 73 -7.04 -42.33 22.64
C ASN A 73 -6.85 -40.92 23.18
N ALA A 74 -6.26 -40.07 22.35
CA ALA A 74 -5.99 -38.69 22.72
C ALA A 74 -7.24 -37.85 22.72
N ASP A 75 -7.17 -36.73 23.44
CA ASP A 75 -8.04 -35.60 23.20
C ASP A 75 -7.24 -34.73 22.26
N MET A 76 -7.67 -34.69 21.01
CA MET A 76 -6.86 -34.07 20.01
C MET A 76 -7.42 -32.72 19.65
N MET A 77 -6.53 -31.78 19.40
CA MET A 77 -6.91 -30.53 18.79
C MET A 77 -6.16 -30.39 17.48
N PHE A 78 -6.88 -30.44 16.37
CA PHE A 78 -6.21 -30.40 15.07
C PHE A 78 -6.26 -29.04 14.39
N VAL A 79 -5.08 -28.44 14.23
CA VAL A 79 -4.96 -27.07 13.73
C VAL A 79 -3.99 -27.04 12.56
N ASN A 80 -4.43 -26.45 11.46
CA ASN A 80 -3.57 -26.38 10.29
C ASN A 80 -2.65 -25.21 10.50
N GLY A 81 -1.47 -25.25 9.88
CA GLY A 81 -0.42 -24.24 10.10
C GLY A 81 -0.69 -22.85 9.56
N SER A 82 -1.31 -22.79 8.38
CA SER A 82 -1.74 -21.52 7.80
C SER A 82 -2.70 -20.86 8.75
N ASP A 83 -3.42 -21.69 9.50
CA ASP A 83 -4.47 -21.23 10.42
C ASP A 83 -4.01 -20.93 11.85
N CYS A 84 -2.81 -21.38 12.23
CA CYS A 84 -2.42 -21.23 13.62
C CYS A 84 -1.69 -19.90 13.79
N LYS A 85 -2.40 -18.93 14.35
CA LYS A 85 -2.04 -17.54 14.14
C LYS A 85 -1.76 -16.87 15.48
N ILE A 86 -1.07 -15.74 15.42
CA ILE A 86 -0.66 -15.04 16.63
C ILE A 86 -1.83 -14.91 17.61
N ASP A 87 -3.06 -14.77 17.08
CA ASP A 87 -4.30 -14.71 17.87
C ASP A 87 -4.82 -16.08 18.37
N PHE A 88 -4.63 -17.13 17.56
CA PHE A 88 -5.10 -18.50 17.87
C PHE A 88 -4.24 -19.16 18.96
N VAL A 89 -2.93 -18.94 18.90
CA VAL A 89 -2.03 -19.54 19.87
C VAL A 89 -2.35 -18.99 21.24
N ARG A 90 -2.71 -17.72 21.30
CA ARG A 90 -3.07 -17.13 22.58
C ARG A 90 -4.47 -17.53 23.09
N GLY A 91 -5.52 -17.40 22.27
CA GLY A 91 -6.85 -17.84 22.70
C GLY A 91 -7.28 -19.31 22.73
N PRO A 92 -7.46 -19.95 21.57
CA PRO A 92 -8.00 -21.32 21.66
C PRO A 92 -6.98 -22.33 22.18
N LEU A 93 -5.74 -22.15 21.78
CA LEU A 93 -4.74 -23.13 22.05
C LEU A 93 -4.57 -23.19 23.54
N THR A 94 -4.28 -22.04 24.12
CA THR A 94 -4.17 -21.83 25.56
C THR A 94 -5.43 -22.29 26.27
N ASN A 95 -6.60 -21.91 25.75
CA ASN A 95 -7.89 -22.36 26.29
C ASN A 95 -7.94 -23.87 26.48
N PHE A 96 -7.65 -24.61 25.41
CA PHE A 96 -7.64 -26.09 25.42
C PHE A 96 -6.63 -26.70 26.36
N ALA A 97 -5.41 -26.17 26.36
CA ALA A 97 -4.36 -26.65 27.25
C ALA A 97 -4.84 -26.51 28.71
N SER A 98 -5.20 -25.30 29.08
CA SER A 98 -5.63 -24.98 30.42
C SER A 98 -7.11 -25.32 30.70
N ALA A 99 -7.96 -25.35 29.68
CA ALA A 99 -9.31 -25.88 29.91
C ALA A 99 -9.24 -27.39 30.20
N ALA A 100 -9.94 -27.82 31.25
CA ALA A 100 -9.79 -29.19 31.76
C ALA A 100 -10.75 -30.22 31.19
N SER A 101 -10.19 -31.24 30.55
CA SER A 101 -10.96 -32.44 30.26
C SER A 101 -10.81 -33.34 31.49
N PHE A 102 -11.94 -33.78 32.03
CA PHE A 102 -11.90 -34.82 33.03
C PHE A 102 -11.57 -36.10 32.27
N ASP A 103 -11.71 -37.23 32.94
CA ASP A 103 -11.32 -38.58 32.51
C ASP A 103 -9.86 -38.82 32.13
N GLY A 104 -9.66 -39.76 31.21
CA GLY A 104 -8.35 -40.20 30.78
C GLY A 104 -7.66 -39.37 29.73
N ARG A 105 -8.44 -38.93 28.74
CA ARG A 105 -7.90 -38.53 27.46
C ARG A 105 -6.71 -37.62 27.69
N GLN A 106 -5.66 -37.82 26.90
CA GLN A 106 -4.45 -37.00 26.89
C GLN A 106 -4.56 -35.94 25.81
N LYS A 107 -4.23 -34.70 26.16
CA LYS A 107 -4.32 -33.60 25.20
C LYS A 107 -3.08 -33.48 24.27
N VAL A 108 -3.32 -33.42 22.98
CA VAL A 108 -2.25 -33.35 22.00
C VAL A 108 -2.66 -32.36 20.92
N ILE A 109 -1.79 -31.40 20.61
CA ILE A 109 -2.11 -30.36 19.62
C ILE A 109 -1.30 -30.62 18.35
N VAL A 110 -2.01 -31.10 17.34
CA VAL A 110 -1.42 -31.42 16.04
C VAL A 110 -1.52 -30.18 15.19
N ILE A 111 -0.35 -29.68 14.83
CA ILE A 111 -0.22 -28.46 14.07
C ILE A 111 0.34 -28.87 12.75
N ASP A 112 -0.42 -28.61 11.70
CA ASP A 112 -0.17 -29.24 10.43
C ASP A 112 0.48 -28.29 9.45
N GLU A 113 1.51 -28.75 8.75
CA GLU A 113 2.15 -27.88 7.75
C GLU A 113 2.50 -26.55 8.44
N PHE A 114 3.39 -26.64 9.43
CA PHE A 114 3.79 -25.49 10.23
C PHE A 114 5.07 -24.86 9.64
N ASP A 115 5.49 -25.37 8.49
CA ASP A 115 6.58 -24.74 7.79
C ASP A 115 5.89 -23.90 6.76
N ARG A 116 5.78 -22.62 7.02
CA ARG A 116 5.05 -21.73 6.14
C ARG A 116 5.72 -20.40 6.38
N SER A 117 5.81 -19.58 5.35
CA SER A 117 6.74 -18.45 5.37
C SER A 117 6.56 -17.44 6.54
N GLY A 118 5.33 -16.97 6.74
CA GLY A 118 5.06 -15.92 7.72
C GLY A 118 4.83 -16.39 9.15
N LEU A 119 4.94 -17.69 9.35
CA LEU A 119 4.52 -18.30 10.61
C LEU A 119 5.64 -18.31 11.65
N ALA A 120 6.81 -17.75 11.34
CA ALA A 120 7.94 -17.93 12.26
C ALA A 120 7.70 -17.31 13.65
N GLU A 121 7.01 -16.17 13.71
CA GLU A 121 6.61 -15.58 15.01
C GLU A 121 5.68 -16.51 15.81
N SER A 122 4.70 -17.12 15.14
CA SER A 122 3.78 -18.09 15.73
C SER A 122 4.56 -19.34 16.21
N GLN A 123 5.72 -19.55 15.62
CA GLN A 123 6.62 -20.62 16.07
C GLN A 123 7.34 -20.30 17.37
N ARG A 124 8.03 -19.14 17.41
CA ARG A 124 8.66 -18.66 18.65
C ARG A 124 7.68 -18.66 19.81
N HIS A 125 6.50 -18.10 19.55
CA HIS A 125 5.43 -17.99 20.53
C HIS A 125 5.01 -19.35 21.11
N LEU A 126 5.19 -20.39 20.29
CA LEU A 126 4.95 -21.76 20.72
C LEU A 126 6.12 -22.42 21.45
N ARG A 127 7.35 -22.20 20.99
CA ARG A 127 8.50 -22.70 21.74
C ARG A 127 8.34 -22.31 23.21
N SER A 128 7.95 -21.05 23.45
CA SER A 128 7.61 -20.54 24.79
C SER A 128 6.38 -21.22 25.34
N PHE A 129 5.35 -21.34 24.53
CA PHE A 129 4.16 -22.12 24.91
C PHE A 129 4.54 -23.49 25.48
N MET A 130 5.53 -24.12 24.86
CA MET A 130 5.89 -25.46 25.24
C MET A 130 6.49 -25.49 26.60
N GLU A 131 7.23 -24.43 26.92
CA GLU A 131 7.75 -24.25 28.27
C GLU A 131 6.61 -23.99 29.22
N ALA A 132 5.64 -23.19 28.78
CA ALA A 132 4.42 -22.94 29.54
C ALA A 132 3.56 -24.17 29.81
N TYR A 133 2.99 -24.74 28.76
CA TYR A 133 1.97 -25.79 28.90
C TYR A 133 2.35 -27.29 28.71
N SER A 134 3.61 -27.57 28.38
CA SER A 134 4.00 -28.95 28.07
C SER A 134 3.51 -29.97 29.12
N SER A 135 3.61 -29.64 30.39
CA SER A 135 3.16 -30.60 31.39
C SER A 135 1.76 -31.12 31.06
N ASN A 136 0.85 -30.22 30.70
CA ASN A 136 -0.54 -30.59 30.44
C ASN A 136 -1.01 -30.87 28.99
N CYS A 137 -0.05 -31.02 28.07
CA CYS A 137 -0.37 -31.43 26.72
C CYS A 137 0.91 -31.62 25.91
N SER A 138 0.83 -32.03 24.65
CA SER A 138 2.03 -32.43 23.93
C SER A 138 1.85 -32.13 22.48
N ILE A 139 2.94 -31.82 21.79
CA ILE A 139 2.82 -31.20 20.47
C ILE A 139 3.42 -31.98 19.32
N ILE A 140 2.62 -32.14 18.25
CA ILE A 140 3.07 -32.80 17.02
C ILE A 140 2.93 -31.83 15.85
N ILE A 141 4.07 -31.38 15.33
CA ILE A 141 4.12 -30.46 14.23
C ILE A 141 4.52 -31.25 13.03
N THR A 142 4.02 -30.82 11.87
CA THR A 142 4.22 -31.52 10.60
C THR A 142 4.89 -30.57 9.63
N ALA A 143 5.96 -31.05 8.98
CA ALA A 143 6.72 -30.19 8.05
C ALA A 143 7.12 -30.88 6.73
N ASN A 144 7.03 -30.15 5.62
CA ASN A 144 7.60 -30.62 4.38
C ASN A 144 9.09 -30.34 4.39
N ASN A 145 9.44 -29.10 4.71
CA ASN A 145 10.83 -28.72 4.92
C ASN A 145 11.09 -28.28 6.36
N ILE A 146 11.90 -29.05 7.07
CA ILE A 146 12.20 -28.81 8.48
C ILE A 146 12.76 -27.42 8.73
N ASP A 147 13.44 -26.91 7.72
CA ASP A 147 14.06 -25.59 7.79
C ASP A 147 12.97 -24.51 7.82
N GLY A 148 11.75 -24.90 7.48
CA GLY A 148 10.58 -24.09 7.71
C GLY A 148 10.32 -23.96 9.21
N ILE A 149 11.01 -24.78 10.00
CA ILE A 149 10.90 -24.69 11.46
C ILE A 149 12.11 -24.01 12.14
N ILE A 150 11.85 -23.05 13.04
CA ILE A 150 12.90 -22.43 13.86
C ILE A 150 13.75 -23.48 14.61
N LYS A 151 15.03 -23.15 14.82
CA LYS A 151 15.93 -24.10 15.48
C LYS A 151 15.50 -24.56 16.88
N PRO A 152 14.87 -23.67 17.68
CA PRO A 152 14.45 -24.01 19.04
C PRO A 152 13.27 -24.99 19.14
N LEU A 153 12.39 -25.02 18.15
CA LEU A 153 11.38 -26.07 18.10
C LEU A 153 12.03 -27.40 17.73
N GLN A 154 13.15 -27.33 17.02
CA GLN A 154 13.91 -28.53 16.67
C GLN A 154 14.76 -28.96 17.83
N SER A 155 14.80 -28.16 18.88
CA SER A 155 15.40 -28.64 20.10
C SER A 155 14.43 -29.41 20.98
N ARG A 156 13.42 -28.76 21.58
CA ARG A 156 12.56 -29.55 22.47
C ARG A 156 11.64 -30.58 21.78
N CYS A 157 11.65 -30.56 20.45
CA CYS A 157 10.91 -31.54 19.69
C CYS A 157 11.82 -32.64 19.21
N ARG A 158 11.33 -33.88 19.35
CA ARG A 158 11.97 -34.98 18.67
C ARG A 158 11.54 -34.91 17.22
N VAL A 159 12.53 -34.75 16.35
CA VAL A 159 12.22 -34.69 14.95
C VAL A 159 12.54 -36.05 14.37
N ILE A 160 11.48 -36.79 14.05
CA ILE A 160 11.59 -38.02 13.27
C ILE A 160 11.33 -37.80 11.79
N THR A 161 12.26 -38.26 10.98
CA THR A 161 12.22 -38.06 9.54
C THR A 161 11.64 -39.27 8.79
N PHE A 162 10.61 -39.02 7.99
CA PHE A 162 9.96 -40.07 7.21
C PHE A 162 10.84 -40.59 6.08
N GLY A 163 10.25 -41.45 5.28
CA GLY A 163 10.72 -41.72 3.94
C GLY A 163 11.79 -42.78 3.78
N GLN A 164 12.16 -42.99 2.53
CA GLN A 164 13.16 -43.99 2.17
C GLN A 164 12.86 -45.38 2.74
N PRO A 165 11.86 -46.07 2.15
CA PRO A 165 11.64 -47.49 2.45
C PRO A 165 12.71 -48.35 1.79
N THR A 166 13.14 -49.40 2.47
CA THR A 166 14.14 -50.29 1.90
C THR A 166 13.54 -51.03 0.71
N ASP A 167 14.38 -51.55 -0.18
CA ASP A 167 13.89 -52.28 -1.36
C ASP A 167 12.90 -53.35 -0.93
N GLU A 168 13.12 -53.92 0.24
CA GLU A 168 12.18 -54.87 0.86
C GLU A 168 10.84 -54.19 1.09
N ASP A 169 10.89 -53.06 1.80
CA ASP A 169 9.74 -52.20 2.11
C ASP A 169 8.98 -51.71 0.88
N LYS A 170 9.70 -51.15 -0.09
CA LYS A 170 9.12 -50.78 -1.38
C LYS A 170 8.26 -51.95 -1.85
N ILE A 171 8.89 -53.10 -2.05
CA ILE A 171 8.18 -54.27 -2.51
C ILE A 171 6.91 -54.47 -1.70
N GLU A 172 7.03 -54.47 -0.36
CA GLU A 172 5.87 -54.78 0.51
C GLU A 172 4.90 -53.61 0.76
N MET A 173 5.35 -52.38 0.55
CA MET A 173 4.43 -51.23 0.59
C MET A 173 3.59 -51.18 -0.68
N MET A 174 4.24 -51.30 -1.84
CA MET A 174 3.48 -51.30 -3.08
C MET A 174 2.29 -52.21 -2.89
N LYS A 175 2.58 -53.43 -2.43
CA LYS A 175 1.57 -54.48 -2.26
C LYS A 175 0.43 -53.98 -1.41
N GLN A 176 0.74 -53.30 -0.33
CA GLN A 176 -0.29 -52.78 0.54
C GLN A 176 -1.10 -51.64 -0.09
N MET A 177 -0.51 -50.84 -0.96
CA MET A 177 -1.27 -49.77 -1.64
C MET A 177 -2.07 -50.32 -2.82
N ILE A 178 -1.64 -51.46 -3.32
CA ILE A 178 -2.39 -52.12 -4.37
C ILE A 178 -3.62 -52.76 -3.77
N ARG A 179 -3.42 -53.52 -2.69
CA ARG A 179 -4.51 -54.20 -1.97
C ARG A 179 -5.47 -53.19 -1.39
N ARG A 180 -4.91 -52.08 -0.92
CA ARG A 180 -5.66 -50.99 -0.30
C ARG A 180 -6.46 -50.22 -1.35
N LEU A 181 -5.99 -50.25 -2.60
CA LEU A 181 -6.68 -49.59 -3.71
C LEU A 181 -7.89 -50.40 -4.18
N THR A 182 -7.78 -51.72 -4.06
CA THR A 182 -8.89 -52.60 -4.33
C THR A 182 -10.05 -52.32 -3.37
N GLU A 183 -9.79 -52.37 -2.07
CA GLU A 183 -10.85 -52.11 -1.09
C GLU A 183 -11.56 -50.75 -1.28
N ILE A 184 -10.86 -49.66 -1.57
CA ILE A 184 -11.57 -48.40 -1.88
C ILE A 184 -12.56 -48.60 -3.01
N CYS A 185 -12.11 -49.25 -4.07
CA CYS A 185 -12.89 -49.33 -5.29
C CYS A 185 -14.08 -50.24 -5.09
N LYS A 186 -14.01 -51.11 -4.09
CA LYS A 186 -15.11 -52.00 -3.72
C LYS A 186 -16.28 -51.23 -3.10
N HIS A 187 -15.98 -50.34 -2.15
CA HIS A 187 -16.97 -49.42 -1.58
C HIS A 187 -17.50 -48.39 -2.57
N GLU A 188 -16.64 -47.96 -3.49
CA GLU A 188 -16.93 -46.81 -4.35
C GLU A 188 -17.81 -47.19 -5.55
N GLY A 189 -17.84 -48.48 -5.87
CA GLY A 189 -18.56 -48.95 -7.05
C GLY A 189 -17.79 -48.63 -8.33
N ILE A 190 -16.49 -48.35 -8.18
CA ILE A 190 -15.57 -48.20 -9.32
C ILE A 190 -15.11 -49.59 -9.74
N ALA A 191 -14.91 -49.76 -11.04
CA ALA A 191 -14.46 -51.06 -11.56
C ALA A 191 -12.99 -51.08 -11.98
N ILE A 192 -12.33 -52.20 -11.66
CA ILE A 192 -10.95 -52.43 -12.03
C ILE A 192 -10.91 -53.35 -13.24
N ALA A 193 -10.57 -52.79 -14.39
CA ALA A 193 -10.53 -53.57 -15.63
C ALA A 193 -9.25 -54.40 -15.71
N ASP A 194 -8.16 -53.87 -15.17
CA ASP A 194 -6.87 -54.54 -15.21
C ASP A 194 -6.17 -54.38 -13.86
N MET A 195 -5.63 -55.47 -13.31
CA MET A 195 -4.97 -55.38 -12.01
C MET A 195 -3.49 -55.04 -12.14
N LYS A 196 -2.99 -55.08 -13.37
CA LYS A 196 -1.66 -54.59 -13.67
C LYS A 196 -1.68 -53.09 -13.84
N VAL A 197 -2.85 -52.53 -14.19
CA VAL A 197 -3.01 -51.08 -14.30
C VAL A 197 -3.11 -50.41 -12.92
N VAL A 198 -3.52 -51.17 -11.90
CA VAL A 198 -3.53 -50.63 -10.53
C VAL A 198 -2.12 -50.62 -9.92
N ALA A 199 -1.29 -51.57 -10.34
CA ALA A 199 0.11 -51.64 -9.92
C ALA A 199 0.96 -50.86 -10.94
N ALA A 200 0.30 -50.27 -11.92
CA ALA A 200 0.95 -49.31 -12.78
C ALA A 200 0.97 -47.97 -12.06
N LEU A 201 -0.08 -47.69 -11.28
CA LEU A 201 -0.18 -46.45 -10.49
C LEU A 201 0.58 -46.49 -9.15
N VAL A 202 0.65 -47.65 -8.53
CA VAL A 202 1.40 -47.77 -7.30
C VAL A 202 2.91 -47.64 -7.57
N LYS A 203 3.31 -47.87 -8.82
CA LYS A 203 4.71 -47.69 -9.26
C LYS A 203 4.95 -46.27 -9.72
N LYS A 204 4.19 -45.85 -10.73
CA LYS A 204 4.34 -44.58 -11.44
C LYS A 204 4.68 -43.40 -10.51
N ASN A 205 3.77 -43.04 -9.59
CA ASN A 205 4.21 -42.21 -8.46
C ASN A 205 4.25 -43.10 -7.23
N PHE A 206 5.44 -43.65 -6.91
CA PHE A 206 5.55 -44.55 -5.75
C PHE A 206 5.57 -43.89 -4.39
N PRO A 207 6.46 -42.91 -4.21
CA PRO A 207 6.47 -42.34 -2.86
C PRO A 207 5.05 -41.89 -2.50
N ASP A 208 4.39 -41.26 -3.46
CA ASP A 208 3.36 -40.30 -3.16
C ASP A 208 2.07 -41.05 -2.96
N PHE A 209 1.67 -41.23 -1.71
CA PHE A 209 0.48 -42.01 -1.37
C PHE A 209 -0.79 -41.17 -1.44
N ARG A 210 -0.64 -39.85 -1.32
CA ARG A 210 -1.79 -38.95 -1.39
C ARG A 210 -2.19 -38.66 -2.84
N LYS A 211 -1.16 -38.52 -3.69
CA LYS A 211 -1.31 -38.27 -5.13
C LYS A 211 -2.03 -39.40 -5.83
N THR A 212 -1.72 -40.63 -5.45
CA THR A 212 -2.34 -41.77 -6.07
C THR A 212 -3.90 -41.75 -5.94
N ILE A 213 -4.43 -41.19 -4.85
CA ILE A 213 -5.88 -41.17 -4.60
C ILE A 213 -6.71 -40.04 -5.29
N GLY A 214 -6.08 -38.93 -5.62
CA GLY A 214 -6.76 -37.86 -6.35
C GLY A 214 -6.95 -38.25 -7.80
N GLU A 215 -5.92 -38.90 -8.37
CA GLU A 215 -5.98 -39.36 -9.73
C GLU A 215 -7.10 -40.36 -9.90
N LEU A 216 -7.24 -41.23 -8.90
CA LEU A 216 -8.31 -42.22 -8.88
C LEU A 216 -9.72 -41.62 -8.93
N ASP A 217 -9.94 -40.53 -8.19
CA ASP A 217 -11.21 -39.83 -8.26
C ASP A 217 -11.42 -39.32 -9.68
N SER A 218 -10.38 -38.69 -10.22
CA SER A 218 -10.43 -38.16 -11.56
C SER A 218 -10.97 -39.15 -12.61
N TYR A 219 -10.53 -40.40 -12.53
CA TYR A 219 -10.77 -41.38 -13.60
C TYR A 219 -12.10 -42.13 -13.54
N SER A 220 -12.82 -42.00 -12.43
CA SER A 220 -14.06 -42.74 -12.19
C SER A 220 -15.21 -42.01 -12.89
N SER A 221 -14.84 -41.03 -13.72
CA SER A 221 -15.82 -40.23 -14.45
C SER A 221 -16.85 -41.20 -15.00
N LYS A 222 -16.38 -42.25 -15.64
CA LYS A 222 -17.22 -43.31 -16.19
C LYS A 222 -17.33 -44.54 -15.28
N GLY A 223 -17.03 -44.36 -14.00
CA GLY A 223 -17.04 -45.41 -13.00
C GLY A 223 -16.28 -46.65 -13.42
N VAL A 224 -15.07 -46.43 -13.99
CA VAL A 224 -14.03 -47.47 -14.34
C VAL A 224 -12.53 -46.99 -14.54
N LEU A 225 -11.57 -47.89 -14.28
CA LEU A 225 -10.09 -47.66 -14.40
C LEU A 225 -9.38 -48.07 -15.72
N ASP A 226 -8.61 -47.17 -16.30
CA ASP A 226 -7.90 -47.44 -17.55
C ASP A 226 -6.41 -47.05 -17.51
N ALA A 239 1.38 -24.58 -11.80
CA ALA A 239 2.38 -25.45 -12.40
C ALA A 239 3.18 -24.81 -13.54
N ILE A 240 4.49 -24.71 -13.31
CA ILE A 240 5.42 -24.23 -14.32
C ILE A 240 5.82 -25.38 -15.24
N ASP A 241 5.23 -26.55 -15.00
CA ASP A 241 5.64 -27.77 -15.70
C ASP A 241 5.74 -27.63 -17.22
N ASP A 242 4.71 -27.05 -17.84
CA ASP A 242 4.68 -26.92 -19.31
C ASP A 242 5.95 -26.26 -19.88
N VAL A 243 6.40 -25.18 -19.24
CA VAL A 243 7.64 -24.51 -19.63
C VAL A 243 8.88 -25.32 -19.27
N LEU A 244 8.97 -25.78 -18.02
CA LEU A 244 10.12 -26.57 -17.57
C LEU A 244 10.36 -27.75 -18.51
N GLU A 245 9.27 -28.29 -19.04
CA GLU A 245 9.34 -29.45 -19.92
C GLU A 245 9.80 -29.04 -21.31
N SER A 246 9.40 -27.84 -21.75
CA SER A 246 9.76 -27.32 -23.07
C SER A 246 11.23 -26.85 -23.15
N LEU A 247 11.81 -26.50 -22.01
CA LEU A 247 13.20 -26.06 -21.96
C LEU A 247 14.13 -27.25 -22.04
N LYS A 248 13.74 -28.35 -21.40
CA LYS A 248 14.47 -29.61 -21.48
C LYS A 248 14.49 -30.03 -22.93
N ASN A 249 13.29 -30.13 -23.53
CA ASN A 249 13.10 -30.51 -24.94
C ASN A 249 13.73 -29.52 -25.89
N LYS A 250 14.13 -28.37 -25.36
CA LYS A 250 14.91 -27.37 -26.09
C LYS A 250 14.22 -26.93 -27.38
N ASP A 251 12.90 -27.07 -27.46
CA ASP A 251 12.26 -26.65 -28.70
C ASP A 251 11.77 -25.21 -28.61
N VAL A 252 11.42 -24.65 -29.75
CA VAL A 252 11.03 -23.25 -29.82
C VAL A 252 9.53 -23.08 -29.93
N LYS A 253 8.92 -23.78 -30.88
CA LYS A 253 7.48 -23.65 -31.10
C LYS A 253 6.71 -23.61 -29.78
N GLN A 254 7.04 -24.52 -28.87
CA GLN A 254 6.40 -24.59 -27.54
C GLN A 254 6.73 -23.37 -26.69
N LEU A 255 8.01 -23.08 -26.56
CA LEU A 255 8.46 -21.94 -25.80
C LEU A 255 7.88 -20.64 -26.33
N ARG A 256 8.03 -20.43 -27.63
CA ARG A 256 7.49 -19.23 -28.28
C ARG A 256 6.02 -19.02 -27.92
N ALA A 257 5.29 -20.13 -27.79
CA ALA A 257 3.87 -20.07 -27.49
C ALA A 257 3.60 -19.84 -26.00
N LEU A 258 4.46 -20.41 -25.16
CA LEU A 258 4.29 -20.31 -23.71
C LEU A 258 4.56 -18.91 -23.18
N ALA A 259 5.43 -18.18 -23.86
CA ALA A 259 5.85 -16.85 -23.40
C ALA A 259 4.68 -15.90 -23.17
N PRO A 260 3.81 -15.73 -24.17
CA PRO A 260 2.72 -14.79 -23.96
C PRO A 260 1.80 -15.18 -22.79
N LYS A 261 1.78 -16.47 -22.44
CA LYS A 261 0.93 -16.94 -21.37
C LYS A 261 1.28 -16.26 -20.06
N TYR A 262 2.58 -16.13 -19.81
CA TYR A 262 3.10 -15.58 -18.56
C TYR A 262 3.49 -14.10 -18.58
N ALA A 263 3.33 -13.45 -19.73
CA ALA A 263 3.59 -12.02 -19.84
C ALA A 263 2.92 -11.25 -18.70
N ALA A 264 1.71 -11.70 -18.35
CA ALA A 264 0.87 -11.03 -17.33
C ALA A 264 1.64 -10.68 -16.05
N ASP A 265 1.97 -11.69 -15.23
CA ASP A 265 2.86 -11.45 -14.10
C ASP A 265 4.19 -12.12 -14.39
N TYR A 266 5.13 -11.27 -14.75
CA TYR A 266 6.48 -11.65 -15.06
C TYR A 266 7.24 -11.76 -13.76
N SER A 267 7.02 -10.77 -12.89
CA SER A 267 7.70 -10.70 -11.61
C SER A 267 7.43 -11.96 -10.80
N TRP A 268 6.20 -12.48 -10.84
CA TRP A 268 5.91 -13.72 -10.13
C TRP A 268 6.54 -14.88 -10.85
N PHE A 269 6.32 -14.97 -12.16
CA PHE A 269 6.74 -16.13 -12.93
C PHE A 269 8.24 -16.33 -12.88
N VAL A 270 8.98 -15.26 -13.11
CA VAL A 270 10.42 -15.36 -13.13
C VAL A 270 10.96 -15.84 -11.80
N GLY A 271 10.24 -15.56 -10.72
CA GLY A 271 10.58 -16.05 -9.40
C GLY A 271 10.40 -17.56 -9.29
N LYS A 272 9.22 -18.04 -9.66
CA LYS A 272 8.94 -19.47 -9.69
C LYS A 272 9.91 -20.24 -10.59
N LEU A 273 10.32 -19.62 -11.69
CA LEU A 273 11.21 -20.27 -12.64
C LEU A 273 12.60 -20.53 -12.08
N ALA A 274 13.27 -19.49 -11.61
CA ALA A 274 14.58 -19.66 -10.99
C ALA A 274 14.48 -20.69 -9.87
N GLU A 275 13.34 -20.73 -9.19
CA GLU A 275 13.15 -21.63 -8.07
C GLU A 275 13.27 -23.07 -8.50
N GLU A 276 12.46 -23.47 -9.48
CA GLU A 276 12.42 -24.87 -9.90
C GLU A 276 13.53 -25.31 -10.88
N ILE A 277 14.09 -24.38 -11.63
CA ILE A 277 15.21 -24.73 -12.48
C ILE A 277 16.49 -24.96 -11.67
N TYR A 278 16.56 -24.37 -10.49
CA TYR A 278 17.75 -24.47 -9.64
C TYR A 278 18.01 -25.91 -9.25
N SER A 279 16.94 -26.62 -8.87
CA SER A 279 17.04 -27.99 -8.41
C SER A 279 17.27 -28.93 -9.57
N ARG A 280 16.58 -28.65 -10.68
CA ARG A 280 16.48 -29.60 -11.79
C ARG A 280 17.66 -29.56 -12.74
N VAL A 281 18.63 -28.68 -12.47
CA VAL A 281 19.74 -28.46 -13.40
C VAL A 281 21.10 -28.64 -12.74
N THR A 282 22.14 -28.77 -13.56
CA THR A 282 23.51 -28.95 -13.07
C THR A 282 24.04 -27.74 -12.32
N PRO A 283 24.89 -27.98 -11.32
CA PRO A 283 25.58 -26.97 -10.50
C PRO A 283 26.25 -25.86 -11.32
N GLN A 284 26.89 -26.21 -12.43
CA GLN A 284 27.51 -25.18 -13.25
C GLN A 284 26.41 -24.33 -13.90
N SER A 285 25.29 -24.97 -14.23
CA SER A 285 24.21 -24.27 -14.89
C SER A 285 23.46 -23.35 -13.94
N ILE A 286 23.69 -23.51 -12.63
CA ILE A 286 23.03 -22.71 -11.62
C ILE A 286 23.63 -21.31 -11.65
N ILE A 287 24.94 -21.27 -11.76
CA ILE A 287 25.65 -20.00 -11.82
C ILE A 287 25.20 -19.25 -13.06
N ARG A 288 24.91 -19.98 -14.12
CA ARG A 288 24.49 -19.35 -15.37
C ARG A 288 23.01 -18.98 -15.37
N MET A 289 22.15 -19.88 -14.92
CA MET A 289 20.73 -19.59 -14.88
C MET A 289 20.47 -18.29 -14.12
N TYR A 290 21.34 -17.94 -13.18
CA TYR A 290 21.15 -16.71 -12.42
C TYR A 290 21.60 -15.49 -13.19
N GLU A 291 22.70 -15.62 -13.91
CA GLU A 291 23.12 -14.51 -14.71
C GLU A 291 22.02 -14.24 -15.76
N ILE A 292 21.51 -15.29 -16.38
CA ILE A 292 20.53 -15.15 -17.46
C ILE A 292 19.24 -14.52 -16.95
N VAL A 293 18.68 -15.11 -15.90
CA VAL A 293 17.42 -14.66 -15.34
C VAL A 293 17.56 -13.32 -14.62
N GLY A 294 18.67 -13.16 -13.92
CA GLY A 294 18.92 -11.91 -13.27
C GLY A 294 18.99 -10.77 -14.26
N GLU A 295 19.75 -10.95 -15.33
CA GLU A 295 19.87 -9.93 -16.36
C GLU A 295 18.50 -9.64 -16.98
N ASN A 296 17.75 -10.68 -17.31
CA ASN A 296 16.43 -10.51 -17.86
C ASN A 296 15.49 -9.73 -16.94
N ASN A 297 15.29 -10.25 -15.74
CA ASN A 297 14.47 -9.58 -14.72
C ASN A 297 14.88 -8.13 -14.60
N GLN A 298 16.18 -7.91 -14.50
CA GLN A 298 16.77 -6.59 -14.37
C GLN A 298 16.26 -5.60 -15.41
N TYR A 299 16.14 -6.07 -16.65
CA TYR A 299 15.79 -5.18 -17.76
C TYR A 299 14.32 -5.20 -18.14
N HIS A 300 13.51 -5.96 -17.39
CA HIS A 300 12.06 -5.90 -17.59
C HIS A 300 11.59 -4.53 -17.12
N GLY A 301 10.75 -3.88 -17.92
CA GLY A 301 10.28 -2.55 -17.55
C GLY A 301 11.03 -1.49 -18.33
N ILE A 302 12.21 -1.86 -18.79
CA ILE A 302 12.83 -1.17 -19.91
C ILE A 302 12.22 -1.69 -21.21
N ALA A 303 12.13 -3.02 -21.28
CA ALA A 303 11.76 -3.73 -22.48
C ALA A 303 10.38 -3.34 -23.01
N ALA A 304 10.35 -2.99 -24.29
CA ALA A 304 9.12 -2.59 -24.96
C ALA A 304 8.08 -3.67 -24.88
N ASN A 305 8.33 -4.76 -25.62
CA ASN A 305 7.41 -5.89 -25.65
C ASN A 305 7.80 -6.95 -24.64
N THR A 306 6.98 -7.09 -23.60
CA THR A 306 7.32 -7.93 -22.46
C THR A 306 7.14 -9.39 -22.83
N GLU A 307 6.22 -9.65 -23.76
CA GLU A 307 5.97 -11.01 -24.23
C GLU A 307 7.20 -11.54 -24.95
N LEU A 308 7.80 -10.69 -25.78
CA LEU A 308 8.99 -11.07 -26.54
C LEU A 308 10.20 -11.19 -25.61
N HIS A 309 10.31 -10.24 -24.70
CA HIS A 309 11.42 -10.20 -23.76
C HIS A 309 11.44 -11.47 -22.95
N LEU A 310 10.27 -12.08 -22.79
CA LEU A 310 10.16 -13.36 -22.09
C LEU A 310 10.59 -14.50 -23.02
N ALA A 311 10.20 -14.41 -24.29
CA ALA A 311 10.70 -15.35 -25.28
C ALA A 311 12.22 -15.33 -25.30
N TYR A 312 12.79 -14.14 -25.27
CA TYR A 312 14.23 -13.99 -25.30
C TYR A 312 14.89 -14.72 -24.14
N LEU A 313 14.20 -14.78 -23.01
CA LEU A 313 14.73 -15.50 -21.86
C LEU A 313 14.72 -16.99 -22.15
N PHE A 314 13.58 -17.51 -22.57
CA PHE A 314 13.43 -18.95 -22.79
C PHE A 314 14.49 -19.58 -23.70
N ILE A 315 14.75 -18.94 -24.85
CA ILE A 315 15.75 -19.45 -25.79
C ILE A 315 17.10 -19.46 -25.10
N GLN A 316 17.44 -18.32 -24.50
CA GLN A 316 18.70 -18.10 -23.83
C GLN A 316 18.96 -19.20 -22.83
N LEU A 317 17.89 -19.60 -22.15
CA LEU A 317 17.91 -20.67 -21.13
C LEU A 317 18.06 -22.06 -21.75
N ALA A 318 17.26 -22.36 -22.76
CA ALA A 318 17.34 -23.69 -23.39
C ALA A 318 18.74 -23.96 -23.92
N CYS A 319 19.37 -22.91 -24.46
CA CYS A 319 20.75 -22.98 -24.98
C CYS A 319 21.77 -23.33 -23.91
N GLU A 320 21.84 -22.51 -22.87
CA GLU A 320 22.86 -22.67 -21.84
C GLU A 320 22.56 -23.65 -20.68
N MET A 321 21.30 -23.99 -20.48
CA MET A 321 20.98 -24.92 -19.40
C MET A 321 21.16 -26.37 -19.83
N GLN A 322 21.75 -27.14 -18.94
CA GLN A 322 21.84 -28.57 -19.16
C GLN A 322 21.63 -29.29 -17.84
N TRP A 323 20.81 -30.35 -17.85
CA TRP A 323 20.49 -31.04 -16.61
C TRP A 323 20.10 -32.52 -16.74
N SER B 5 -32.82 -8.49 -31.14
CA SER B 5 -33.25 -9.53 -32.07
C SER B 5 -32.42 -10.80 -31.87
N MET B 6 -31.52 -11.08 -32.82
CA MET B 6 -30.66 -12.25 -32.77
C MET B 6 -29.48 -11.91 -31.84
N ILE B 7 -29.53 -10.70 -31.29
CA ILE B 7 -28.47 -10.16 -30.45
C ILE B 7 -29.04 -9.50 -29.19
N THR B 8 -28.56 -9.88 -28.01
CA THR B 8 -29.05 -9.24 -26.79
C THR B 8 -28.61 -7.78 -26.67
N VAL B 9 -29.50 -6.89 -26.22
CA VAL B 9 -29.13 -5.48 -26.07
C VAL B 9 -29.47 -4.91 -24.69
N ASN B 10 -28.47 -4.62 -23.86
CA ASN B 10 -28.70 -4.17 -22.48
C ASN B 10 -29.32 -2.80 -22.37
N GLU B 11 -29.20 -2.02 -23.44
CA GLU B 11 -30.12 -0.93 -23.76
C GLU B 11 -30.19 0.17 -22.69
N LYS B 12 -29.60 -0.12 -21.54
CA LYS B 12 -29.41 0.88 -20.50
C LYS B 12 -27.99 1.35 -20.63
N GLU B 13 -27.32 0.85 -21.66
CA GLU B 13 -25.90 1.06 -21.84
C GLU B 13 -25.58 1.67 -23.19
N HIS B 14 -24.84 2.78 -23.17
CA HIS B 14 -24.31 3.34 -24.39
C HIS B 14 -22.99 2.73 -24.79
N ILE B 15 -22.27 2.18 -23.82
CA ILE B 15 -20.87 1.87 -24.07
C ILE B 15 -20.64 0.78 -25.10
N LEU B 16 -21.67 0.06 -25.46
CA LEU B 16 -21.66 -0.68 -26.72
C LEU B 16 -20.81 -1.94 -26.81
N GLU B 17 -19.72 -2.07 -26.06
CA GLU B 17 -19.12 -3.41 -26.03
C GLU B 17 -19.95 -4.09 -24.96
N GLN B 18 -20.56 -3.27 -24.12
CA GLN B 18 -21.44 -3.77 -23.11
C GLN B 18 -22.92 -3.67 -23.38
N LYS B 19 -23.30 -2.87 -24.36
CA LYS B 19 -24.68 -2.80 -24.81
C LYS B 19 -24.97 -4.18 -25.38
N TYR B 20 -23.95 -4.77 -25.99
CA TYR B 20 -24.03 -6.02 -26.74
C TYR B 20 -23.60 -7.33 -26.07
N ARG B 21 -23.41 -7.28 -24.77
CA ARG B 21 -23.09 -8.47 -23.97
C ARG B 21 -24.13 -9.63 -23.99
N PRO B 22 -23.73 -10.79 -24.53
CA PRO B 22 -24.55 -11.99 -24.68
C PRO B 22 -25.18 -12.39 -23.35
N SER B 23 -26.49 -12.60 -23.36
CA SER B 23 -27.25 -13.01 -22.18
C SER B 23 -27.24 -14.53 -21.90
N THR B 24 -27.09 -15.32 -22.95
CA THR B 24 -27.15 -16.76 -22.80
C THR B 24 -25.88 -17.47 -23.23
N ILE B 25 -25.85 -18.78 -23.11
CA ILE B 25 -24.61 -19.49 -23.38
C ILE B 25 -24.48 -19.82 -24.86
N ASP B 26 -25.58 -19.74 -25.60
CA ASP B 26 -25.51 -20.00 -27.05
C ASP B 26 -25.00 -18.77 -27.75
N GLU B 27 -25.50 -17.60 -27.34
CA GLU B 27 -25.11 -16.34 -27.95
C GLU B 27 -23.60 -16.11 -27.76
N CYS B 28 -22.98 -16.90 -26.91
CA CYS B 28 -21.55 -16.81 -26.65
C CYS B 28 -20.74 -17.45 -27.75
N ILE B 29 -19.72 -16.76 -28.23
CA ILE B 29 -18.78 -17.33 -29.18
C ILE B 29 -17.59 -17.95 -28.45
N LEU B 30 -17.52 -19.28 -28.50
CA LEU B 30 -16.50 -20.05 -27.80
C LEU B 30 -16.03 -21.23 -28.65
N PRO B 31 -14.87 -21.80 -28.32
CA PRO B 31 -14.41 -23.06 -28.91
C PRO B 31 -15.49 -24.15 -28.86
N ALA B 32 -15.49 -25.04 -29.84
CA ALA B 32 -16.51 -26.10 -29.93
C ALA B 32 -16.71 -26.90 -28.64
N PHE B 33 -15.62 -27.36 -28.01
CA PHE B 33 -15.70 -28.21 -26.82
C PHE B 33 -16.22 -27.50 -25.57
N ASP B 34 -15.63 -26.35 -25.27
CA ASP B 34 -16.04 -25.54 -24.14
C ASP B 34 -17.48 -25.06 -24.27
N LYS B 35 -17.96 -24.88 -25.49
CA LYS B 35 -19.38 -24.55 -25.62
C LYS B 35 -20.25 -25.75 -25.28
N GLU B 36 -19.84 -26.94 -25.72
CA GLU B 36 -20.62 -28.13 -25.41
C GLU B 36 -20.44 -28.48 -23.95
N THR B 37 -19.24 -28.30 -23.43
CA THR B 37 -19.00 -28.59 -22.02
C THR B 37 -19.84 -27.64 -21.13
N PHE B 38 -20.13 -26.44 -21.64
CA PHE B 38 -21.02 -25.49 -20.95
C PHE B 38 -22.50 -25.77 -21.18
N LYS B 39 -22.81 -26.19 -22.40
CA LYS B 39 -24.16 -26.64 -22.75
C LYS B 39 -24.51 -27.80 -21.84
N SER B 40 -23.52 -28.68 -21.63
CA SER B 40 -23.69 -29.87 -20.83
C SER B 40 -24.07 -29.50 -19.40
N ILE B 41 -23.36 -28.52 -18.86
CA ILE B 41 -23.62 -28.04 -17.52
C ILE B 41 -25.04 -27.50 -17.37
N THR B 42 -25.42 -26.53 -18.19
CA THR B 42 -26.73 -25.92 -18.09
C THR B 42 -27.92 -26.91 -18.23
N SER B 43 -27.71 -28.04 -18.91
CA SER B 43 -28.77 -29.03 -19.12
C SER B 43 -29.07 -29.79 -17.87
N LYS B 44 -28.01 -30.17 -17.16
CA LYS B 44 -28.13 -30.88 -15.91
C LYS B 44 -28.69 -29.98 -14.83
N GLY B 45 -28.40 -28.68 -14.91
CA GLY B 45 -29.05 -27.73 -14.04
C GLY B 45 -28.30 -27.40 -12.76
N LYS B 46 -27.29 -28.20 -12.46
CA LYS B 46 -26.48 -27.95 -11.26
C LYS B 46 -25.05 -27.69 -11.71
N ILE B 47 -24.53 -26.54 -11.35
CA ILE B 47 -23.23 -26.05 -11.85
C ILE B 47 -22.09 -26.42 -10.90
N PRO B 48 -20.99 -26.94 -11.43
CA PRO B 48 -19.83 -27.31 -10.60
C PRO B 48 -19.01 -26.10 -10.27
N HIS B 49 -17.94 -26.25 -9.49
CA HIS B 49 -17.05 -25.11 -9.24
C HIS B 49 -16.12 -24.97 -10.41
N ILE B 50 -16.21 -23.81 -11.05
CA ILE B 50 -15.47 -23.52 -12.28
C ILE B 50 -14.48 -22.36 -12.12
N ILE B 51 -13.35 -22.47 -12.80
CA ILE B 51 -12.49 -21.32 -13.02
C ILE B 51 -12.47 -21.03 -14.51
N LEU B 52 -12.81 -19.82 -14.87
CA LEU B 52 -12.68 -19.37 -16.25
C LEU B 52 -11.55 -18.34 -16.27
N HIS B 53 -10.44 -18.66 -16.94
CA HIS B 53 -9.26 -17.79 -16.93
C HIS B 53 -8.71 -17.50 -18.33
N SER B 54 -8.41 -16.24 -18.61
CA SER B 54 -8.02 -15.87 -19.96
C SER B 54 -6.64 -16.23 -20.57
N PRO B 55 -5.51 -15.68 -20.06
CA PRO B 55 -5.30 -14.43 -19.35
C PRO B 55 -5.75 -13.24 -20.14
N SER B 56 -5.35 -13.16 -21.41
CA SER B 56 -5.71 -12.01 -22.23
C SER B 56 -7.18 -11.63 -22.18
N PRO B 57 -7.48 -10.36 -21.91
CA PRO B 57 -8.84 -9.91 -21.67
C PRO B 57 -9.67 -10.17 -22.88
N GLY B 58 -10.98 -10.13 -22.67
CA GLY B 58 -11.93 -10.05 -23.76
C GLY B 58 -12.47 -11.33 -24.32
N THR B 59 -12.12 -12.48 -23.75
CA THR B 59 -12.52 -13.77 -24.33
C THR B 59 -13.89 -14.39 -23.97
N GLY B 60 -14.65 -13.76 -23.08
CA GLY B 60 -15.93 -14.29 -22.66
C GLY B 60 -16.10 -14.80 -21.23
N LYS B 61 -15.01 -14.80 -20.44
CA LYS B 61 -15.02 -15.28 -19.06
C LYS B 61 -16.21 -14.74 -18.22
N THR B 62 -16.24 -13.44 -17.97
CA THR B 62 -17.30 -12.92 -17.13
C THR B 62 -18.68 -12.88 -17.82
N THR B 63 -18.72 -13.08 -19.14
CA THR B 63 -20.00 -13.20 -19.86
C THR B 63 -20.61 -14.58 -19.72
N VAL B 64 -19.74 -15.57 -19.87
CA VAL B 64 -20.06 -16.96 -19.67
C VAL B 64 -20.51 -17.25 -18.21
N ALA B 65 -19.84 -16.62 -17.24
CA ALA B 65 -20.21 -16.76 -15.83
C ALA B 65 -21.64 -16.32 -15.63
N LYS B 66 -21.94 -15.09 -16.05
CA LYS B 66 -23.31 -14.60 -15.97
C LYS B 66 -24.30 -15.45 -16.77
N ALA B 67 -23.96 -15.80 -18.01
CA ALA B 67 -24.82 -16.68 -18.83
C ALA B 67 -25.17 -18.05 -18.18
N LEU B 68 -24.17 -18.76 -17.63
CA LEU B 68 -24.40 -20.02 -16.96
C LEU B 68 -25.47 -19.84 -15.92
N CYS B 69 -25.49 -18.69 -15.28
CA CYS B 69 -26.44 -18.47 -14.21
C CYS B 69 -27.81 -18.20 -14.79
N HIS B 70 -27.85 -17.33 -15.80
CA HIS B 70 -29.10 -17.03 -16.51
C HIS B 70 -29.74 -18.33 -16.89
N ASP B 71 -28.99 -19.14 -17.64
CA ASP B 71 -29.53 -20.33 -18.28
C ASP B 71 -30.01 -21.35 -17.29
N VAL B 72 -29.48 -21.33 -16.10
CA VAL B 72 -29.88 -22.26 -15.06
C VAL B 72 -30.95 -21.65 -14.15
N ASN B 73 -31.32 -20.40 -14.41
CA ASN B 73 -32.16 -19.64 -13.49
C ASN B 73 -31.58 -19.73 -12.11
N ALA B 74 -30.27 -19.47 -12.02
CA ALA B 74 -29.57 -19.48 -10.74
C ALA B 74 -29.98 -18.29 -9.87
N ASP B 75 -29.73 -18.40 -8.57
CA ASP B 75 -29.86 -17.29 -7.64
C ASP B 75 -28.40 -16.88 -7.45
N MET B 76 -28.04 -15.77 -8.07
CA MET B 76 -26.62 -15.47 -8.34
C MET B 76 -26.12 -14.33 -7.47
N MET B 77 -24.97 -14.52 -6.83
CA MET B 77 -24.34 -13.39 -6.14
C MET B 77 -23.07 -13.00 -6.91
N PHE B 78 -23.14 -11.88 -7.63
CA PHE B 78 -21.98 -11.39 -8.41
C PHE B 78 -21.08 -10.49 -7.54
N VAL B 79 -19.77 -10.73 -7.55
CA VAL B 79 -18.94 -10.15 -6.52
C VAL B 79 -17.60 -9.76 -7.05
N ASN B 80 -17.15 -8.55 -6.72
CA ASN B 80 -15.86 -8.06 -7.20
C ASN B 80 -14.79 -8.77 -6.43
N GLY B 81 -13.96 -9.53 -7.08
CA GLY B 81 -13.00 -10.35 -6.36
C GLY B 81 -12.06 -9.55 -5.50
N SER B 82 -11.76 -8.33 -5.93
CA SER B 82 -10.89 -7.46 -5.17
C SER B 82 -11.50 -7.12 -3.81
N ASP B 83 -12.83 -7.07 -3.74
CA ASP B 83 -13.52 -6.77 -2.50
C ASP B 83 -13.60 -7.97 -1.59
N CYS B 84 -13.19 -9.13 -2.06
CA CYS B 84 -13.30 -10.28 -1.21
C CYS B 84 -12.03 -10.27 -0.43
N LYS B 85 -12.10 -9.68 0.75
CA LYS B 85 -11.03 -9.80 1.73
C LYS B 85 -11.59 -10.89 2.63
N ILE B 86 -10.87 -11.32 3.64
CA ILE B 86 -11.31 -12.54 4.32
C ILE B 86 -12.60 -12.32 5.10
N ASP B 87 -12.72 -11.16 5.74
CA ASP B 87 -13.95 -10.83 6.44
C ASP B 87 -15.22 -10.92 5.59
N PHE B 88 -15.12 -10.61 4.30
CA PHE B 88 -16.28 -10.63 3.42
C PHE B 88 -16.63 -12.08 3.12
N VAL B 89 -15.61 -12.93 3.00
CA VAL B 89 -15.83 -14.34 2.77
C VAL B 89 -16.46 -15.06 3.99
N ARG B 90 -16.05 -14.68 5.21
CA ARG B 90 -16.60 -15.23 6.45
C ARG B 90 -18.02 -14.76 6.69
N GLY B 91 -18.28 -13.54 6.27
CA GLY B 91 -19.50 -12.79 6.47
C GLY B 91 -20.41 -13.14 5.34
N PRO B 92 -20.82 -12.13 4.59
CA PRO B 92 -21.82 -12.25 3.52
C PRO B 92 -21.71 -13.47 2.58
N LEU B 93 -20.52 -13.91 2.14
CA LEU B 93 -20.43 -15.08 1.26
C LEU B 93 -20.82 -16.38 1.96
N THR B 94 -20.31 -16.59 3.17
CA THR B 94 -20.82 -17.63 4.04
C THR B 94 -22.30 -17.48 4.30
N ASN B 95 -22.74 -16.32 4.77
CA ASN B 95 -24.18 -16.15 5.02
C ASN B 95 -25.02 -16.63 3.83
N PHE B 96 -24.48 -16.48 2.62
CA PHE B 96 -25.16 -16.86 1.39
C PHE B 96 -25.04 -18.32 0.98
N ALA B 97 -23.83 -18.88 1.04
CA ALA B 97 -23.63 -20.29 0.70
C ALA B 97 -24.45 -21.17 1.65
N SER B 98 -24.66 -20.69 2.86
CA SER B 98 -25.36 -21.43 3.88
C SER B 98 -26.85 -21.32 3.70
N ALA B 99 -27.35 -20.21 3.20
CA ALA B 99 -28.80 -19.97 3.22
C ALA B 99 -29.58 -20.91 2.31
N ALA B 100 -30.85 -21.08 2.62
CA ALA B 100 -31.63 -22.14 2.04
C ALA B 100 -32.41 -21.69 0.80
N SER B 101 -32.09 -20.56 0.22
CA SER B 101 -32.75 -20.29 -1.06
C SER B 101 -34.23 -20.58 -0.82
N PHE B 102 -34.70 -21.57 -1.54
CA PHE B 102 -36.08 -21.89 -1.48
C PHE B 102 -36.95 -21.60 -2.67
N ASP B 103 -36.55 -20.66 -3.47
CA ASP B 103 -37.27 -20.42 -4.66
C ASP B 103 -37.05 -21.74 -5.39
N GLY B 104 -36.16 -22.57 -4.83
CA GLY B 104 -35.81 -23.84 -5.44
C GLY B 104 -34.79 -23.56 -6.50
N ARG B 105 -34.06 -22.46 -6.28
CA ARG B 105 -33.10 -21.98 -7.25
C ARG B 105 -31.70 -22.33 -6.77
N GLN B 106 -30.91 -22.98 -7.62
CA GLN B 106 -29.51 -23.25 -7.30
C GLN B 106 -28.79 -21.94 -7.03
N LYS B 107 -28.04 -21.89 -5.93
CA LYS B 107 -27.27 -20.69 -5.59
C LYS B 107 -25.89 -20.73 -6.26
N VAL B 108 -25.52 -19.63 -6.92
CA VAL B 108 -24.18 -19.47 -7.50
C VAL B 108 -23.48 -18.17 -7.02
N ILE B 109 -22.28 -18.29 -6.50
CA ILE B 109 -21.50 -17.11 -6.20
C ILE B 109 -20.56 -16.95 -7.39
N VAL B 110 -20.60 -15.78 -8.03
CA VAL B 110 -19.63 -15.47 -9.08
C VAL B 110 -18.63 -14.50 -8.48
N ILE B 111 -17.39 -14.95 -8.33
CA ILE B 111 -16.35 -14.05 -7.87
C ILE B 111 -15.55 -13.65 -9.07
N ASP B 112 -15.74 -12.39 -9.48
CA ASP B 112 -15.10 -11.84 -10.66
C ASP B 112 -13.64 -11.41 -10.40
N GLU B 113 -12.77 -11.62 -11.37
CA GLU B 113 -11.42 -11.13 -11.29
C GLU B 113 -10.79 -11.50 -9.93
N PHE B 114 -10.86 -12.78 -9.60
CA PHE B 114 -10.43 -13.28 -8.30
C PHE B 114 -8.93 -13.63 -8.21
N ASP B 115 -8.16 -13.20 -9.21
CA ASP B 115 -6.75 -13.57 -9.36
C ASP B 115 -5.75 -12.69 -8.62
N ARG B 116 -6.21 -11.84 -7.71
CA ARG B 116 -5.30 -11.02 -6.91
C ARG B 116 -4.37 -11.75 -5.91
N SER B 117 -3.15 -11.22 -5.85
CA SER B 117 -2.05 -11.80 -5.07
C SER B 117 -2.36 -11.96 -3.57
N GLY B 118 -2.97 -10.94 -2.97
CA GLY B 118 -3.05 -10.82 -1.54
C GLY B 118 -4.39 -11.24 -1.05
N LEU B 119 -5.23 -11.69 -1.97
CA LEU B 119 -6.48 -12.29 -1.56
C LEU B 119 -6.20 -13.78 -1.31
N ALA B 120 -4.92 -14.11 -1.28
CA ALA B 120 -4.43 -15.44 -0.94
C ALA B 120 -5.08 -16.03 0.32
N GLU B 121 -5.28 -15.21 1.34
CA GLU B 121 -5.90 -15.70 2.57
C GLU B 121 -7.41 -15.93 2.42
N SER B 122 -8.12 -14.99 1.82
CA SER B 122 -9.51 -15.25 1.47
C SER B 122 -9.62 -16.54 0.66
N GLN B 123 -8.58 -16.84 -0.10
CA GLN B 123 -8.59 -18.02 -0.97
C GLN B 123 -8.48 -19.32 -0.18
N ARG B 124 -7.56 -19.32 0.79
CA ARG B 124 -7.34 -20.45 1.70
C ARG B 124 -8.59 -20.67 2.53
N HIS B 125 -9.35 -19.61 2.74
CA HIS B 125 -10.56 -19.71 3.54
C HIS B 125 -11.72 -20.25 2.73
N LEU B 126 -11.62 -20.17 1.42
CA LEU B 126 -12.65 -20.77 0.56
C LEU B 126 -12.47 -22.29 0.39
N ARG B 127 -11.24 -22.77 0.50
CA ARG B 127 -10.99 -24.17 0.19
C ARG B 127 -11.73 -25.07 1.15
N SER B 128 -11.91 -24.61 2.39
CA SER B 128 -12.79 -25.29 3.35
C SER B 128 -14.26 -24.97 3.03
N PHE B 129 -14.51 -23.70 2.78
CA PHE B 129 -15.86 -23.20 2.57
C PHE B 129 -16.56 -23.78 1.32
N MET B 130 -15.79 -24.11 0.27
CA MET B 130 -16.34 -24.64 -0.99
C MET B 130 -16.88 -26.06 -0.87
N GLU B 131 -16.25 -26.85 -0.02
CA GLU B 131 -16.65 -28.22 0.23
C GLU B 131 -17.80 -28.28 1.21
N ALA B 132 -17.72 -27.42 2.23
CA ALA B 132 -18.71 -27.42 3.29
C ALA B 132 -20.12 -27.26 2.72
N TYR B 133 -20.38 -26.20 1.94
CA TYR B 133 -21.70 -26.17 1.35
C TYR B 133 -21.67 -26.34 -0.16
N SER B 134 -21.18 -27.46 -0.65
CA SER B 134 -21.12 -27.67 -2.10
C SER B 134 -22.44 -28.30 -2.46
N SER B 135 -23.09 -28.84 -1.44
CA SER B 135 -24.44 -29.32 -1.56
C SER B 135 -25.28 -28.13 -2.03
N ASN B 136 -25.20 -27.01 -1.31
CA ASN B 136 -26.10 -25.87 -1.51
C ASN B 136 -25.74 -24.86 -2.53
N CYS B 137 -24.45 -24.57 -2.64
CA CYS B 137 -24.01 -23.42 -3.46
C CYS B 137 -22.67 -23.60 -4.14
N SER B 138 -22.64 -23.27 -5.42
CA SER B 138 -21.49 -23.53 -6.27
C SER B 138 -20.84 -22.22 -6.57
N ILE B 139 -19.54 -22.24 -6.82
CA ILE B 139 -18.76 -21.01 -7.03
C ILE B 139 -18.13 -20.92 -8.42
N ILE B 140 -18.42 -19.84 -9.14
CA ILE B 140 -17.75 -19.55 -10.42
C ILE B 140 -16.72 -18.40 -10.27
N ILE B 141 -15.43 -18.72 -10.45
CA ILE B 141 -14.33 -17.76 -10.35
C ILE B 141 -13.91 -17.30 -11.73
N THR B 142 -13.62 -16.01 -11.88
CA THR B 142 -13.14 -15.49 -13.16
C THR B 142 -11.79 -14.93 -12.86
N ALA B 143 -10.80 -15.13 -13.73
CA ALA B 143 -9.47 -14.60 -13.47
C ALA B 143 -8.75 -14.29 -14.76
N ASN B 144 -7.87 -13.30 -14.76
CA ASN B 144 -6.93 -13.16 -15.88
C ASN B 144 -5.70 -14.02 -15.71
N ASN B 145 -5.17 -14.09 -14.50
CA ASN B 145 -3.96 -14.87 -14.27
C ASN B 145 -4.13 -15.99 -13.24
N ILE B 146 -4.18 -17.22 -13.68
CA ILE B 146 -4.60 -18.31 -12.80
C ILE B 146 -3.61 -18.55 -11.65
N ASP B 147 -2.33 -18.31 -11.85
CA ASP B 147 -1.33 -18.55 -10.79
C ASP B 147 -1.59 -17.75 -9.52
N GLY B 148 -2.47 -16.76 -9.65
CA GLY B 148 -2.85 -15.93 -8.53
C GLY B 148 -3.97 -16.58 -7.75
N ILE B 149 -4.51 -17.67 -8.29
CA ILE B 149 -5.40 -18.52 -7.52
C ILE B 149 -4.63 -19.72 -6.97
N ILE B 150 -4.75 -20.00 -5.69
CA ILE B 150 -3.94 -21.06 -5.08
C ILE B 150 -4.26 -22.44 -5.66
N LYS B 151 -3.29 -23.37 -5.58
CA LYS B 151 -3.49 -24.69 -6.17
C LYS B 151 -4.71 -25.40 -5.60
N PRO B 152 -4.81 -25.46 -4.27
CA PRO B 152 -5.93 -26.12 -3.60
C PRO B 152 -7.27 -25.61 -4.11
N LEU B 153 -7.30 -24.39 -4.64
CA LEU B 153 -8.52 -23.87 -5.25
C LEU B 153 -8.74 -24.36 -6.69
N GLN B 154 -7.68 -24.34 -7.49
CA GLN B 154 -7.75 -24.85 -8.84
C GLN B 154 -8.25 -26.27 -8.71
N SER B 155 -7.63 -26.96 -7.78
CA SER B 155 -7.88 -28.36 -7.58
C SER B 155 -9.33 -28.63 -7.24
N ARG B 156 -10.00 -27.68 -6.64
CA ARG B 156 -11.40 -27.88 -6.31
C ARG B 156 -12.28 -27.43 -7.45
N CYS B 157 -11.68 -26.93 -8.52
CA CYS B 157 -12.50 -26.48 -9.64
C CYS B 157 -12.12 -27.11 -10.97
N ARG B 158 -13.11 -27.14 -11.86
CA ARG B 158 -12.85 -27.46 -13.26
C ARG B 158 -12.22 -26.22 -13.83
N VAL B 159 -11.03 -26.34 -14.38
CA VAL B 159 -10.40 -25.15 -14.91
C VAL B 159 -10.59 -25.14 -16.43
N ILE B 160 -11.48 -24.26 -16.91
CA ILE B 160 -11.66 -24.07 -18.34
C ILE B 160 -10.88 -22.87 -18.83
N THR B 161 -9.99 -23.05 -19.79
CA THR B 161 -9.11 -21.97 -20.18
C THR B 161 -9.47 -21.30 -21.52
N PHE B 162 -9.82 -20.03 -21.45
CA PHE B 162 -10.26 -19.30 -22.63
C PHE B 162 -9.14 -18.91 -23.62
N GLY B 163 -9.53 -18.52 -24.82
CA GLY B 163 -8.61 -17.83 -25.70
C GLY B 163 -7.50 -18.59 -26.40
N GLN B 164 -7.45 -19.91 -26.24
CA GLN B 164 -6.56 -20.69 -27.06
C GLN B 164 -7.35 -21.71 -27.93
N PRO B 165 -8.07 -21.25 -29.00
CA PRO B 165 -8.92 -22.15 -29.81
C PRO B 165 -8.08 -22.97 -30.79
N THR B 166 -8.59 -24.11 -31.26
CA THR B 166 -7.98 -24.82 -32.39
C THR B 166 -8.14 -24.03 -33.69
N ASP B 167 -7.22 -24.21 -34.63
CA ASP B 167 -7.33 -23.50 -35.90
C ASP B 167 -8.70 -23.68 -36.54
N GLU B 168 -9.30 -24.85 -36.36
CA GLU B 168 -10.64 -25.12 -36.90
C GLU B 168 -11.69 -24.29 -36.14
N ASP B 169 -11.59 -24.32 -34.80
CA ASP B 169 -12.40 -23.51 -33.89
C ASP B 169 -12.18 -22.03 -34.07
N LYS B 170 -10.91 -21.62 -34.15
CA LYS B 170 -10.53 -20.22 -34.43
C LYS B 170 -11.22 -19.71 -35.67
N ILE B 171 -11.32 -20.55 -36.69
CA ILE B 171 -11.95 -20.12 -37.92
C ILE B 171 -13.44 -19.90 -37.67
N GLU B 172 -14.09 -20.87 -37.02
CA GLU B 172 -15.55 -20.77 -36.86
C GLU B 172 -15.92 -19.55 -36.04
N MET B 173 -15.08 -19.22 -35.07
CA MET B 173 -15.37 -18.12 -34.17
C MET B 173 -15.25 -16.80 -34.91
N MET B 174 -14.26 -16.72 -35.79
CA MET B 174 -14.08 -15.51 -36.57
C MET B 174 -15.20 -15.32 -37.58
N LYS B 175 -15.81 -16.43 -38.02
CA LYS B 175 -16.99 -16.35 -38.88
C LYS B 175 -18.19 -15.84 -38.07
N GLN B 176 -18.34 -16.37 -36.85
CA GLN B 176 -19.46 -15.96 -36.01
C GLN B 176 -19.30 -14.55 -35.48
N MET B 177 -18.06 -14.13 -35.23
CA MET B 177 -17.85 -12.80 -34.70
C MET B 177 -18.15 -11.77 -35.78
N ILE B 178 -17.70 -12.07 -37.00
CA ILE B 178 -17.97 -11.17 -38.15
C ILE B 178 -19.47 -11.02 -38.33
N ARG B 179 -20.13 -12.16 -38.29
CA ARG B 179 -21.56 -12.21 -38.42
C ARG B 179 -22.22 -11.33 -37.34
N ARG B 180 -21.67 -11.39 -36.13
CA ARG B 180 -22.15 -10.58 -35.00
C ARG B 180 -21.97 -9.09 -35.24
N LEU B 181 -20.74 -8.69 -35.51
CA LEU B 181 -20.41 -7.29 -35.75
C LEU B 181 -21.40 -6.67 -36.73
N THR B 182 -21.75 -7.44 -37.74
CA THR B 182 -22.78 -7.06 -38.68
C THR B 182 -24.09 -6.71 -37.97
N GLU B 183 -24.66 -7.73 -37.34
CA GLU B 183 -25.96 -7.64 -36.68
C GLU B 183 -25.98 -6.47 -35.68
N ILE B 184 -24.81 -6.15 -35.14
CA ILE B 184 -24.66 -5.02 -34.23
C ILE B 184 -24.63 -3.69 -34.94
N CYS B 185 -24.00 -3.66 -36.12
CA CYS B 185 -24.01 -2.48 -36.96
C CYS B 185 -25.45 -2.22 -37.34
N LYS B 186 -26.16 -3.28 -37.74
CA LYS B 186 -27.54 -3.15 -38.21
C LYS B 186 -28.32 -2.30 -37.21
N HIS B 187 -28.23 -2.68 -35.93
CA HIS B 187 -29.03 -2.10 -34.86
C HIS B 187 -28.53 -0.72 -34.42
N GLU B 188 -27.27 -0.43 -34.73
CA GLU B 188 -26.68 0.87 -34.37
C GLU B 188 -26.74 1.90 -35.51
N GLY B 189 -27.27 1.49 -36.65
CA GLY B 189 -27.44 2.39 -37.77
C GLY B 189 -26.14 2.67 -38.49
N ILE B 190 -25.15 1.80 -38.30
CA ILE B 190 -23.86 1.87 -39.01
C ILE B 190 -23.89 1.18 -40.38
N ALA B 191 -23.53 1.93 -41.42
CA ALA B 191 -23.55 1.37 -42.77
C ALA B 191 -22.22 0.70 -43.10
N ILE B 192 -22.28 -0.52 -43.66
CA ILE B 192 -21.08 -1.27 -43.99
C ILE B 192 -20.78 -1.25 -45.49
N ALA B 193 -19.76 -0.47 -45.89
CA ALA B 193 -19.43 -0.29 -47.32
C ALA B 193 -18.64 -1.49 -47.82
N ASP B 194 -17.44 -1.66 -47.27
CA ASP B 194 -16.64 -2.85 -47.52
C ASP B 194 -16.89 -3.78 -46.35
N MET B 195 -16.99 -5.08 -46.63
CA MET B 195 -17.08 -6.06 -45.55
C MET B 195 -15.68 -6.43 -45.09
N LYS B 196 -14.69 -6.11 -45.91
CA LYS B 196 -13.30 -6.40 -45.60
C LYS B 196 -12.82 -5.70 -44.32
N VAL B 197 -13.33 -4.49 -44.05
CA VAL B 197 -12.94 -3.76 -42.87
C VAL B 197 -13.50 -4.40 -41.62
N VAL B 198 -14.60 -5.13 -41.77
CA VAL B 198 -15.24 -5.79 -40.63
C VAL B 198 -14.53 -7.07 -40.23
N ALA B 199 -13.99 -7.79 -41.21
CA ALA B 199 -13.26 -9.02 -40.96
C ALA B 199 -11.87 -8.70 -40.50
N ALA B 200 -11.42 -7.51 -40.83
CA ALA B 200 -10.06 -7.11 -40.48
C ALA B 200 -10.02 -6.77 -39.01
N LEU B 201 -11.14 -6.27 -38.50
CA LEU B 201 -11.31 -6.01 -37.07
C LEU B 201 -11.31 -7.31 -36.28
N VAL B 202 -12.11 -8.27 -36.73
CA VAL B 202 -12.15 -9.59 -36.12
C VAL B 202 -10.80 -10.31 -36.06
N LYS B 203 -10.00 -10.22 -37.13
CA LYS B 203 -8.67 -10.85 -37.20
C LYS B 203 -7.63 -10.04 -36.42
N LYS B 204 -7.76 -8.72 -36.47
CA LYS B 204 -6.69 -7.82 -36.02
C LYS B 204 -6.43 -8.05 -34.56
N ASN B 205 -7.48 -7.91 -33.75
CA ASN B 205 -7.41 -8.30 -32.35
C ASN B 205 -8.39 -9.42 -32.14
N PHE B 206 -7.90 -10.65 -32.33
CA PHE B 206 -8.80 -11.79 -32.28
C PHE B 206 -9.17 -12.32 -30.93
N PRO B 207 -8.16 -12.70 -30.13
CA PRO B 207 -8.59 -13.45 -28.96
C PRO B 207 -9.64 -12.61 -28.28
N ASP B 208 -9.43 -11.29 -28.30
CA ASP B 208 -10.24 -10.37 -27.51
C ASP B 208 -11.42 -9.81 -28.25
N PHE B 209 -12.60 -10.26 -27.85
CA PHE B 209 -13.83 -9.83 -28.48
C PHE B 209 -14.37 -8.55 -27.91
N ARG B 210 -13.69 -8.02 -26.91
CA ARG B 210 -14.10 -6.74 -26.37
C ARG B 210 -13.49 -5.65 -27.24
N LYS B 211 -12.16 -5.63 -27.32
CA LYS B 211 -11.51 -4.61 -28.12
C LYS B 211 -12.08 -4.71 -29.50
N THR B 212 -12.39 -5.93 -29.89
CA THR B 212 -12.81 -6.13 -31.24
C THR B 212 -14.10 -5.34 -31.49
N ILE B 213 -15.03 -5.33 -30.54
CA ILE B 213 -16.23 -4.50 -30.67
C ILE B 213 -15.92 -3.06 -30.30
N GLY B 214 -14.78 -2.84 -29.62
CA GLY B 214 -14.33 -1.51 -29.27
C GLY B 214 -13.76 -0.79 -30.46
N GLU B 215 -12.91 -1.48 -31.22
CA GLU B 215 -12.36 -0.91 -32.45
C GLU B 215 -13.46 -0.48 -33.40
N LEU B 216 -14.45 -1.35 -33.55
CA LEU B 216 -15.63 -1.04 -34.33
C LEU B 216 -16.35 0.25 -33.92
N ASP B 217 -16.50 0.49 -32.62
CA ASP B 217 -17.12 1.74 -32.17
C ASP B 217 -16.23 2.87 -32.62
N SER B 218 -14.93 2.67 -32.49
CA SER B 218 -13.96 3.70 -32.81
C SER B 218 -14.12 4.22 -34.23
N TYR B 219 -14.41 3.32 -35.16
CA TYR B 219 -14.35 3.62 -36.60
C TYR B 219 -15.61 4.16 -37.24
N SER B 220 -16.72 4.10 -36.51
CA SER B 220 -18.02 4.53 -37.00
C SER B 220 -18.11 6.04 -36.90
N SER B 221 -17.00 6.68 -36.56
CA SER B 221 -16.98 8.13 -36.39
C SER B 221 -17.80 8.72 -37.55
N LYS B 222 -17.52 8.26 -38.77
CA LYS B 222 -18.22 8.70 -39.97
C LYS B 222 -19.32 7.75 -40.39
N GLY B 223 -19.75 6.92 -39.46
CA GLY B 223 -20.83 5.97 -39.71
C GLY B 223 -20.71 5.17 -40.99
N VAL B 224 -19.53 4.95 -41.53
CA VAL B 224 -19.53 4.06 -42.68
C VAL B 224 -18.24 3.33 -42.53
N LEU B 225 -18.22 2.07 -42.93
CA LEU B 225 -16.96 1.42 -43.12
C LEU B 225 -16.80 1.27 -44.60
N ASP B 226 -16.04 2.19 -45.18
CA ASP B 226 -15.82 2.22 -46.61
C ASP B 226 -14.41 1.72 -46.81
N ALA B 227 -13.98 1.58 -48.06
CA ALA B 227 -12.62 1.10 -48.28
C ALA B 227 -11.67 2.12 -47.68
N GLY B 228 -12.11 3.37 -47.62
CA GLY B 228 -11.33 4.45 -47.02
C GLY B 228 -11.04 4.22 -45.55
N ILE B 229 -11.97 3.55 -44.87
CA ILE B 229 -11.70 3.04 -43.53
C ILE B 229 -10.99 1.67 -43.52
N LEU B 230 -11.25 0.84 -44.52
CA LEU B 230 -10.49 -0.40 -44.65
C LEU B 230 -9.00 -0.10 -44.78
N SER B 231 -8.67 1.00 -45.47
CA SER B 231 -7.30 1.48 -45.61
C SER B 231 -6.67 1.70 -44.24
N LEU B 232 -7.51 2.08 -43.28
CA LEU B 232 -7.05 2.38 -41.93
C LEU B 232 -6.68 1.13 -41.15
N VAL B 233 -7.53 0.11 -41.21
CA VAL B 233 -7.30 -1.11 -40.44
C VAL B 233 -6.07 -1.90 -40.88
N THR B 234 -5.73 -1.81 -42.16
CA THR B 234 -4.53 -2.47 -42.66
C THR B 234 -3.26 -1.89 -42.05
N ASN B 235 -3.22 -0.57 -41.95
CA ASN B 235 -2.04 0.18 -41.50
C ASN B 235 -1.50 0.00 -40.08
N ASP B 236 -2.38 -0.07 -39.08
CA ASP B 236 -1.92 -0.08 -37.69
C ASP B 236 -1.07 -1.29 -37.32
N ARG B 237 -1.49 -2.48 -37.74
CA ARG B 237 -0.72 -3.70 -37.51
C ARG B 237 -0.23 -4.20 -38.86
N GLY B 238 -0.36 -3.34 -39.87
CA GLY B 238 -0.13 -3.70 -41.24
C GLY B 238 1.17 -4.33 -41.69
N ALA B 239 1.25 -4.46 -43.01
CA ALA B 239 2.25 -5.27 -43.65
C ALA B 239 3.68 -4.92 -43.29
N ILE B 240 4.39 -5.92 -42.76
CA ILE B 240 5.83 -5.82 -42.53
C ILE B 240 6.63 -6.16 -43.80
N ASP B 241 5.92 -6.43 -44.89
CA ASP B 241 6.53 -6.91 -46.12
C ASP B 241 7.72 -6.07 -46.58
N ASP B 242 7.60 -4.75 -46.57
CA ASP B 242 8.68 -3.87 -47.06
C ASP B 242 10.04 -4.15 -46.38
N VAL B 243 10.01 -4.31 -45.06
CA VAL B 243 11.21 -4.67 -44.29
C VAL B 243 11.66 -6.11 -44.52
N LEU B 244 10.73 -7.05 -44.39
CA LEU B 244 11.01 -8.47 -44.62
C LEU B 244 11.69 -8.69 -45.97
N GLU B 245 11.28 -7.90 -46.95
CA GLU B 245 11.85 -7.99 -48.28
C GLU B 245 13.27 -7.40 -48.34
N SER B 246 13.48 -6.31 -47.59
CA SER B 246 14.78 -5.62 -47.60
C SER B 246 15.86 -6.39 -46.82
N LEU B 247 15.42 -7.24 -45.89
CA LEU B 247 16.32 -8.07 -45.10
C LEU B 247 16.84 -9.24 -45.92
N LYS B 248 15.94 -9.81 -46.74
CA LYS B 248 16.32 -10.85 -47.69
C LYS B 248 17.35 -10.27 -48.62
N ASN B 249 17.01 -9.15 -49.26
CA ASN B 249 17.89 -8.47 -50.22
C ASN B 249 19.17 -7.95 -49.57
N LYS B 250 19.20 -7.98 -48.24
CA LYS B 250 20.40 -7.66 -47.48
C LYS B 250 20.95 -6.28 -47.79
N ASP B 251 20.12 -5.36 -48.29
CA ASP B 251 20.66 -4.04 -48.57
C ASP B 251 20.47 -3.10 -47.40
N VAL B 252 21.15 -1.96 -47.45
CA VAL B 252 21.14 -1.01 -46.35
C VAL B 252 20.25 0.18 -46.67
N LYS B 253 20.48 0.80 -47.82
CA LYS B 253 19.74 2.00 -48.19
C LYS B 253 18.26 1.83 -47.83
N GLN B 254 17.67 0.68 -48.19
CA GLN B 254 16.25 0.42 -47.91
C GLN B 254 16.00 0.30 -46.43
N LEU B 255 16.81 -0.50 -45.75
CA LEU B 255 16.69 -0.71 -44.32
C LEU B 255 16.87 0.58 -43.53
N ARG B 256 17.98 1.26 -43.79
CA ARG B 256 18.27 2.54 -43.16
C ARG B 256 17.05 3.48 -43.24
N ALA B 257 16.35 3.44 -44.37
CA ALA B 257 15.18 4.31 -44.58
C ALA B 257 13.94 3.78 -43.88
N LEU B 258 13.79 2.46 -43.82
CA LEU B 258 12.61 1.84 -43.21
C LEU B 258 12.58 2.00 -41.68
N ALA B 259 13.77 2.11 -41.07
CA ALA B 259 13.87 2.20 -39.63
C ALA B 259 13.04 3.34 -39.02
N PRO B 260 13.25 4.58 -39.51
CA PRO B 260 12.49 5.69 -38.91
C PRO B 260 10.98 5.55 -39.07
N LYS B 261 10.54 4.75 -40.05
CA LYS B 261 9.11 4.52 -40.24
C LYS B 261 8.48 3.89 -39.01
N TYR B 262 9.16 2.89 -38.45
CA TYR B 262 8.64 2.12 -37.33
C TYR B 262 9.13 2.56 -35.96
N ALA B 263 9.94 3.61 -35.90
CA ALA B 263 10.38 4.15 -34.62
C ALA B 263 9.20 4.36 -33.67
N ALA B 264 8.08 4.80 -34.24
CA ALA B 264 6.88 5.17 -33.47
C ALA B 264 6.52 4.10 -32.45
N ASP B 265 5.98 2.97 -32.93
CA ASP B 265 5.76 1.85 -32.03
C ASP B 265 6.75 0.74 -32.34
N TYR B 266 7.76 0.67 -31.47
CA TYR B 266 8.82 -0.29 -31.53
C TYR B 266 8.34 -1.58 -30.88
N SER B 267 7.65 -1.41 -29.75
CA SER B 267 7.15 -2.54 -28.97
C SER B 267 6.18 -3.39 -29.79
N TRP B 268 5.36 -2.76 -30.62
CA TRP B 268 4.47 -3.53 -31.49
C TRP B 268 5.25 -4.12 -32.64
N PHE B 269 6.08 -3.31 -33.30
CA PHE B 269 6.78 -3.74 -34.52
C PHE B 269 7.68 -4.92 -34.24
N VAL B 270 8.49 -4.81 -33.21
CA VAL B 270 9.47 -5.84 -32.92
C VAL B 270 8.78 -7.16 -32.68
N GLY B 271 7.53 -7.10 -32.22
CA GLY B 271 6.74 -8.29 -32.00
C GLY B 271 6.33 -8.90 -33.33
N LYS B 272 5.79 -8.08 -34.23
CA LYS B 272 5.40 -8.54 -35.56
C LYS B 272 6.59 -9.10 -36.33
N LEU B 273 7.75 -8.49 -36.13
CA LEU B 273 8.94 -8.91 -36.84
C LEU B 273 9.35 -10.33 -36.45
N ALA B 274 9.61 -10.55 -35.18
CA ALA B 274 9.98 -11.88 -34.72
C ALA B 274 8.94 -12.90 -35.18
N GLU B 275 7.70 -12.47 -35.26
CA GLU B 275 6.62 -13.38 -35.63
C GLU B 275 6.81 -13.92 -37.05
N GLU B 276 6.97 -13.01 -38.02
CA GLU B 276 7.05 -13.43 -39.43
C GLU B 276 8.45 -13.87 -39.91
N ILE B 277 9.50 -13.45 -39.22
CA ILE B 277 10.84 -13.92 -39.56
C ILE B 277 11.04 -15.36 -39.10
N TYR B 278 10.29 -15.76 -38.08
CA TYR B 278 10.38 -17.10 -37.50
C TYR B 278 10.05 -18.20 -38.52
N SER B 279 8.98 -17.98 -39.28
CA SER B 279 8.55 -18.95 -40.28
C SER B 279 9.44 -18.90 -41.53
N ARG B 280 9.82 -17.69 -41.91
CA ARG B 280 10.45 -17.48 -43.21
C ARG B 280 11.96 -17.78 -43.21
N VAL B 281 12.52 -18.16 -42.06
CA VAL B 281 13.96 -18.34 -41.96
C VAL B 281 14.33 -19.74 -41.49
N THR B 282 15.61 -20.10 -41.64
CA THR B 282 16.12 -21.41 -41.23
C THR B 282 16.05 -21.61 -39.72
N PRO B 283 15.82 -22.88 -39.29
CA PRO B 283 15.82 -23.31 -37.88
C PRO B 283 17.03 -22.82 -37.08
N GLN B 284 18.22 -22.84 -37.67
CA GLN B 284 19.37 -22.38 -36.93
C GLN B 284 19.26 -20.86 -36.72
N SER B 285 18.68 -20.18 -37.71
CA SER B 285 18.57 -18.74 -37.67
C SER B 285 17.46 -18.29 -36.72
N ILE B 286 16.63 -19.24 -36.29
CA ILE B 286 15.57 -18.93 -35.34
C ILE B 286 16.17 -18.69 -33.95
N ILE B 287 17.08 -19.57 -33.55
CA ILE B 287 17.81 -19.41 -32.29
C ILE B 287 18.54 -18.07 -32.28
N ARG B 288 19.06 -17.66 -33.44
CA ARG B 288 19.79 -16.40 -33.53
C ARG B 288 18.88 -15.17 -33.63
N MET B 289 17.82 -15.27 -34.43
CA MET B 289 16.90 -14.15 -34.55
C MET B 289 16.37 -13.76 -33.17
N TYR B 290 16.27 -14.72 -32.25
CA TYR B 290 15.79 -14.41 -30.92
C TYR B 290 16.86 -13.72 -30.08
N GLU B 291 18.10 -14.18 -30.17
CA GLU B 291 19.13 -13.52 -29.42
C GLU B 291 19.22 -12.07 -29.87
N ILE B 292 19.18 -11.86 -31.19
CA ILE B 292 19.34 -10.53 -31.75
C ILE B 292 18.19 -9.61 -31.35
N VAL B 293 16.98 -10.06 -31.61
CA VAL B 293 15.81 -9.24 -31.35
C VAL B 293 15.60 -9.10 -29.86
N GLY B 294 15.84 -10.17 -29.12
CA GLY B 294 15.65 -10.15 -27.68
C GLY B 294 16.57 -9.11 -27.08
N GLU B 295 17.82 -9.13 -27.51
CA GLU B 295 18.83 -8.21 -27.00
C GLU B 295 18.48 -6.77 -27.35
N ASN B 296 18.02 -6.59 -28.59
CA ASN B 296 17.59 -5.28 -28.99
C ASN B 296 16.41 -4.77 -28.17
N ASN B 297 15.32 -5.54 -28.15
CA ASN B 297 14.10 -5.19 -27.41
C ASN B 297 14.45 -4.84 -25.98
N GLN B 298 15.26 -5.70 -25.40
CA GLN B 298 15.75 -5.55 -24.03
C GLN B 298 16.35 -4.18 -23.72
N TYR B 299 17.11 -3.63 -24.66
CA TYR B 299 17.81 -2.37 -24.44
C TYR B 299 17.12 -1.12 -25.00
N HIS B 300 15.97 -1.29 -25.64
CA HIS B 300 15.15 -0.15 -26.04
C HIS B 300 14.68 0.57 -24.80
N GLY B 301 14.80 1.89 -24.76
CA GLY B 301 14.39 2.61 -23.58
C GLY B 301 15.60 2.97 -22.75
N ILE B 302 16.69 2.23 -22.95
CA ILE B 302 18.00 2.72 -22.60
C ILE B 302 18.49 3.59 -23.76
N ALA B 303 18.29 3.09 -24.97
CA ALA B 303 18.85 3.67 -26.18
C ALA B 303 18.39 5.10 -26.42
N ALA B 304 19.37 5.99 -26.61
CA ALA B 304 19.11 7.40 -26.91
C ALA B 304 18.23 7.56 -28.14
N ASN B 305 18.79 7.25 -29.30
CA ASN B 305 18.06 7.41 -30.55
C ASN B 305 17.42 6.09 -30.93
N THR B 306 16.09 6.04 -30.85
CA THR B 306 15.33 4.83 -31.08
C THR B 306 15.32 4.47 -32.55
N GLU B 307 15.33 5.49 -33.40
CA GLU B 307 15.36 5.29 -34.85
C GLU B 307 16.65 4.58 -35.28
N LEU B 308 17.77 4.99 -34.70
CA LEU B 308 19.05 4.38 -35.01
C LEU B 308 19.12 2.99 -34.41
N HIS B 309 18.66 2.85 -33.16
CA HIS B 309 18.70 1.58 -32.45
C HIS B 309 17.95 0.51 -33.23
N LEU B 310 16.97 0.96 -33.99
CA LEU B 310 16.20 0.09 -34.88
C LEU B 310 17.01 -0.25 -36.13
N ALA B 311 17.71 0.76 -36.66
CA ALA B 311 18.67 0.55 -37.74
C ALA B 311 19.68 -0.51 -37.33
N TYR B 312 20.23 -0.38 -36.12
CA TYR B 312 21.21 -1.33 -35.62
C TYR B 312 20.67 -2.76 -35.61
N LEU B 313 19.38 -2.92 -35.35
CA LEU B 313 18.75 -4.24 -35.39
C LEU B 313 18.79 -4.80 -36.83
N PHE B 314 18.27 -4.01 -37.77
CA PHE B 314 18.12 -4.43 -39.16
C PHE B 314 19.39 -5.00 -39.80
N ILE B 315 20.51 -4.28 -39.63
CA ILE B 315 21.79 -4.72 -40.18
C ILE B 315 22.20 -6.03 -39.53
N GLN B 316 22.10 -6.05 -38.21
CA GLN B 316 22.44 -7.21 -37.41
C GLN B 316 21.71 -8.43 -37.94
N LEU B 317 20.44 -8.24 -38.27
CA LEU B 317 19.58 -9.31 -38.78
C LEU B 317 19.93 -9.75 -40.19
N ALA B 318 20.09 -8.79 -41.11
CA ALA B 318 20.48 -9.11 -42.50
C ALA B 318 21.78 -9.91 -42.59
N CYS B 319 22.73 -9.58 -41.71
CA CYS B 319 23.99 -10.30 -41.62
C CYS B 319 23.80 -11.77 -41.23
N GLU B 320 23.16 -12.00 -40.07
CA GLU B 320 23.08 -13.35 -39.49
C GLU B 320 21.89 -14.22 -39.94
N MET B 321 20.87 -13.61 -40.54
CA MET B 321 19.71 -14.38 -40.99
C MET B 321 19.93 -14.98 -42.36
N GLN B 322 19.56 -16.25 -42.51
CA GLN B 322 19.61 -16.90 -43.83
C GLN B 322 18.36 -17.67 -44.25
N TRP B 323 17.87 -17.33 -45.44
CA TRP B 323 16.74 -18.00 -46.09
C TRP B 323 16.61 -17.62 -47.56
N SER C 5 -10.69 36.95 -29.07
CA SER C 5 -11.96 36.31 -29.41
C SER C 5 -12.09 34.89 -28.86
N MET C 6 -11.50 33.94 -29.58
CA MET C 6 -11.64 32.50 -29.30
C MET C 6 -10.82 31.96 -28.12
N ILE C 7 -9.52 32.26 -28.13
CA ILE C 7 -8.56 31.64 -27.21
C ILE C 7 -8.97 31.71 -25.70
N THR C 8 -8.74 30.61 -24.97
CA THR C 8 -9.21 30.43 -23.60
C THR C 8 -8.22 30.85 -22.52
N VAL C 9 -8.52 31.91 -21.78
CA VAL C 9 -7.54 32.42 -20.82
C VAL C 9 -8.07 32.27 -19.40
N ASN C 10 -7.46 31.37 -18.65
CA ASN C 10 -7.93 31.04 -17.31
C ASN C 10 -7.75 32.17 -16.31
N GLU C 11 -6.75 33.01 -16.55
CA GLU C 11 -6.74 34.37 -16.00
C GLU C 11 -6.60 34.42 -14.49
N LYS C 12 -6.73 33.28 -13.83
CA LYS C 12 -6.40 33.17 -12.41
C LYS C 12 -4.99 32.64 -12.34
N GLU C 13 -4.37 32.51 -13.50
CA GLU C 13 -3.07 31.85 -13.63
C GLU C 13 -2.02 32.72 -14.29
N HIS C 14 -0.88 32.91 -13.64
CA HIS C 14 0.23 33.60 -14.29
C HIS C 14 1.09 32.67 -15.10
N ILE C 15 1.06 31.39 -14.78
CA ILE C 15 2.10 30.48 -15.30
C ILE C 15 2.06 30.29 -16.80
N LEU C 16 0.97 30.66 -17.43
CA LEU C 16 0.96 30.94 -18.86
C LEU C 16 0.97 29.74 -19.81
N GLU C 17 1.55 28.61 -19.44
CA GLU C 17 1.35 27.47 -20.30
C GLU C 17 0.01 27.02 -19.84
N GLN C 18 -0.31 27.37 -18.60
CA GLN C 18 -1.64 27.08 -18.09
C GLN C 18 -2.70 28.18 -18.10
N LYS C 19 -2.26 29.42 -18.26
CA LYS C 19 -3.19 30.53 -18.48
C LYS C 19 -3.93 30.21 -19.77
N TYR C 20 -3.19 29.58 -20.68
CA TYR C 20 -3.65 29.34 -22.05
C TYR C 20 -4.19 27.97 -22.41
N ARG C 21 -4.48 27.16 -21.40
CA ARG C 21 -5.08 25.83 -21.56
C ARG C 21 -6.47 25.81 -22.20
N PRO C 22 -6.59 25.12 -23.35
CA PRO C 22 -7.80 25.08 -24.18
C PRO C 22 -8.99 24.50 -23.39
N SER C 23 -10.12 25.21 -23.39
CA SER C 23 -11.28 24.76 -22.64
C SER C 23 -12.17 23.79 -23.39
N THR C 24 -12.06 23.77 -24.72
CA THR C 24 -12.91 22.91 -25.55
C THR C 24 -12.12 21.95 -26.45
N ILE C 25 -12.81 21.12 -27.20
CA ILE C 25 -12.14 20.09 -27.97
C ILE C 25 -11.73 20.64 -29.32
N ASP C 26 -12.34 21.76 -29.72
CA ASP C 26 -11.96 22.35 -31.00
C ASP C 26 -10.69 23.12 -30.80
N GLU C 27 -10.60 23.88 -29.71
CA GLU C 27 -9.44 24.68 -29.39
C GLU C 27 -8.21 23.79 -29.27
N CYS C 28 -8.44 22.49 -29.15
CA CYS C 28 -7.36 21.53 -29.04
C CYS C 28 -6.62 21.26 -30.34
N ILE C 29 -5.31 21.31 -30.30
CA ILE C 29 -4.54 20.97 -31.49
C ILE C 29 -4.17 19.48 -31.50
N LEU C 30 -4.81 18.73 -32.38
CA LEU C 30 -4.60 17.29 -32.44
C LEU C 30 -4.56 16.77 -33.88
N PRO C 31 -4.07 15.53 -34.07
CA PRO C 31 -4.15 14.86 -35.37
C PRO C 31 -5.57 14.86 -35.93
N ALA C 32 -5.71 14.84 -37.25
CA ALA C 32 -7.02 14.93 -37.90
C ALA C 32 -8.03 13.89 -37.41
N PHE C 33 -7.62 12.64 -37.33
CA PHE C 33 -8.54 11.56 -36.96
C PHE C 33 -8.96 11.61 -35.49
N ASP C 34 -7.98 11.65 -34.59
CA ASP C 34 -8.25 11.83 -33.18
C ASP C 34 -9.13 13.04 -32.88
N LYS C 35 -8.97 14.14 -33.60
CA LYS C 35 -9.88 15.26 -33.40
C LYS C 35 -11.32 14.90 -33.77
N GLU C 36 -11.49 14.16 -34.88
CA GLU C 36 -12.83 13.79 -35.36
C GLU C 36 -13.33 12.69 -34.46
N THR C 37 -12.44 11.80 -34.07
CA THR C 37 -12.87 10.72 -33.21
C THR C 37 -13.37 11.29 -31.88
N PHE C 38 -12.82 12.43 -31.46
CA PHE C 38 -13.26 13.12 -30.24
C PHE C 38 -14.49 13.96 -30.49
N LYS C 39 -14.56 14.56 -31.66
CA LYS C 39 -15.72 15.36 -32.04
C LYS C 39 -16.89 14.42 -32.05
N SER C 40 -16.62 13.20 -32.50
CA SER C 40 -17.64 12.16 -32.63
C SER C 40 -18.24 11.81 -31.28
N ILE C 41 -17.36 11.66 -30.30
CA ILE C 41 -17.76 11.34 -28.94
C ILE C 41 -18.63 12.45 -28.39
N THR C 42 -18.16 13.69 -28.43
CA THR C 42 -18.92 14.79 -27.84
C THR C 42 -20.34 14.98 -28.44
N SER C 43 -20.52 14.60 -29.70
CA SER C 43 -21.80 14.80 -30.38
C SER C 43 -22.85 13.87 -29.86
N LYS C 44 -22.44 12.62 -29.62
CA LYS C 44 -23.32 11.58 -29.10
C LYS C 44 -23.69 11.86 -27.64
N GLY C 45 -22.77 12.45 -26.88
CA GLY C 45 -23.12 12.95 -25.57
C GLY C 45 -22.79 11.98 -24.46
N LYS C 46 -22.45 10.76 -24.85
CA LYS C 46 -22.05 9.77 -23.88
C LYS C 46 -20.60 9.30 -24.17
N ILE C 47 -19.73 9.44 -23.17
CA ILE C 47 -18.30 9.16 -23.33
C ILE C 47 -17.91 7.74 -22.94
N PRO C 48 -17.11 7.07 -23.76
CA PRO C 48 -16.69 5.69 -23.48
C PRO C 48 -15.52 5.71 -22.55
N HIS C 49 -15.00 4.56 -22.17
CA HIS C 49 -13.81 4.53 -21.34
C HIS C 49 -12.61 4.75 -22.24
N ILE C 50 -11.86 5.80 -21.95
CA ILE C 50 -10.72 6.16 -22.77
C ILE C 50 -9.39 6.12 -22.02
N ILE C 51 -8.31 5.79 -22.73
CA ILE C 51 -6.98 6.03 -22.22
C ILE C 51 -6.34 6.97 -23.20
N LEU C 52 -5.88 8.11 -22.71
CA LEU C 52 -5.06 9.04 -23.48
C LEU C 52 -3.61 8.95 -22.98
N HIS C 53 -2.67 8.47 -23.81
CA HIS C 53 -1.30 8.24 -23.35
C HIS C 53 -0.26 8.84 -24.29
N SER C 54 0.74 9.54 -23.75
CA SER C 54 1.68 10.25 -24.59
C SER C 54 2.78 9.54 -25.39
N PRO C 55 3.79 8.91 -24.74
CA PRO C 55 4.35 9.10 -23.42
C PRO C 55 4.90 10.50 -23.25
N SER C 56 5.66 10.99 -24.22
CA SER C 56 6.25 12.31 -24.09
C SER C 56 5.25 13.39 -23.67
N PRO C 57 5.59 14.16 -22.64
CA PRO C 57 4.68 15.13 -22.05
C PRO C 57 4.25 16.17 -23.04
N GLY C 58 3.18 16.88 -22.72
CA GLY C 58 2.82 18.07 -23.43
C GLY C 58 1.87 17.95 -24.61
N THR C 59 1.40 16.76 -24.93
CA THR C 59 0.66 16.60 -26.18
C THR C 59 -0.84 16.88 -26.15
N GLY C 60 -1.41 17.17 -24.99
CA GLY C 60 -2.85 17.44 -24.90
C GLY C 60 -3.73 16.46 -24.13
N LYS C 61 -3.17 15.35 -23.65
CA LYS C 61 -3.90 14.31 -22.87
C LYS C 61 -4.80 14.87 -21.78
N THR C 62 -4.23 15.53 -20.77
CA THR C 62 -5.07 16.01 -19.68
C THR C 62 -5.90 17.23 -20.03
N THR C 63 -5.63 17.86 -21.17
CA THR C 63 -6.47 18.98 -21.66
C THR C 63 -7.70 18.45 -22.37
N VAL C 64 -7.47 17.41 -23.17
CA VAL C 64 -8.52 16.74 -23.92
C VAL C 64 -9.50 16.06 -22.96
N ALA C 65 -8.97 15.46 -21.88
CA ALA C 65 -9.81 14.84 -20.86
C ALA C 65 -10.79 15.85 -20.27
N LYS C 66 -10.26 16.96 -19.77
CA LYS C 66 -11.12 18.04 -19.27
C LYS C 66 -12.04 18.57 -20.36
N ALA C 67 -11.53 18.78 -21.58
CA ALA C 67 -12.37 19.30 -22.67
C ALA C 67 -13.56 18.41 -23.00
N LEU C 68 -13.32 17.09 -23.10
CA LEU C 68 -14.38 16.13 -23.39
C LEU C 68 -15.50 16.31 -22.39
N CYS C 69 -15.14 16.62 -21.15
CA CYS C 69 -16.14 16.75 -20.10
C CYS C 69 -16.87 18.07 -20.24
N HIS C 70 -16.10 19.15 -20.48
CA HIS C 70 -16.67 20.46 -20.71
C HIS C 70 -17.74 20.33 -21.76
N ASP C 71 -17.31 19.82 -22.91
CA ASP C 71 -18.16 19.80 -24.11
C ASP C 71 -19.42 18.96 -23.97
N VAL C 72 -19.39 17.98 -23.09
CA VAL C 72 -20.53 17.13 -22.84
C VAL C 72 -21.35 17.63 -21.64
N ASN C 73 -20.88 18.69 -20.99
CA ASN C 73 -21.45 19.16 -19.73
C ASN C 73 -21.45 18.01 -18.75
N ALA C 74 -20.36 17.27 -18.70
CA ALA C 74 -20.25 16.15 -17.79
C ALA C 74 -20.24 16.61 -16.34
N ASP C 75 -20.57 15.68 -15.44
CA ASP C 75 -20.40 15.88 -14.02
C ASP C 75 -19.09 15.12 -13.77
N MET C 76 -18.01 15.87 -13.57
CA MET C 76 -16.64 15.35 -13.68
C MET C 76 -15.95 15.27 -12.33
N MET C 77 -15.33 14.12 -12.04
CA MET C 77 -14.48 14.02 -10.86
C MET C 77 -13.05 13.87 -11.34
N PHE C 78 -12.27 14.96 -11.22
CA PHE C 78 -10.85 14.94 -11.59
C PHE C 78 -10.00 14.43 -10.44
N VAL C 79 -9.07 13.53 -10.72
CA VAL C 79 -8.43 12.80 -9.63
C VAL C 79 -6.99 12.47 -9.88
N ASN C 80 -6.13 12.72 -8.91
CA ASN C 80 -4.71 12.50 -9.12
C ASN C 80 -4.53 11.01 -9.06
N GLY C 81 -4.01 10.42 -10.13
CA GLY C 81 -3.91 8.98 -10.17
C GLY C 81 -3.03 8.38 -9.09
N SER C 82 -2.01 9.13 -8.68
CA SER C 82 -1.13 8.68 -7.63
C SER C 82 -1.88 8.52 -6.29
N ASP C 83 -2.96 9.29 -6.15
CA ASP C 83 -3.76 9.23 -4.94
C ASP C 83 -4.80 8.11 -4.99
N CYS C 84 -4.95 7.47 -6.16
CA CYS C 84 -5.91 6.38 -6.20
C CYS C 84 -5.16 5.18 -5.72
N LYS C 85 -5.26 4.92 -4.44
CA LYS C 85 -4.76 3.70 -3.87
C LYS C 85 -6.09 2.92 -3.88
N ILE C 86 -6.09 1.67 -3.42
CA ILE C 86 -7.30 0.86 -3.61
C ILE C 86 -8.46 1.33 -2.74
N ASP C 87 -8.18 1.70 -1.48
CA ASP C 87 -9.21 2.22 -0.59
C ASP C 87 -9.94 3.41 -1.21
N PHE C 88 -9.25 4.21 -2.01
CA PHE C 88 -9.86 5.42 -2.58
C PHE C 88 -10.82 4.98 -3.66
N VAL C 89 -10.42 3.95 -4.39
CA VAL C 89 -11.28 3.37 -5.44
C VAL C 89 -12.55 2.73 -4.87
N ARG C 90 -12.39 2.01 -3.76
CA ARG C 90 -13.51 1.36 -3.07
C ARG C 90 -14.42 2.39 -2.46
N GLY C 91 -13.85 3.42 -1.82
CA GLY C 91 -14.69 4.45 -1.27
C GLY C 91 -15.19 5.54 -2.18
N PRO C 92 -14.44 6.64 -2.34
CA PRO C 92 -15.01 7.80 -3.04
C PRO C 92 -15.34 7.54 -4.52
N LEU C 93 -14.52 6.79 -5.25
CA LEU C 93 -14.77 6.57 -6.68
C LEU C 93 -16.01 5.72 -6.83
N THR C 94 -16.10 4.65 -6.03
CA THR C 94 -17.31 3.83 -5.97
C THR C 94 -18.50 4.67 -5.54
N ASN C 95 -18.36 5.43 -4.47
CA ASN C 95 -19.48 6.27 -4.03
C ASN C 95 -19.99 7.18 -5.13
N PHE C 96 -19.09 7.59 -6.02
CA PHE C 96 -19.44 8.44 -7.16
C PHE C 96 -20.01 7.70 -8.38
N ALA C 97 -19.33 6.64 -8.84
CA ALA C 97 -19.77 5.85 -9.99
C ALA C 97 -21.18 5.40 -9.77
N SER C 98 -21.51 5.20 -8.50
CA SER C 98 -22.76 4.62 -8.07
C SER C 98 -23.87 5.62 -7.97
N ALA C 99 -23.53 6.84 -7.63
CA ALA C 99 -24.55 7.85 -7.36
C ALA C 99 -25.32 8.29 -8.60
N ALA C 100 -26.51 8.84 -8.41
CA ALA C 100 -27.43 8.87 -9.52
C ALA C 100 -27.48 10.11 -10.38
N SER C 101 -26.87 10.06 -11.57
CA SER C 101 -26.81 11.29 -12.35
C SER C 101 -28.22 11.85 -12.46
N PHE C 102 -28.37 13.02 -11.84
CA PHE C 102 -29.65 13.64 -11.56
C PHE C 102 -29.86 14.90 -12.34
N ASP C 103 -28.85 15.76 -12.29
CA ASP C 103 -28.85 16.97 -13.06
C ASP C 103 -29.15 16.48 -14.48
N GLY C 104 -29.11 15.17 -14.66
CA GLY C 104 -29.24 14.55 -15.96
C GLY C 104 -27.91 14.69 -16.69
N ARG C 105 -26.82 14.79 -15.92
CA ARG C 105 -25.49 14.97 -16.50
C ARG C 105 -24.71 13.69 -16.42
N GLN C 106 -24.16 13.26 -17.54
CA GLN C 106 -23.29 12.09 -17.52
C GLN C 106 -22.10 12.22 -16.57
N LYS C 107 -21.85 11.19 -15.77
CA LYS C 107 -20.73 11.23 -14.82
C LYS C 107 -19.44 10.72 -15.42
N VAL C 108 -18.38 11.51 -15.31
CA VAL C 108 -17.06 11.06 -15.78
C VAL C 108 -16.05 11.17 -14.64
N ILE C 109 -15.30 10.10 -14.42
CA ILE C 109 -14.15 10.14 -13.51
C ILE C 109 -12.87 10.34 -14.35
N VAL C 110 -12.13 11.42 -14.16
CA VAL C 110 -10.87 11.55 -14.85
C VAL C 110 -9.77 11.17 -13.88
N ILE C 111 -9.09 10.07 -14.14
CA ILE C 111 -7.96 9.70 -13.32
C ILE C 111 -6.70 10.09 -14.05
N ASP C 112 -6.06 11.15 -13.57
CA ASP C 112 -4.87 11.72 -14.20
C ASP C 112 -3.60 10.95 -13.87
N GLU C 113 -2.71 10.84 -14.84
CA GLU C 113 -1.40 10.27 -14.59
C GLU C 113 -1.58 8.97 -13.84
N PHE C 114 -2.39 8.07 -14.39
CA PHE C 114 -2.71 6.79 -13.76
C PHE C 114 -1.74 5.66 -14.06
N ASP C 115 -0.60 5.99 -14.61
CA ASP C 115 0.37 5.00 -15.09
C ASP C 115 1.38 4.50 -14.06
N ARG C 116 1.12 4.75 -12.78
CA ARG C 116 2.04 4.24 -11.74
C ARG C 116 2.08 2.72 -11.48
N SER C 117 3.28 2.27 -11.17
CA SER C 117 3.60 0.85 -11.08
C SER C 117 2.81 0.15 -9.97
N GLY C 118 2.68 0.81 -8.85
CA GLY C 118 2.17 0.17 -7.65
C GLY C 118 0.71 0.47 -7.46
N LEU C 119 0.13 1.19 -8.42
CA LEU C 119 -1.31 1.34 -8.45
C LEU C 119 -1.94 0.18 -9.19
N ALA C 120 -1.12 -0.85 -9.44
CA ALA C 120 -1.53 -2.09 -10.07
C ALA C 120 -2.76 -2.71 -9.42
N GLU C 121 -2.82 -2.69 -8.10
CA GLU C 121 -3.95 -3.29 -7.38
C GLU C 121 -5.23 -2.45 -7.50
N SER C 122 -5.13 -1.14 -7.30
CA SER C 122 -6.25 -0.26 -7.58
C SER C 122 -6.72 -0.50 -9.00
N GLN C 123 -5.80 -0.92 -9.88
CA GLN C 123 -6.15 -1.09 -11.28
C GLN C 123 -7.02 -2.33 -11.51
N ARG C 124 -6.60 -3.43 -10.89
CA ARG C 124 -7.30 -4.68 -10.92
C ARG C 124 -8.67 -4.56 -10.29
N HIS C 125 -8.78 -3.68 -9.32
CA HIS C 125 -10.07 -3.46 -8.69
C HIS C 125 -10.99 -2.66 -9.58
N LEU C 126 -10.43 -1.93 -10.55
CA LEU C 126 -11.24 -1.09 -11.43
C LEU C 126 -11.85 -1.92 -12.53
N ARG C 127 -11.21 -3.06 -12.82
CA ARG C 127 -11.64 -3.86 -13.99
C ARG C 127 -13.04 -4.43 -13.85
N SER C 128 -13.38 -4.82 -12.63
CA SER C 128 -14.76 -5.12 -12.28
C SER C 128 -15.58 -3.84 -12.21
N PHE C 129 -15.04 -2.83 -11.57
CA PHE C 129 -15.76 -1.59 -11.25
C PHE C 129 -16.22 -0.83 -12.53
N MET C 130 -15.43 -0.94 -13.60
CA MET C 130 -15.68 -0.19 -14.83
C MET C 130 -16.87 -0.73 -15.59
N GLU C 131 -17.09 -2.03 -15.45
CA GLU C 131 -18.21 -2.71 -16.10
C GLU C 131 -19.47 -2.55 -15.28
N ALA C 132 -19.31 -2.63 -13.97
CA ALA C 132 -20.44 -2.67 -13.09
C ALA C 132 -21.27 -1.41 -13.28
N TYR C 133 -20.60 -0.26 -13.21
CA TYR C 133 -21.26 1.03 -13.38
C TYR C 133 -21.18 1.68 -14.75
N SER C 134 -20.81 0.94 -15.79
CA SER C 134 -20.63 1.55 -17.10
C SER C 134 -21.91 2.17 -17.61
N SER C 135 -23.04 1.69 -17.11
CA SER C 135 -24.32 2.35 -17.38
C SER C 135 -24.26 3.80 -16.93
N ASN C 136 -23.86 4.00 -15.68
CA ASN C 136 -23.90 5.32 -15.05
C ASN C 136 -22.72 6.23 -15.26
N CYS C 137 -21.51 5.67 -15.24
CA CYS C 137 -20.33 6.51 -15.17
C CYS C 137 -19.15 5.95 -15.92
N SER C 138 -18.51 6.82 -16.72
CA SER C 138 -17.45 6.43 -17.62
C SER C 138 -16.19 6.97 -17.02
N ILE C 139 -15.07 6.34 -17.35
CA ILE C 139 -13.74 6.71 -16.86
C ILE C 139 -12.75 7.15 -17.96
N ILE C 140 -12.15 8.32 -17.80
CA ILE C 140 -11.06 8.79 -18.68
C ILE C 140 -9.70 8.71 -17.95
N ILE C 141 -8.79 7.88 -18.45
CA ILE C 141 -7.48 7.72 -17.83
C ILE C 141 -6.43 8.46 -18.63
N THR C 142 -5.50 9.13 -17.97
CA THR C 142 -4.43 9.84 -18.64
C THR C 142 -3.14 9.19 -18.15
N ALA C 143 -2.18 8.94 -19.03
CA ALA C 143 -0.93 8.30 -18.61
C ALA C 143 0.22 8.74 -19.49
N ASN C 144 1.42 8.78 -18.94
CA ASN C 144 2.57 8.89 -19.83
C ASN C 144 3.02 7.55 -20.39
N ASN C 145 2.99 6.52 -19.56
CA ASN C 145 3.51 5.23 -20.00
C ASN C 145 2.48 4.13 -19.88
N ILE C 146 1.97 3.65 -20.99
CA ILE C 146 0.77 2.83 -20.98
C ILE C 146 1.00 1.44 -20.38
N ASP C 147 2.22 0.93 -20.47
CA ASP C 147 2.52 -0.39 -19.90
C ASP C 147 2.29 -0.44 -18.38
N GLY C 148 2.20 0.74 -17.79
CA GLY C 148 1.96 0.86 -16.37
C GLY C 148 0.48 0.75 -16.08
N ILE C 149 -0.32 0.72 -17.15
CA ILE C 149 -1.73 0.32 -17.07
C ILE C 149 -1.92 -1.15 -17.47
N ILE C 150 -2.57 -1.95 -16.63
CA ILE C 150 -2.69 -3.39 -16.86
C ILE C 150 -3.46 -3.65 -18.16
N LYS C 151 -3.21 -4.78 -18.82
CA LYS C 151 -3.90 -5.13 -20.07
C LYS C 151 -5.44 -5.13 -19.96
N PRO C 152 -5.98 -5.85 -18.96
CA PRO C 152 -7.43 -5.90 -18.76
C PRO C 152 -8.05 -4.50 -18.73
N LEU C 153 -7.28 -3.49 -18.34
CA LEU C 153 -7.78 -2.13 -18.33
C LEU C 153 -7.71 -1.45 -19.69
N GLN C 154 -6.61 -1.67 -20.42
CA GLN C 154 -6.46 -1.13 -21.76
C GLN C 154 -7.60 -1.74 -22.54
N SER C 155 -7.81 -3.04 -22.30
CA SER C 155 -8.83 -3.79 -23.03
C SER C 155 -10.24 -3.26 -22.84
N ARG C 156 -10.49 -2.64 -21.69
CA ARG C 156 -11.79 -2.07 -21.39
C ARG C 156 -11.90 -0.66 -21.93
N CYS C 157 -10.79 -0.15 -22.45
CA CYS C 157 -10.75 1.21 -22.98
C CYS C 157 -10.35 1.34 -24.45
N ARG C 158 -10.86 2.41 -25.06
CA ARG C 158 -10.38 2.85 -26.34
C ARG C 158 -9.06 3.50 -26.08
N VAL C 159 -7.98 3.02 -26.69
CA VAL C 159 -6.69 3.61 -26.39
C VAL C 159 -6.34 4.58 -27.51
N ILE C 160 -6.46 5.88 -27.24
CA ILE C 160 -6.02 6.87 -28.20
C ILE C 160 -4.61 7.32 -27.89
N THR C 161 -3.69 7.22 -28.85
CA THR C 161 -2.28 7.51 -28.56
C THR C 161 -1.77 8.85 -29.11
N PHE C 162 -1.42 9.76 -28.22
CA PHE C 162 -0.97 11.10 -28.60
C PHE C 162 0.48 11.21 -29.19
N GLY C 163 0.77 12.34 -29.82
CA GLY C 163 2.13 12.66 -30.16
C GLY C 163 2.84 11.92 -31.28
N GLN C 164 2.15 11.02 -31.98
CA GLN C 164 2.74 10.42 -33.19
C GLN C 164 1.89 10.78 -34.38
N PRO C 165 1.97 12.04 -34.77
CA PRO C 165 1.16 12.44 -35.91
C PRO C 165 1.76 11.93 -37.21
N THR C 166 0.94 11.81 -38.24
CA THR C 166 1.46 11.58 -39.58
C THR C 166 2.13 12.86 -40.06
N ASP C 167 3.10 12.74 -40.98
CA ASP C 167 3.82 13.90 -41.48
C ASP C 167 2.83 14.95 -41.98
N GLU C 168 1.67 14.51 -42.44
CA GLU C 168 0.66 15.44 -42.96
C GLU C 168 0.00 16.14 -41.81
N ASP C 169 -0.31 15.36 -40.77
CA ASP C 169 -0.87 15.85 -39.51
C ASP C 169 0.12 16.71 -38.73
N LYS C 170 1.34 16.20 -38.59
CA LYS C 170 2.45 16.93 -38.01
C LYS C 170 2.56 18.32 -38.62
N ILE C 171 2.40 18.43 -39.93
CA ILE C 171 2.53 19.74 -40.55
C ILE C 171 1.38 20.64 -40.15
N GLU C 172 0.16 20.11 -40.19
CA GLU C 172 -1.00 20.94 -39.88
C GLU C 172 -1.01 21.40 -38.42
N MET C 173 -0.54 20.56 -37.52
CA MET C 173 -0.44 20.93 -36.10
C MET C 173 0.58 22.04 -35.83
N MET C 174 1.70 21.99 -36.56
CA MET C 174 2.74 22.99 -36.43
C MET C 174 2.30 24.31 -37.03
N LYS C 175 1.35 24.25 -37.97
CA LYS C 175 0.77 25.48 -38.49
C LYS C 175 -0.16 26.07 -37.44
N GLN C 176 -0.98 25.22 -36.82
CA GLN C 176 -1.93 25.68 -35.82
C GLN C 176 -1.28 26.10 -34.51
N MET C 177 -0.18 25.45 -34.15
CA MET C 177 0.49 25.84 -32.93
C MET C 177 1.16 27.20 -33.07
N ILE C 178 1.82 27.43 -34.20
CA ILE C 178 2.41 28.74 -34.52
C ILE C 178 1.32 29.79 -34.45
N ARG C 179 0.24 29.56 -35.18
CA ARG C 179 -0.88 30.48 -35.13
C ARG C 179 -1.31 30.79 -33.70
N ARG C 180 -1.31 29.77 -32.86
CA ARG C 180 -1.68 29.92 -31.46
C ARG C 180 -0.71 30.80 -30.70
N LEU C 181 0.58 30.44 -30.75
CA LEU C 181 1.62 31.18 -30.06
C LEU C 181 1.46 32.67 -30.33
N THR C 182 1.16 33.00 -31.58
CA THR C 182 0.83 34.35 -32.00
C THR C 182 -0.29 34.96 -31.16
N GLU C 183 -1.47 34.37 -31.28
CA GLU C 183 -2.66 34.85 -30.61
C GLU C 183 -2.43 34.98 -29.09
N ILE C 184 -1.52 34.15 -28.57
CA ILE C 184 -1.13 34.23 -27.15
C ILE C 184 -0.22 35.39 -26.84
N CYS C 185 0.71 35.68 -27.76
CA CYS C 185 1.59 36.82 -27.64
C CYS C 185 0.72 38.08 -27.69
N LYS C 186 -0.24 38.10 -28.62
CA LYS C 186 -1.12 39.26 -28.77
C LYS C 186 -1.67 39.67 -27.42
N HIS C 187 -2.27 38.70 -26.72
CA HIS C 187 -2.95 38.93 -25.44
C HIS C 187 -1.99 39.19 -24.28
N GLU C 188 -0.74 38.75 -24.41
CA GLU C 188 0.26 38.96 -23.37
C GLU C 188 1.13 40.21 -23.60
N GLY C 189 0.88 40.92 -24.69
CA GLY C 189 1.57 42.16 -24.96
C GLY C 189 2.98 41.95 -25.46
N ILE C 190 3.26 40.74 -25.93
CA ILE C 190 4.57 40.38 -26.48
C ILE C 190 4.66 40.76 -27.96
N ALA C 191 5.65 41.58 -28.32
CA ALA C 191 5.82 41.94 -29.72
C ALA C 191 6.65 40.90 -30.49
N ILE C 192 6.22 40.56 -31.70
CA ILE C 192 6.91 39.58 -32.51
C ILE C 192 7.67 40.23 -33.67
N ALA C 193 9.00 40.29 -33.54
CA ALA C 193 9.87 40.94 -34.55
C ALA C 193 10.08 40.05 -35.76
N ASP C 194 10.75 38.92 -35.54
CA ASP C 194 10.86 37.87 -36.53
C ASP C 194 9.79 36.83 -36.23
N MET C 195 9.15 36.29 -37.26
CA MET C 195 8.20 35.21 -37.05
C MET C 195 8.98 33.90 -37.02
N LYS C 196 10.22 33.94 -37.51
CA LYS C 196 11.09 32.77 -37.57
C LYS C 196 11.39 32.19 -36.19
N VAL C 197 11.51 33.05 -35.20
CA VAL C 197 11.76 32.58 -33.84
C VAL C 197 10.54 31.84 -33.27
N VAL C 198 9.35 32.17 -33.76
CA VAL C 198 8.12 31.56 -33.25
C VAL C 198 7.89 30.18 -33.83
N ALA C 199 8.30 30.00 -35.09
CA ALA C 199 8.17 28.69 -35.72
C ALA C 199 9.30 27.77 -35.25
N ALA C 200 10.39 28.39 -34.81
CA ALA C 200 11.54 27.61 -34.36
C ALA C 200 11.19 26.97 -33.04
N LEU C 201 10.38 27.66 -32.24
CA LEU C 201 9.91 27.13 -30.96
C LEU C 201 8.99 25.95 -31.21
N VAL C 202 8.06 26.12 -32.13
CA VAL C 202 7.14 25.06 -32.47
C VAL C 202 7.85 23.79 -32.95
N LYS C 203 8.91 23.96 -33.75
CA LYS C 203 9.66 22.83 -34.32
C LYS C 203 10.62 22.24 -33.32
N LYS C 204 11.16 23.10 -32.47
CA LYS C 204 12.29 22.72 -31.63
C LYS C 204 11.90 21.64 -30.63
N ASN C 205 10.85 21.90 -29.86
CA ASN C 205 10.25 20.85 -29.07
C ASN C 205 8.83 20.66 -29.54
N PHE C 206 8.66 19.78 -30.52
CA PHE C 206 7.36 19.66 -31.16
C PHE C 206 6.33 18.84 -30.46
N PRO C 207 6.66 17.57 -30.19
CA PRO C 207 5.53 16.77 -29.71
C PRO C 207 4.88 17.54 -28.55
N ASP C 208 5.72 18.17 -27.74
CA ASP C 208 5.31 18.75 -26.48
C ASP C 208 4.89 20.18 -26.65
N PHE C 209 3.59 20.41 -26.54
CA PHE C 209 3.06 21.75 -26.63
C PHE C 209 3.08 22.49 -25.31
N ARG C 210 3.57 21.88 -24.26
CA ARG C 210 3.68 22.62 -23.02
C ARG C 210 5.01 23.34 -23.03
N LYS C 211 6.11 22.59 -23.13
CA LYS C 211 7.41 23.22 -23.17
C LYS C 211 7.39 24.25 -24.25
N THR C 212 6.66 23.96 -25.31
CA THR C 212 6.66 24.84 -26.46
C THR C 212 6.13 26.21 -26.03
N ILE C 213 5.03 26.27 -25.27
CA ILE C 213 4.55 27.55 -24.76
C ILE C 213 5.37 27.98 -23.57
N GLY C 214 6.14 27.04 -23.06
CA GLY C 214 7.00 27.33 -21.95
C GLY C 214 8.23 28.14 -22.36
N GLU C 215 8.89 27.74 -23.45
CA GLU C 215 10.07 28.45 -23.92
C GLU C 215 9.73 29.87 -24.27
N LEU C 216 8.60 30.06 -24.93
CA LEU C 216 8.13 31.40 -25.24
C LEU C 216 7.95 32.32 -24.02
N ASP C 217 7.38 31.80 -22.95
CA ASP C 217 7.26 32.56 -21.72
C ASP C 217 8.66 32.93 -21.27
N SER C 218 9.56 31.95 -21.29
CA SER C 218 10.91 32.14 -20.81
C SER C 218 11.56 33.36 -21.44
N TYR C 219 11.35 33.55 -22.73
CA TYR C 219 12.10 34.54 -23.52
C TYR C 219 11.54 35.97 -23.54
N SER C 220 10.33 36.17 -23.05
CA SER C 220 9.70 37.48 -23.06
C SER C 220 10.22 38.32 -21.90
N SER C 221 11.24 37.78 -21.23
CA SER C 221 11.83 38.48 -20.08
C SER C 221 11.94 39.96 -20.43
N LYS C 222 12.48 40.28 -21.60
CA LYS C 222 12.47 41.65 -21.99
C LYS C 222 11.49 41.80 -23.15
N GLY C 223 10.21 41.76 -22.87
CA GLY C 223 9.23 41.27 -23.83
C GLY C 223 9.11 41.79 -25.25
N VAL C 224 8.17 41.27 -25.99
CA VAL C 224 8.34 41.18 -27.42
C VAL C 224 9.39 40.10 -27.59
N LEU C 225 9.99 40.06 -28.76
CA LEU C 225 10.88 38.99 -29.11
C LEU C 225 11.70 39.51 -30.27
N ASP C 226 12.98 39.22 -30.29
CA ASP C 226 13.76 39.59 -31.47
C ASP C 226 14.36 38.41 -32.24
N ALA C 227 15.03 38.73 -33.34
CA ALA C 227 15.68 37.72 -34.14
C ALA C 227 16.98 37.37 -33.45
N GLY C 228 17.47 38.33 -32.67
CA GLY C 228 18.69 38.14 -31.89
C GLY C 228 18.57 36.91 -31.01
N ILE C 229 17.37 36.69 -30.48
CA ILE C 229 17.13 35.53 -29.62
C ILE C 229 17.03 34.26 -30.47
N LEU C 230 16.65 34.44 -31.72
CA LEU C 230 16.54 33.34 -32.67
C LEU C 230 17.80 32.46 -32.64
N SER C 231 18.97 33.11 -32.56
CA SER C 231 20.24 32.39 -32.47
C SER C 231 20.35 31.66 -31.15
N LEU C 232 19.63 32.17 -30.15
CA LEU C 232 19.59 31.50 -28.86
C LEU C 232 18.74 30.24 -29.04
N VAL C 233 17.63 30.40 -29.76
CA VAL C 233 16.65 29.32 -29.95
C VAL C 233 17.10 28.13 -30.81
N THR C 234 17.44 28.41 -32.07
CA THR C 234 17.82 27.34 -32.99
C THR C 234 19.08 26.62 -32.54
N ASN C 235 20.08 27.36 -32.08
CA ASN C 235 21.34 26.76 -31.66
C ASN C 235 22.10 26.28 -32.88
N ASP C 236 23.08 25.42 -32.68
CA ASP C 236 23.79 24.84 -33.81
C ASP C 236 23.56 23.33 -33.88
N ARG C 237 22.94 22.90 -34.96
CA ARG C 237 22.70 21.47 -35.20
C ARG C 237 23.54 20.99 -36.38
N GLY C 238 24.43 21.87 -36.86
CA GLY C 238 25.21 21.58 -38.05
C GLY C 238 26.65 21.12 -37.88
N ALA C 239 27.27 20.85 -39.02
CA ALA C 239 28.67 20.39 -39.24
C ALA C 239 29.37 19.39 -38.33
N ILE C 240 29.22 18.11 -38.62
CA ILE C 240 29.99 17.07 -37.95
C ILE C 240 31.46 17.02 -38.37
N ASP C 241 31.83 17.89 -39.30
CA ASP C 241 33.17 17.86 -39.90
C ASP C 241 34.35 17.76 -38.92
N ASP C 242 34.33 18.57 -37.86
CA ASP C 242 35.40 18.56 -36.87
C ASP C 242 35.71 17.16 -36.31
N VAL C 243 34.67 16.41 -35.98
CA VAL C 243 34.82 15.03 -35.51
C VAL C 243 35.22 14.07 -36.63
N LEU C 244 34.49 14.11 -37.73
CA LEU C 244 34.76 13.26 -38.88
C LEU C 244 36.23 13.37 -39.29
N GLU C 245 36.77 14.58 -39.15
CA GLU C 245 38.16 14.86 -39.50
C GLU C 245 39.13 14.28 -38.47
N SER C 246 38.73 14.33 -37.20
CA SER C 246 39.58 13.84 -36.11
C SER C 246 39.64 12.31 -36.03
N LEU C 247 38.61 11.66 -36.57
CA LEU C 247 38.54 10.19 -36.59
C LEU C 247 39.43 9.61 -37.68
N LYS C 248 39.51 10.33 -38.81
CA LYS C 248 40.40 10.00 -39.91
C LYS C 248 41.83 10.11 -39.37
N ASN C 249 42.13 11.28 -38.80
CA ASN C 249 43.45 11.57 -38.22
C ASN C 249 43.78 10.68 -37.04
N LYS C 250 42.78 9.95 -36.56
CA LYS C 250 42.93 8.91 -35.53
C LYS C 250 43.58 9.45 -34.26
N ASP C 251 43.50 10.76 -34.03
CA ASP C 251 44.14 11.27 -32.82
C ASP C 251 43.14 11.34 -31.66
N VAL C 252 43.67 11.52 -30.46
CA VAL C 252 42.87 11.49 -29.24
C VAL C 252 42.60 12.89 -28.71
N LYS C 253 43.67 13.66 -28.53
CA LYS C 253 43.54 15.00 -27.96
C LYS C 253 42.31 15.71 -28.57
N GLN C 254 42.18 15.65 -29.89
CA GLN C 254 41.05 16.29 -30.58
C GLN C 254 39.72 15.63 -30.22
N LEU C 255 39.67 14.31 -30.34
CA LEU C 255 38.46 13.56 -30.03
C LEU C 255 38.05 13.74 -28.58
N ARG C 256 39.00 13.53 -27.67
CA ARG C 256 38.75 13.71 -26.24
C ARG C 256 38.07 15.06 -25.96
N ALA C 257 38.50 16.09 -26.69
CA ALA C 257 37.97 17.42 -26.52
C ALA C 257 36.61 17.61 -27.18
N LEU C 258 36.40 16.95 -28.32
CA LEU C 258 35.15 17.09 -29.07
C LEU C 258 33.96 16.41 -28.38
N ALA C 259 34.25 15.38 -27.60
CA ALA C 259 33.22 14.60 -26.94
C ALA C 259 32.28 15.47 -26.09
N PRO C 260 32.84 16.25 -25.15
CA PRO C 260 31.95 17.05 -24.29
C PRO C 260 31.09 18.04 -25.07
N LYS C 261 31.54 18.40 -26.28
CA LYS C 261 30.78 19.33 -27.10
C LYS C 261 29.39 18.77 -27.41
N TYR C 262 29.33 17.49 -27.78
CA TYR C 262 28.10 16.86 -28.22
C TYR C 262 27.34 16.09 -27.14
N ALA C 263 27.87 16.09 -25.93
CA ALA C 263 27.21 15.40 -24.82
C ALA C 263 25.74 15.83 -24.75
N ALA C 264 25.50 17.10 -25.05
CA ALA C 264 24.16 17.71 -24.94
C ALA C 264 23.09 16.88 -25.61
N ASP C 265 23.06 16.85 -26.95
CA ASP C 265 22.17 15.91 -27.61
C ASP C 265 23.00 14.81 -28.26
N TYR C 266 22.97 13.67 -27.59
CA TYR C 266 23.65 12.46 -28.02
C TYR C 266 22.77 11.73 -29.04
N SER C 267 21.48 11.72 -28.76
CA SER C 267 20.50 11.03 -29.60
C SER C 267 20.49 11.62 -31.01
N TRP C 268 20.61 12.95 -31.11
CA TRP C 268 20.73 13.58 -32.42
C TRP C 268 22.09 13.32 -33.06
N PHE C 269 23.15 13.57 -32.30
CA PHE C 269 24.51 13.47 -32.83
C PHE C 269 24.83 12.10 -33.37
N VAL C 270 24.55 11.07 -32.56
CA VAL C 270 24.86 9.70 -32.95
C VAL C 270 24.15 9.32 -34.24
N GLY C 271 23.00 9.94 -34.49
CA GLY C 271 22.28 9.74 -35.73
C GLY C 271 23.02 10.36 -36.91
N LYS C 272 23.42 11.62 -36.75
CA LYS C 272 24.18 12.32 -37.79
C LYS C 272 25.50 11.59 -38.09
N LEU C 273 26.11 11.02 -37.05
CA LEU C 273 27.40 10.39 -37.20
C LEU C 273 27.34 9.15 -38.08
N ALA C 274 26.49 8.21 -37.69
CA ALA C 274 26.33 7.00 -38.47
C ALA C 274 25.99 7.37 -39.91
N GLU C 275 25.26 8.48 -40.07
CA GLU C 275 24.82 8.89 -41.40
C GLU C 275 26.02 9.20 -42.30
N GLU C 276 26.89 10.10 -41.84
CA GLU C 276 28.01 10.53 -42.68
C GLU C 276 29.23 9.61 -42.69
N ILE C 277 29.42 8.81 -41.66
CA ILE C 277 30.51 7.83 -41.66
C ILE C 277 30.21 6.66 -42.60
N TYR C 278 28.94 6.44 -42.89
CA TYR C 278 28.49 5.33 -43.73
C TYR C 278 29.03 5.47 -45.16
N SER C 279 28.94 6.68 -45.68
CA SER C 279 29.39 6.97 -47.04
C SER C 279 30.92 7.05 -47.12
N ARG C 280 31.55 7.66 -46.11
CA ARG C 280 32.96 8.02 -46.16
C ARG C 280 33.89 6.86 -45.79
N VAL C 281 33.34 5.69 -45.47
CA VAL C 281 34.15 4.57 -45.00
C VAL C 281 33.96 3.31 -45.84
N THR C 282 34.87 2.35 -45.68
CA THR C 282 34.82 1.10 -46.43
C THR C 282 33.61 0.26 -46.07
N PRO C 283 33.09 -0.52 -47.04
CA PRO C 283 31.97 -1.47 -46.90
C PRO C 283 32.11 -2.43 -45.71
N GLN C 284 33.31 -2.97 -45.48
CA GLN C 284 33.50 -3.84 -44.33
C GLN C 284 33.37 -3.04 -43.03
N SER C 285 33.79 -1.78 -43.07
CA SER C 285 33.74 -0.93 -41.90
C SER C 285 32.32 -0.42 -41.62
N ILE C 286 31.41 -0.62 -42.58
CA ILE C 286 30.01 -0.22 -42.38
C ILE C 286 29.33 -1.20 -41.43
N ILE C 287 29.59 -2.49 -41.65
CA ILE C 287 29.10 -3.53 -40.77
C ILE C 287 29.60 -3.31 -39.33
N ARG C 288 30.84 -2.84 -39.20
CA ARG C 288 31.41 -2.59 -37.88
C ARG C 288 30.95 -1.27 -37.28
N MET C 289 30.91 -0.20 -38.08
CA MET C 289 30.47 1.09 -37.56
C MET C 289 29.08 0.95 -36.93
N TYR C 290 28.27 0.02 -37.43
CA TYR C 290 26.94 -0.18 -36.87
C TYR C 290 26.94 -0.96 -35.56
N GLU C 291 27.79 -1.98 -35.47
CA GLU C 291 27.92 -2.69 -34.20
C GLU C 291 28.42 -1.73 -33.11
N ILE C 292 29.43 -0.93 -33.43
CA ILE C 292 30.02 0.00 -32.46
C ILE C 292 29.03 1.06 -32.01
N VAL C 293 28.43 1.75 -32.97
CA VAL C 293 27.53 2.85 -32.65
C VAL C 293 26.22 2.32 -32.08
N GLY C 294 25.75 1.20 -32.63
CA GLY C 294 24.53 0.56 -32.15
C GLY C 294 24.68 0.17 -30.68
N GLU C 295 25.78 -0.51 -30.36
CA GLU C 295 26.07 -0.89 -29.00
C GLU C 295 26.20 0.34 -28.09
N ASN C 296 26.89 1.37 -28.54
CA ASN C 296 26.99 2.60 -27.76
C ASN C 296 25.65 3.27 -27.50
N ASN C 297 24.90 3.58 -28.57
CA ASN C 297 23.57 4.17 -28.47
C ASN C 297 22.72 3.39 -27.48
N GLN C 298 22.73 2.08 -27.68
CA GLN C 298 21.98 1.13 -26.87
C GLN C 298 22.19 1.34 -25.38
N TYR C 299 23.43 1.57 -24.96
CA TYR C 299 23.76 1.69 -23.53
C TYR C 299 23.83 3.13 -23.02
N HIS C 300 23.50 4.11 -23.84
CA HIS C 300 23.37 5.47 -23.36
C HIS C 300 22.13 5.53 -22.46
N GLY C 301 22.25 6.15 -21.30
CA GLY C 301 21.11 6.21 -20.39
C GLY C 301 21.27 5.20 -19.28
N ILE C 302 22.06 4.17 -19.54
CA ILE C 302 22.68 3.40 -18.47
C ILE C 302 23.92 4.15 -17.99
N ALA C 303 24.71 4.62 -18.96
CA ALA C 303 26.03 5.21 -18.73
C ALA C 303 25.99 6.43 -17.83
N ALA C 304 26.79 6.38 -16.77
CA ALA C 304 26.91 7.44 -15.78
C ALA C 304 27.29 8.74 -16.43
N ASN C 305 28.54 8.80 -16.89
CA ASN C 305 29.06 10.00 -17.52
C ASN C 305 28.90 9.90 -19.02
N THR C 306 28.01 10.73 -19.56
CA THR C 306 27.64 10.68 -20.98
C THR C 306 28.77 11.23 -21.83
N GLU C 307 29.50 12.19 -21.26
CA GLU C 307 30.60 12.82 -21.97
C GLU C 307 31.71 11.80 -22.24
N LEU C 308 32.00 11.01 -21.22
CA LEU C 308 33.02 9.97 -21.33
C LEU C 308 32.55 8.85 -22.24
N HIS C 309 31.29 8.45 -22.07
CA HIS C 309 30.70 7.36 -22.86
C HIS C 309 30.77 7.70 -24.35
N LEU C 310 30.76 9.01 -24.65
CA LEU C 310 30.90 9.49 -26.01
C LEU C 310 32.36 9.39 -26.44
N ALA C 311 33.25 9.76 -25.51
CA ALA C 311 34.69 9.53 -25.72
C ALA C 311 35.00 8.07 -26.06
N TYR C 312 34.40 7.17 -25.28
CA TYR C 312 34.61 5.73 -25.49
C TYR C 312 34.18 5.30 -26.90
N LEU C 313 33.15 5.96 -27.44
CA LEU C 313 32.74 5.68 -28.81
C LEU C 313 33.85 6.08 -29.78
N PHE C 314 34.29 7.34 -29.69
CA PHE C 314 35.24 7.91 -30.66
C PHE C 314 36.50 7.08 -30.84
N ILE C 315 37.12 6.68 -29.74
CA ILE C 315 38.33 5.85 -29.80
C ILE C 315 38.02 4.55 -30.49
N GLN C 316 36.94 3.92 -30.06
CA GLN C 316 36.50 2.64 -30.57
C GLN C 316 36.38 2.72 -32.08
N LEU C 317 35.89 3.87 -32.55
CA LEU C 317 35.69 4.13 -33.99
C LEU C 317 36.98 4.41 -34.77
N ALA C 318 37.83 5.26 -34.22
CA ALA C 318 39.10 5.55 -34.88
C ALA C 318 39.94 4.28 -35.06
N CYS C 319 39.86 3.38 -34.09
CA CYS C 319 40.55 2.09 -34.15
C CYS C 319 40.07 1.22 -35.30
N GLU C 320 38.78 0.91 -35.30
CA GLU C 320 38.22 -0.06 -36.25
C GLU C 320 37.78 0.50 -37.62
N MET C 321 37.61 1.82 -37.72
CA MET C 321 37.22 2.41 -38.99
C MET C 321 38.46 2.58 -39.87
N GLN C 322 38.45 1.98 -41.05
CA GLN C 322 39.62 2.03 -41.91
C GLN C 322 39.15 2.49 -43.29
N TRP C 323 39.61 3.64 -43.76
CA TRP C 323 38.92 4.19 -44.91
C TRP C 323 39.52 5.44 -45.57
N LYS C 324 39.13 5.64 -46.82
CA LYS C 324 39.48 6.82 -47.61
C LYS C 324 38.16 7.39 -48.16
N THR D 8 25.09 41.36 3.53
CA THR D 8 24.10 40.89 4.49
C THR D 8 24.61 39.69 5.29
N VAL D 9 24.47 39.77 6.60
CA VAL D 9 24.81 38.66 7.47
C VAL D 9 23.54 38.19 8.16
N ASN D 10 23.56 36.94 8.58
CA ASN D 10 22.64 36.47 9.61
C ASN D 10 23.54 36.30 10.84
N GLU D 11 23.50 37.28 11.75
CA GLU D 11 24.63 37.47 12.69
C GLU D 11 24.68 36.45 13.85
N LYS D 12 23.62 35.65 13.98
CA LYS D 12 23.58 34.51 14.93
C LYS D 12 24.20 33.18 14.43
N GLU D 13 23.96 32.84 13.17
CA GLU D 13 24.18 31.47 12.64
C GLU D 13 25.63 30.98 12.62
N HIS D 14 25.78 29.65 12.66
CA HIS D 14 27.03 29.01 13.05
C HIS D 14 27.97 28.59 11.91
N ILE D 15 27.63 28.94 10.68
CA ILE D 15 28.40 28.49 9.54
C ILE D 15 28.54 29.58 8.49
N LEU D 16 29.77 29.78 8.02
CA LEU D 16 30.03 30.93 7.18
C LEU D 16 29.15 30.92 5.94
N GLU D 17 29.09 29.80 5.21
CA GLU D 17 28.29 29.74 3.98
C GLU D 17 26.86 30.11 4.30
N GLN D 18 26.46 29.76 5.53
CA GLN D 18 25.10 29.98 6.03
C GLN D 18 24.89 31.38 6.58
N LYS D 19 25.93 31.91 7.22
CA LYS D 19 25.87 33.25 7.82
C LYS D 19 26.01 34.35 6.77
N TYR D 20 26.79 34.08 5.72
CA TYR D 20 27.00 35.04 4.62
C TYR D 20 26.22 34.81 3.31
N ARG D 21 25.34 33.81 3.31
CA ARG D 21 24.58 33.40 2.12
C ARG D 21 23.99 34.63 1.42
N PRO D 22 24.23 34.80 0.11
CA PRO D 22 23.75 36.06 -0.47
C PRO D 22 22.23 36.11 -0.39
N SER D 23 21.70 37.19 0.18
CA SER D 23 20.27 37.26 0.41
C SER D 23 19.59 37.41 -0.92
N THR D 24 20.05 38.38 -1.68
CA THR D 24 19.42 38.66 -2.96
C THR D 24 20.21 38.13 -4.14
N ILE D 25 19.68 38.42 -5.32
CA ILE D 25 20.10 37.79 -6.57
C ILE D 25 21.32 38.50 -7.20
N ASP D 26 21.53 39.75 -6.81
CA ASP D 26 22.74 40.46 -7.17
C ASP D 26 23.91 39.96 -6.34
N GLU D 27 23.69 39.84 -5.03
CA GLU D 27 24.74 39.50 -4.09
C GLU D 27 25.37 38.11 -4.33
N CYS D 28 24.79 37.33 -5.24
CA CYS D 28 25.38 36.04 -5.60
C CYS D 28 26.48 36.24 -6.64
N ILE D 29 27.52 35.41 -6.60
CA ILE D 29 28.60 35.57 -7.55
C ILE D 29 28.33 34.69 -8.77
N LEU D 30 28.05 35.31 -9.90
CA LEU D 30 27.55 34.56 -11.03
C LEU D 30 28.07 35.03 -12.36
N PRO D 31 27.91 34.17 -13.38
CA PRO D 31 28.01 34.45 -14.82
C PRO D 31 27.14 35.64 -15.29
N ALA D 32 27.61 36.29 -16.36
CA ALA D 32 26.91 37.41 -16.98
C ALA D 32 25.51 36.97 -17.42
N PHE D 33 25.43 36.10 -18.43
CA PHE D 33 24.15 35.66 -18.96
C PHE D 33 23.26 35.12 -17.85
N ASP D 34 23.87 34.54 -16.83
CA ASP D 34 23.08 33.91 -15.77
C ASP D 34 22.39 34.89 -14.80
N LYS D 35 23.11 35.89 -14.30
CA LYS D 35 22.54 36.91 -13.42
C LYS D 35 21.38 37.63 -14.11
N GLU D 36 21.57 38.01 -15.37
CA GLU D 36 20.55 38.73 -16.13
C GLU D 36 19.30 37.87 -16.36
N THR D 37 19.50 36.58 -16.55
CA THR D 37 18.36 35.69 -16.75
C THR D 37 17.54 35.63 -15.48
N PHE D 38 18.24 35.70 -14.36
CA PHE D 38 17.60 35.57 -13.04
C PHE D 38 16.96 36.87 -12.62
N LYS D 39 17.64 37.97 -12.93
CA LYS D 39 17.04 39.28 -12.77
C LYS D 39 15.76 39.24 -13.57
N SER D 40 15.87 38.76 -14.81
CA SER D 40 14.74 38.72 -15.74
C SER D 40 13.49 38.10 -15.12
N ILE D 41 13.69 36.97 -14.46
CA ILE D 41 12.62 36.28 -13.76
C ILE D 41 12.01 37.08 -12.60
N THR D 42 12.80 37.44 -11.60
CA THR D 42 12.22 38.11 -10.47
C THR D 42 11.52 39.40 -10.90
N SER D 43 11.99 39.96 -12.00
CA SER D 43 11.41 41.18 -12.57
C SER D 43 9.88 41.05 -12.67
N LYS D 44 9.42 39.90 -13.15
CA LYS D 44 7.98 39.66 -13.27
C LYS D 44 7.30 39.46 -11.90
N GLY D 45 8.08 39.35 -10.84
CA GLY D 45 7.55 39.27 -9.49
C GLY D 45 6.82 37.98 -9.13
N LYS D 46 6.75 37.05 -10.07
CA LYS D 46 6.10 35.75 -9.85
C LYS D 46 6.94 34.66 -10.53
N ILE D 47 7.23 33.61 -9.78
CA ILE D 47 8.11 32.55 -10.25
C ILE D 47 7.33 31.35 -10.84
N PRO D 48 7.65 31.00 -12.09
CA PRO D 48 7.18 29.75 -12.69
C PRO D 48 7.76 28.50 -12.00
N HIS D 49 7.50 27.33 -12.56
CA HIS D 49 8.18 26.12 -12.11
C HIS D 49 9.60 26.13 -12.73
N ILE D 50 10.59 25.85 -11.89
CA ILE D 50 11.97 25.96 -12.30
C ILE D 50 12.77 24.70 -11.98
N ILE D 51 13.63 24.28 -12.90
CA ILE D 51 14.69 23.34 -12.57
C ILE D 51 15.99 24.11 -12.71
N LEU D 52 16.72 24.22 -11.60
CA LEU D 52 18.05 24.75 -11.58
C LEU D 52 19.01 23.58 -11.62
N HIS D 53 19.80 23.47 -12.67
CA HIS D 53 20.71 22.34 -12.74
C HIS D 53 22.20 22.67 -13.02
N SER D 54 23.09 22.05 -12.23
CA SER D 54 24.52 22.43 -12.08
C SER D 54 25.55 22.22 -13.21
N PRO D 55 25.97 20.96 -13.51
CA PRO D 55 26.20 19.76 -12.69
C PRO D 55 27.45 19.89 -11.79
N SER D 56 28.34 20.82 -12.10
CA SER D 56 29.50 21.10 -11.25
C SER D 56 29.02 21.54 -9.87
N PRO D 57 29.46 20.85 -8.80
CA PRO D 57 28.93 21.11 -7.47
C PRO D 57 29.39 22.45 -6.92
N GLY D 58 28.89 22.79 -5.73
CA GLY D 58 29.32 23.95 -4.98
C GLY D 58 29.13 25.25 -5.75
N THR D 59 28.41 25.19 -6.87
CA THR D 59 27.99 26.41 -7.55
C THR D 59 26.73 26.93 -6.87
N GLY D 60 26.24 26.14 -5.91
CA GLY D 60 25.30 26.61 -4.90
C GLY D 60 23.89 26.77 -5.37
N LYS D 61 23.39 25.73 -6.05
CA LYS D 61 22.04 25.74 -6.60
C LYS D 61 21.03 26.23 -5.57
N THR D 62 21.15 25.70 -4.37
CA THR D 62 20.10 25.89 -3.40
C THR D 62 20.15 27.33 -2.90
N THR D 63 21.29 27.97 -3.12
CA THR D 63 21.53 29.38 -2.78
C THR D 63 20.85 30.35 -3.78
N VAL D 64 21.05 30.12 -5.06
CA VAL D 64 20.29 30.81 -6.08
C VAL D 64 18.80 30.71 -5.77
N ALA D 65 18.34 29.48 -5.53
CA ALA D 65 16.93 29.19 -5.30
C ALA D 65 16.42 29.92 -4.08
N LYS D 66 17.07 29.69 -2.94
CA LYS D 66 16.65 30.36 -1.72
C LYS D 66 16.57 31.84 -2.02
N ALA D 67 17.38 32.29 -2.97
CA ALA D 67 17.38 33.70 -3.40
C ALA D 67 16.20 34.13 -4.26
N LEU D 68 15.90 33.39 -5.32
CA LEU D 68 14.82 33.80 -6.20
C LEU D 68 13.56 33.95 -5.39
N CYS D 69 13.43 33.12 -4.38
CA CYS D 69 12.26 33.18 -3.54
C CYS D 69 12.26 34.48 -2.78
N HIS D 70 13.43 34.97 -2.38
CA HIS D 70 13.51 36.17 -1.56
C HIS D 70 13.20 37.45 -2.35
N ASP D 71 13.62 37.46 -3.60
CA ASP D 71 13.42 38.56 -4.53
C ASP D 71 11.98 38.66 -5.02
N VAL D 72 11.26 37.56 -4.92
CA VAL D 72 9.86 37.58 -5.27
C VAL D 72 9.03 37.79 -4.00
N ASN D 73 9.69 37.87 -2.85
CA ASN D 73 8.99 37.93 -1.58
C ASN D 73 7.95 36.84 -1.54
N ALA D 74 8.40 35.60 -1.71
CA ALA D 74 7.50 34.46 -1.65
C ALA D 74 7.63 33.74 -0.30
N ASP D 75 6.50 33.29 0.24
CA ASP D 75 6.55 32.31 1.31
C ASP D 75 7.14 31.06 0.67
N MET D 76 8.07 30.43 1.37
CA MET D 76 8.89 29.41 0.76
C MET D 76 9.00 28.20 1.63
N MET D 77 8.55 27.07 1.14
CA MET D 77 8.85 25.84 1.86
C MET D 77 10.06 25.13 1.29
N PHE D 78 11.00 24.80 2.19
CA PHE D 78 12.18 24.05 1.82
C PHE D 78 12.05 22.55 2.11
N VAL D 79 12.61 21.76 1.21
CA VAL D 79 12.68 20.34 1.37
C VAL D 79 14.02 19.82 0.86
N ASN D 80 14.73 19.08 1.69
CA ASN D 80 15.83 18.26 1.21
C ASN D 80 15.22 17.24 0.25
N GLY D 81 15.78 17.15 -0.96
CA GLY D 81 15.24 16.24 -1.96
C GLY D 81 15.18 14.82 -1.46
N SER D 82 16.21 14.41 -0.74
CA SER D 82 16.26 13.09 -0.09
C SER D 82 15.01 12.81 0.73
N ASP D 83 14.43 13.85 1.28
CA ASP D 83 13.35 13.75 2.26
C ASP D 83 11.95 13.83 1.66
N CYS D 84 11.87 14.08 0.36
CA CYS D 84 10.56 14.39 -0.21
C CYS D 84 10.02 13.06 -0.61
N LYS D 85 9.18 12.49 0.24
CA LYS D 85 8.76 11.12 0.01
C LYS D 85 7.28 11.20 -0.30
N ILE D 86 6.68 10.07 -0.67
CA ILE D 86 5.40 10.13 -1.34
C ILE D 86 4.38 10.77 -0.43
N ASP D 87 4.41 10.38 0.83
CA ASP D 87 3.40 10.80 1.76
C ASP D 87 3.70 12.20 2.25
N PHE D 88 4.99 12.49 2.37
CA PHE D 88 5.41 13.82 2.73
C PHE D 88 4.85 14.79 1.68
N VAL D 89 4.85 14.42 0.41
CA VAL D 89 4.27 15.30 -0.61
C VAL D 89 2.74 15.40 -0.44
N ARG D 90 2.14 14.29 -0.04
CA ARG D 90 0.68 14.18 0.10
C ARG D 90 0.10 15.09 1.19
N GLY D 91 0.67 15.08 2.41
CA GLY D 91 0.35 16.11 3.39
C GLY D 91 1.06 17.47 3.55
N PRO D 92 2.39 17.48 3.85
CA PRO D 92 2.94 18.81 4.14
C PRO D 92 2.85 19.73 2.95
N LEU D 93 3.27 19.21 1.80
CA LEU D 93 3.38 20.02 0.60
C LEU D 93 2.00 20.43 0.15
N THR D 94 1.11 19.46 0.11
CA THR D 94 -0.27 19.71 -0.26
C THR D 94 -0.90 20.64 0.78
N ASN D 95 -0.54 20.46 2.06
CA ASN D 95 -0.97 21.36 3.14
C ASN D 95 -0.52 22.77 2.86
N PHE D 96 0.75 22.89 2.45
CA PHE D 96 1.37 24.14 2.07
C PHE D 96 0.82 24.68 0.75
N ALA D 97 0.85 23.83 -0.27
CA ALA D 97 0.50 24.21 -1.64
C ALA D 97 -0.93 24.74 -1.76
N SER D 98 -1.79 24.22 -0.89
CA SER D 98 -3.23 24.43 -0.95
C SER D 98 -3.73 25.76 -0.41
N ALA D 99 -3.23 26.13 0.76
CA ALA D 99 -3.73 27.29 1.49
C ALA D 99 -3.30 28.61 0.83
N ALA D 100 -4.23 29.55 0.67
CA ALA D 100 -3.86 30.91 0.29
C ALA D 100 -3.30 31.59 1.51
N SER D 101 -2.22 32.33 1.27
CA SER D 101 -1.47 32.97 2.32
C SER D 101 -2.06 34.32 2.70
N PHE D 102 -2.21 34.54 4.01
CA PHE D 102 -2.82 35.75 4.54
C PHE D 102 -2.20 36.96 3.90
N ASP D 103 -0.88 36.91 3.72
CA ASP D 103 -0.14 38.03 3.13
C ASP D 103 -0.10 37.98 1.61
N GLY D 104 -0.58 36.90 1.04
CA GLY D 104 -0.61 36.85 -0.41
C GLY D 104 0.75 37.14 -0.99
N ARG D 105 1.72 36.33 -0.60
CA ARG D 105 2.84 36.12 -1.44
C ARG D 105 2.57 34.81 -2.17
N GLN D 106 3.52 34.47 -3.03
CA GLN D 106 3.51 33.23 -3.72
C GLN D 106 4.08 32.21 -2.77
N LYS D 107 3.48 31.03 -2.72
CA LYS D 107 4.10 29.90 -2.06
C LYS D 107 5.00 29.29 -3.11
N VAL D 108 6.26 29.01 -2.77
CA VAL D 108 7.21 28.34 -3.67
C VAL D 108 7.85 27.14 -2.97
N ILE D 109 7.64 25.93 -3.47
CA ILE D 109 8.32 24.80 -2.87
C ILE D 109 9.68 24.64 -3.53
N VAL D 110 10.76 24.77 -2.74
CA VAL D 110 12.09 24.44 -3.23
C VAL D 110 12.45 23.02 -2.84
N ILE D 111 12.67 22.18 -3.84
CA ILE D 111 13.09 20.82 -3.55
C ILE D 111 14.54 20.62 -4.01
N ASP D 112 15.43 20.56 -3.04
CA ASP D 112 16.86 20.53 -3.29
C ASP D 112 17.35 19.13 -3.62
N GLU D 113 18.14 19.01 -4.69
CA GLU D 113 18.76 17.74 -5.05
C GLU D 113 17.76 16.61 -5.28
N PHE D 114 16.77 16.87 -6.15
CA PHE D 114 15.73 15.91 -6.47
C PHE D 114 16.24 14.70 -7.24
N ASP D 115 17.51 14.74 -7.62
CA ASP D 115 18.13 13.60 -8.25
C ASP D 115 18.63 12.56 -7.26
N ARG D 116 18.12 12.56 -6.03
CA ARG D 116 18.21 11.32 -5.25
C ARG D 116 17.31 10.21 -5.88
N SER D 117 17.37 8.99 -5.34
CA SER D 117 17.03 7.77 -6.10
C SER D 117 15.56 7.35 -6.17
N GLY D 118 15.06 6.72 -5.11
CA GLY D 118 13.78 6.03 -5.14
C GLY D 118 12.67 7.05 -5.09
N LEU D 119 13.10 8.31 -5.13
CA LEU D 119 12.21 9.45 -5.15
C LEU D 119 11.47 9.52 -6.47
N ALA D 120 11.83 8.59 -7.37
CA ALA D 120 11.25 8.51 -8.71
C ALA D 120 9.74 8.58 -8.63
N GLU D 121 9.18 7.93 -7.63
CA GLU D 121 7.75 7.84 -7.54
C GLU D 121 7.12 9.13 -7.05
N SER D 122 7.82 9.85 -6.18
CA SER D 122 7.26 11.09 -5.72
C SER D 122 7.30 12.07 -6.85
N GLN D 123 8.15 11.76 -7.83
CA GLN D 123 8.31 12.65 -8.95
C GLN D 123 7.04 12.58 -9.75
N ARG D 124 6.56 11.36 -10.03
CA ARG D 124 5.33 11.15 -10.81
C ARG D 124 4.07 11.59 -10.11
N HIS D 125 4.02 11.45 -8.78
CA HIS D 125 2.90 11.97 -8.05
C HIS D 125 2.77 13.44 -8.39
N LEU D 126 3.91 14.11 -8.57
CA LEU D 126 3.93 15.57 -8.71
C LEU D 126 3.43 16.10 -10.05
N ARG D 127 3.19 15.23 -11.02
CA ARG D 127 2.84 15.76 -12.31
C ARG D 127 1.45 16.36 -12.28
N SER D 128 0.54 15.75 -11.53
CA SER D 128 -0.82 16.25 -11.53
C SER D 128 -0.94 17.43 -10.60
N PHE D 129 -0.11 17.37 -9.55
CA PHE D 129 0.01 18.34 -8.48
C PHE D 129 0.33 19.73 -9.01
N MET D 130 1.46 19.83 -9.72
CA MET D 130 1.95 21.10 -10.22
C MET D 130 0.89 21.85 -11.02
N GLU D 131 0.12 21.14 -11.84
CA GLU D 131 -1.02 21.74 -12.54
C GLU D 131 -2.16 22.02 -11.55
N ALA D 132 -2.14 21.34 -10.41
CA ALA D 132 -3.23 21.45 -9.44
C ALA D 132 -3.19 22.80 -8.76
N TYR D 133 -2.07 23.18 -8.18
CA TYR D 133 -2.04 24.53 -7.63
C TYR D 133 -1.02 25.43 -8.33
N SER D 134 -1.50 26.09 -9.38
CA SER D 134 -0.70 26.98 -10.20
C SER D 134 -0.72 28.42 -9.78
N SER D 135 -1.86 28.87 -9.27
CA SER D 135 -1.94 30.24 -8.85
C SER D 135 -1.13 30.44 -7.58
N ASN D 136 -1.48 29.72 -6.52
CA ASN D 136 -0.85 29.89 -5.23
C ASN D 136 0.65 29.58 -5.29
N CYS D 137 1.01 28.62 -6.14
CA CYS D 137 2.25 27.86 -5.97
C CYS D 137 3.11 27.63 -7.23
N SER D 138 4.40 27.41 -7.01
CA SER D 138 5.37 27.00 -8.03
C SER D 138 6.36 26.11 -7.34
N ILE D 139 7.08 25.30 -8.11
CA ILE D 139 8.12 24.44 -7.55
C ILE D 139 9.42 24.84 -8.18
N ILE D 140 10.51 24.73 -7.41
CA ILE D 140 11.86 24.93 -7.95
C ILE D 140 12.66 23.67 -7.65
N ILE D 141 13.09 22.96 -8.69
CA ILE D 141 13.78 21.70 -8.46
C ILE D 141 15.26 21.94 -8.62
N THR D 142 16.07 21.31 -7.80
CA THR D 142 17.50 21.51 -7.83
C THR D 142 18.18 20.17 -8.18
N ALA D 143 18.82 20.10 -9.35
CA ALA D 143 19.41 18.85 -9.79
C ALA D 143 20.90 18.96 -10.19
N ASN D 144 21.68 17.91 -9.91
CA ASN D 144 23.05 17.81 -10.42
C ASN D 144 23.03 17.24 -11.81
N ASN D 145 22.17 16.24 -11.99
CA ASN D 145 21.99 15.64 -13.31
C ASN D 145 20.53 15.64 -13.77
N ILE D 146 20.20 16.34 -14.85
CA ILE D 146 18.78 16.48 -15.21
C ILE D 146 18.14 15.14 -15.44
N ASP D 147 18.88 14.22 -16.02
CA ASP D 147 18.31 12.93 -16.36
C ASP D 147 17.70 12.22 -15.17
N GLY D 148 17.93 12.75 -13.97
CA GLY D 148 17.27 12.32 -12.74
C GLY D 148 15.97 13.04 -12.42
N ILE D 149 15.64 14.06 -13.20
CA ILE D 149 14.29 14.61 -13.16
C ILE D 149 13.51 13.98 -14.32
N ILE D 150 12.34 13.38 -14.04
CA ILE D 150 11.56 12.71 -15.08
C ILE D 150 11.02 13.71 -16.11
N LYS D 151 10.85 13.25 -17.35
CA LYS D 151 10.63 14.17 -18.48
C LYS D 151 9.34 15.00 -18.36
N PRO D 152 8.26 14.42 -17.81
CA PRO D 152 7.06 15.24 -17.69
C PRO D 152 7.22 16.30 -16.63
N LEU D 153 8.16 16.11 -15.74
CA LEU D 153 8.47 17.15 -14.78
C LEU D 153 9.32 18.22 -15.49
N GLN D 154 10.33 17.77 -16.24
CA GLN D 154 11.10 18.66 -17.07
C GLN D 154 10.16 19.51 -17.92
N SER D 155 8.99 18.98 -18.26
CA SER D 155 8.14 19.73 -19.19
C SER D 155 7.28 20.81 -18.55
N ARG D 156 7.06 20.71 -17.25
CA ARG D 156 6.19 21.68 -16.62
C ARG D 156 7.03 22.79 -16.06
N CYS D 157 8.34 22.58 -16.20
CA CYS D 157 9.40 23.39 -15.60
C CYS D 157 10.23 24.18 -16.59
N ARG D 158 10.73 25.33 -16.15
CA ARG D 158 11.74 26.01 -16.94
C ARG D 158 13.02 25.27 -16.61
N VAL D 159 13.69 24.69 -17.59
CA VAL D 159 15.01 24.16 -17.26
C VAL D 159 16.08 25.26 -17.42
N ILE D 160 16.70 25.71 -16.32
CA ILE D 160 17.81 26.68 -16.41
C ILE D 160 19.15 26.05 -16.07
N THR D 161 20.10 26.22 -16.96
CA THR D 161 21.26 25.40 -16.84
C THR D 161 22.60 26.16 -16.70
N PHE D 162 23.25 25.91 -15.57
CA PHE D 162 24.24 26.81 -14.98
C PHE D 162 25.61 26.92 -15.61
N GLY D 163 25.90 28.12 -16.11
CA GLY D 163 27.20 28.75 -15.97
C GLY D 163 28.22 28.11 -16.86
N GLN D 164 29.00 28.94 -17.52
CA GLN D 164 30.25 28.54 -18.14
C GLN D 164 30.97 29.85 -18.09
N PRO D 165 31.53 30.22 -16.93
CA PRO D 165 31.94 31.63 -16.89
C PRO D 165 32.80 32.09 -18.11
N THR D 166 32.38 33.17 -18.76
CA THR D 166 33.11 33.72 -19.89
C THR D 166 34.44 34.19 -19.31
N ASP D 167 35.45 34.36 -20.15
CA ASP D 167 36.71 34.81 -19.61
C ASP D 167 36.51 36.15 -18.90
N GLU D 168 35.51 36.90 -19.34
CA GLU D 168 35.12 38.16 -18.69
C GLU D 168 34.49 37.91 -17.33
N ASP D 169 33.54 36.97 -17.31
CA ASP D 169 32.97 36.44 -16.07
C ASP D 169 34.11 36.09 -15.13
N LYS D 170 35.06 35.32 -15.66
CA LYS D 170 36.15 34.75 -14.86
C LYS D 170 36.77 35.84 -14.02
N ILE D 171 37.31 36.85 -14.70
CA ILE D 171 37.97 37.93 -13.99
C ILE D 171 37.03 38.67 -13.05
N GLU D 172 35.96 39.22 -13.59
CA GLU D 172 35.00 39.96 -12.76
C GLU D 172 34.42 39.17 -11.56
N MET D 173 34.00 37.92 -11.77
CA MET D 173 33.64 37.04 -10.66
C MET D 173 34.75 36.98 -9.62
N MET D 174 35.99 36.90 -10.11
CA MET D 174 37.21 36.74 -9.30
C MET D 174 37.44 37.89 -8.38
N LYS D 175 37.13 39.09 -8.87
CA LYS D 175 37.32 40.30 -8.08
C LYS D 175 36.20 40.34 -7.06
N GLN D 176 35.01 39.95 -7.49
CA GLN D 176 33.87 39.84 -6.59
C GLN D 176 34.12 38.84 -5.46
N MET D 177 34.84 37.76 -5.74
CA MET D 177 35.10 36.74 -4.72
C MET D 177 36.22 37.15 -3.78
N ILE D 178 37.08 38.05 -4.22
CA ILE D 178 38.10 38.60 -3.33
C ILE D 178 37.57 39.69 -2.41
N ARG D 179 36.78 40.62 -2.96
CA ARG D 179 36.23 41.73 -2.17
C ARG D 179 35.12 41.31 -1.22
N ARG D 180 34.52 40.15 -1.48
CA ARG D 180 33.55 39.52 -0.61
C ARG D 180 34.22 38.73 0.52
N LEU D 181 35.17 37.89 0.12
CA LEU D 181 35.93 37.12 1.08
C LEU D 181 36.70 38.07 2.00
N THR D 182 37.22 39.14 1.41
CA THR D 182 37.89 40.19 2.18
C THR D 182 36.95 40.69 3.25
N GLU D 183 35.70 40.95 2.84
CA GLU D 183 34.74 41.61 3.70
C GLU D 183 34.37 40.75 4.90
N ILE D 184 34.30 39.42 4.71
CA ILE D 184 33.91 38.57 5.85
C ILE D 184 35.06 38.32 6.85
N CYS D 185 36.27 38.12 6.34
CA CYS D 185 37.41 38.03 7.22
C CYS D 185 37.44 39.29 8.09
N LYS D 186 36.92 40.39 7.54
CA LYS D 186 36.70 41.63 8.29
C LYS D 186 35.76 41.40 9.46
N HIS D 187 34.50 41.14 9.13
CA HIS D 187 33.49 40.93 10.14
C HIS D 187 33.84 39.84 11.14
N GLU D 188 34.52 38.78 10.69
CA GLU D 188 34.85 37.65 11.56
C GLU D 188 36.15 37.90 12.33
N GLY D 189 36.70 39.10 12.13
CA GLY D 189 37.88 39.52 12.84
C GLY D 189 39.08 38.64 12.58
N ILE D 190 39.10 37.96 11.41
CA ILE D 190 40.27 37.15 11.02
C ILE D 190 41.33 38.01 10.33
N ALA D 191 42.59 37.68 10.59
CA ALA D 191 43.69 38.47 10.07
C ALA D 191 44.06 38.17 8.61
N ILE D 192 44.34 39.24 7.86
CA ILE D 192 44.87 39.11 6.51
C ILE D 192 46.36 39.40 6.56
N ALA D 193 47.16 38.33 6.53
CA ALA D 193 48.62 38.42 6.59
C ALA D 193 49.23 38.75 5.23
N ASP D 194 48.60 38.24 4.17
CA ASP D 194 49.02 38.54 2.82
C ASP D 194 47.77 38.68 1.94
N MET D 195 47.85 39.51 0.92
CA MET D 195 46.70 39.68 0.03
C MET D 195 46.81 38.83 -1.25
N LYS D 196 47.91 38.08 -1.39
CA LYS D 196 48.02 37.03 -2.42
C LYS D 196 47.58 35.66 -1.87
N VAL D 197 47.37 35.57 -0.54
CA VAL D 197 46.80 34.39 0.09
C VAL D 197 45.25 34.39 0.02
N VAL D 198 44.68 35.58 -0.05
CA VAL D 198 43.24 35.71 -0.30
C VAL D 198 42.93 35.23 -1.70
N ALA D 199 43.60 35.85 -2.67
CA ALA D 199 43.37 35.62 -4.09
C ALA D 199 43.89 34.28 -4.54
N ALA D 200 44.76 33.67 -3.75
CA ALA D 200 45.24 32.33 -4.08
C ALA D 200 44.23 31.28 -3.62
N LEU D 201 43.27 31.71 -2.81
CA LEU D 201 42.06 30.93 -2.51
C LEU D 201 40.94 31.07 -3.55
N VAL D 202 40.73 32.31 -4.01
CA VAL D 202 39.73 32.62 -5.02
C VAL D 202 40.06 31.88 -6.33
N LYS D 203 41.36 31.69 -6.57
CA LYS D 203 41.86 30.88 -7.68
C LYS D 203 41.85 29.35 -7.43
N LYS D 204 42.36 28.90 -6.29
CA LYS D 204 42.54 27.45 -6.04
C LYS D 204 41.32 26.61 -6.44
N ASN D 205 40.18 26.85 -5.81
CA ASN D 205 38.94 26.29 -6.29
C ASN D 205 38.07 27.45 -6.77
N PHE D 206 38.01 27.65 -8.09
CA PHE D 206 37.29 28.80 -8.62
C PHE D 206 35.78 28.72 -8.74
N PRO D 207 35.30 27.78 -9.53
CA PRO D 207 33.86 27.95 -9.74
C PRO D 207 33.11 27.63 -8.45
N ASP D 208 33.76 26.90 -7.54
CA ASP D 208 33.12 26.51 -6.29
C ASP D 208 33.61 27.44 -5.20
N PHE D 209 32.79 28.44 -4.90
CA PHE D 209 33.06 29.39 -3.82
C PHE D 209 32.53 28.81 -2.51
N ARG D 210 31.37 28.20 -2.56
CA ARG D 210 30.82 27.61 -1.36
C ARG D 210 31.94 26.76 -0.79
N LYS D 211 32.72 26.13 -1.67
CA LYS D 211 33.85 25.34 -1.21
C LYS D 211 34.88 26.23 -0.52
N THR D 212 35.40 27.21 -1.26
CA THR D 212 36.50 28.04 -0.76
C THR D 212 36.23 28.69 0.60
N ILE D 213 34.98 28.98 0.91
CA ILE D 213 34.58 29.54 2.20
C ILE D 213 34.54 28.45 3.26
N GLY D 214 34.43 27.20 2.82
CA GLY D 214 34.40 26.08 3.73
C GLY D 214 35.81 25.64 4.09
N GLU D 215 36.77 26.08 3.28
CA GLU D 215 38.19 25.88 3.58
C GLU D 215 38.60 26.83 4.72
N LEU D 216 38.16 28.08 4.63
CA LEU D 216 38.44 29.14 5.62
C LEU D 216 37.83 28.83 6.98
N ASP D 217 36.74 28.06 6.95
CA ASP D 217 35.98 27.71 8.14
C ASP D 217 36.66 26.53 8.81
N SER D 218 37.86 26.24 8.33
CA SER D 218 38.76 25.28 8.96
C SER D 218 39.92 26.03 9.66
N GLY D 238 38.60 17.33 -5.90
CA GLY D 238 39.96 17.17 -5.41
C GLY D 238 40.93 16.49 -6.37
N ALA D 239 42.21 16.54 -6.02
CA ALA D 239 43.29 15.69 -6.51
C ALA D 239 42.92 14.20 -6.51
N ILE D 240 43.16 13.56 -7.65
CA ILE D 240 42.94 12.12 -7.81
C ILE D 240 44.17 11.34 -7.35
N ASP D 241 45.17 12.07 -6.86
CA ASP D 241 46.48 11.51 -6.51
C ASP D 241 46.41 10.25 -5.62
N ASP D 242 45.60 10.29 -4.58
CA ASP D 242 45.49 9.16 -3.64
C ASP D 242 45.19 7.82 -4.33
N VAL D 243 44.23 7.85 -5.27
CA VAL D 243 43.89 6.67 -6.07
C VAL D 243 44.96 6.32 -7.12
N LEU D 244 45.40 7.31 -7.90
CA LEU D 244 46.44 7.13 -8.90
C LEU D 244 47.66 6.46 -8.29
N GLU D 245 47.96 6.84 -7.06
CA GLU D 245 49.11 6.29 -6.34
C GLU D 245 48.85 4.85 -5.90
N SER D 246 47.61 4.56 -5.51
CA SER D 246 47.25 3.22 -5.03
C SER D 246 47.16 2.19 -6.16
N LEU D 247 46.90 2.67 -7.38
CA LEU D 247 46.81 1.81 -8.55
C LEU D 247 48.19 1.39 -9.04
N LYS D 248 49.13 2.33 -8.97
CA LYS D 248 50.54 2.03 -9.22
C LYS D 248 50.99 0.95 -8.23
N ASN D 249 50.81 1.23 -6.94
CA ASN D 249 51.18 0.32 -5.85
C ASN D 249 50.42 -1.02 -5.90
N LYS D 250 49.39 -1.06 -6.74
CA LYS D 250 48.63 -2.27 -7.01
C LYS D 250 48.08 -2.94 -5.77
N ASP D 251 47.87 -2.18 -4.70
CA ASP D 251 47.34 -2.75 -3.45
C ASP D 251 45.82 -2.61 -3.36
N VAL D 252 45.21 -3.55 -2.64
CA VAL D 252 43.76 -3.51 -2.45
C VAL D 252 43.25 -2.71 -1.26
N LYS D 253 43.85 -2.91 -0.09
CA LYS D 253 43.37 -2.25 1.12
C LYS D 253 43.09 -0.77 0.85
N GLN D 254 44.03 -0.11 0.18
CA GLN D 254 43.91 1.32 -0.12
C GLN D 254 42.78 1.59 -1.12
N LEU D 255 42.79 0.84 -2.21
CA LEU D 255 41.77 0.97 -3.24
C LEU D 255 40.38 0.68 -2.68
N ARG D 256 40.23 -0.47 -2.04
CA ARG D 256 38.97 -0.84 -1.41
C ARG D 256 38.40 0.29 -0.55
N ALA D 257 39.29 1.01 0.13
CA ALA D 257 38.89 2.12 0.98
C ALA D 257 38.57 3.38 0.19
N LEU D 258 39.31 3.61 -0.89
CA LEU D 258 39.15 4.84 -1.67
C LEU D 258 37.83 4.87 -2.44
N ALA D 259 37.34 3.69 -2.79
CA ALA D 259 36.15 3.55 -3.63
C ALA D 259 34.94 4.28 -3.05
N PRO D 260 34.58 3.99 -1.79
CA PRO D 260 33.40 4.66 -1.25
C PRO D 260 33.54 6.18 -1.19
N LYS D 261 34.78 6.67 -1.22
CA LYS D 261 35.02 8.11 -1.18
C LYS D 261 34.40 8.79 -2.40
N TYR D 262 34.59 8.19 -3.56
CA TYR D 262 34.14 8.77 -4.81
C TYR D 262 32.79 8.26 -5.32
N ALA D 263 32.15 7.36 -4.57
CA ALA D 263 30.83 6.87 -4.93
C ALA D 263 29.90 8.03 -5.29
N ALA D 264 30.03 9.13 -4.53
CA ALA D 264 29.13 10.29 -4.64
C ALA D 264 28.95 10.73 -6.09
N ASP D 265 29.98 11.34 -6.68
CA ASP D 265 29.94 11.63 -8.11
C ASP D 265 30.90 10.71 -8.85
N TYR D 266 30.31 9.72 -9.48
CA TYR D 266 31.02 8.72 -10.26
C TYR D 266 31.25 9.28 -11.65
N SER D 267 30.21 9.94 -12.17
CA SER D 267 30.24 10.52 -13.50
C SER D 267 31.38 11.52 -13.62
N TRP D 268 31.59 12.31 -12.57
CA TRP D 268 32.72 13.25 -12.59
C TRP D 268 34.03 12.52 -12.43
N PHE D 269 34.11 11.66 -11.40
CA PHE D 269 35.36 11.00 -11.05
C PHE D 269 35.92 10.16 -12.20
N VAL D 270 35.07 9.33 -12.78
CA VAL D 270 35.49 8.46 -13.86
C VAL D 270 36.07 9.25 -15.05
N GLY D 271 35.58 10.47 -15.23
CA GLY D 271 36.11 11.36 -16.25
C GLY D 271 37.52 11.81 -15.88
N LYS D 272 37.69 12.27 -14.65
CA LYS D 272 39.01 12.70 -14.16
C LYS D 272 40.02 11.56 -14.21
N LEU D 273 39.55 10.34 -13.94
CA LEU D 273 40.45 9.20 -13.89
C LEU D 273 41.03 8.86 -15.26
N ALA D 274 40.16 8.65 -16.24
CA ALA D 274 40.61 8.34 -17.59
C ALA D 274 41.54 9.45 -18.07
N GLU D 275 41.28 10.68 -17.63
CA GLU D 275 42.08 11.82 -18.05
C GLU D 275 43.55 11.67 -17.62
N GLU D 276 43.78 11.48 -16.32
CA GLU D 276 45.15 11.43 -15.79
C GLU D 276 45.87 10.08 -15.92
N ILE D 277 45.12 8.98 -16.03
CA ILE D 277 45.73 7.67 -16.29
C ILE D 277 46.23 7.54 -17.73
N TYR D 278 45.62 8.31 -18.64
CA TYR D 278 45.99 8.31 -20.06
C TYR D 278 47.45 8.72 -20.29
N SER D 279 47.87 9.80 -19.62
CA SER D 279 49.23 10.29 -19.72
C SER D 279 50.23 9.40 -18.97
N ARG D 280 49.83 8.94 -17.79
CA ARG D 280 50.77 8.29 -16.87
C ARG D 280 51.02 6.82 -17.17
N VAL D 281 50.38 6.28 -18.21
CA VAL D 281 50.47 4.85 -18.49
C VAL D 281 50.93 4.57 -19.91
N THR D 282 51.32 3.32 -20.16
CA THR D 282 51.81 2.90 -21.48
C THR D 282 50.74 2.98 -22.57
N PRO D 283 51.17 3.26 -23.81
CA PRO D 283 50.32 3.30 -25.02
C PRO D 283 49.43 2.08 -25.19
N GLN D 284 49.96 0.88 -24.93
CA GLN D 284 49.14 -0.31 -25.05
C GLN D 284 48.06 -0.31 -23.95
N SER D 285 48.41 0.22 -22.78
CA SER D 285 47.48 0.26 -21.66
C SER D 285 46.42 1.34 -21.83
N ILE D 286 46.61 2.23 -22.80
CA ILE D 286 45.61 3.27 -23.09
C ILE D 286 44.40 2.64 -23.77
N ILE D 287 44.66 1.78 -24.75
CA ILE D 287 43.61 1.05 -25.43
C ILE D 287 42.82 0.21 -24.41
N ARG D 288 43.50 -0.33 -23.40
CA ARG D 288 42.83 -1.15 -22.39
C ARG D 288 42.11 -0.32 -21.33
N MET D 289 42.76 0.74 -20.86
CA MET D 289 42.14 1.60 -19.85
C MET D 289 40.79 2.10 -20.35
N TYR D 290 40.64 2.26 -21.66
CA TYR D 290 39.37 2.72 -22.20
C TYR D 290 38.31 1.63 -22.27
N GLU D 291 38.72 0.42 -22.63
CA GLU D 291 37.77 -0.68 -22.58
C GLU D 291 37.27 -0.89 -21.15
N ILE D 292 38.19 -0.89 -20.19
CA ILE D 292 37.83 -1.11 -18.79
C ILE D 292 36.92 -0.03 -18.25
N VAL D 293 37.34 1.22 -18.39
CA VAL D 293 36.57 2.33 -17.84
C VAL D 293 35.29 2.55 -18.64
N GLY D 294 35.37 2.40 -19.94
CA GLY D 294 34.22 2.55 -20.79
C GLY D 294 33.15 1.57 -20.38
N GLU D 295 33.54 0.31 -20.25
CA GLU D 295 32.61 -0.74 -19.86
C GLU D 295 32.02 -0.47 -18.48
N ASN D 296 32.85 -0.07 -17.54
CA ASN D 296 32.37 0.27 -16.21
C ASN D 296 31.38 1.43 -16.24
N ASN D 297 31.79 2.56 -16.80
CA ASN D 297 30.93 3.75 -16.92
C ASN D 297 29.60 3.37 -17.53
N GLN D 298 29.69 2.60 -18.60
CA GLN D 298 28.54 2.13 -19.35
C GLN D 298 27.50 1.44 -18.48
N TYR D 299 27.95 0.64 -17.52
CA TYR D 299 27.04 -0.15 -16.70
C TYR D 299 26.70 0.45 -15.34
N HIS D 300 27.22 1.63 -15.04
CA HIS D 300 26.82 2.33 -13.83
C HIS D 300 25.36 2.75 -14.02
N GLY D 301 24.54 2.57 -12.99
CA GLY D 301 23.13 2.92 -13.13
C GLY D 301 22.31 1.67 -13.36
N ILE D 302 22.97 0.63 -13.87
CA ILE D 302 22.46 -0.73 -13.74
C ILE D 302 22.88 -1.26 -12.38
N ALA D 303 24.15 -1.00 -12.03
CA ALA D 303 24.81 -1.59 -10.86
C ALA D 303 24.12 -1.22 -9.56
N ALA D 304 23.76 -2.24 -8.80
CA ALA D 304 23.12 -2.06 -7.51
C ALA D 304 23.96 -1.18 -6.62
N ASN D 305 25.09 -1.71 -6.16
CA ASN D 305 25.95 -1.00 -5.23
C ASN D 305 27.04 -0.27 -6.00
N THR D 306 26.96 1.05 -5.98
CA THR D 306 27.83 1.88 -6.80
C THR D 306 29.22 1.92 -6.21
N GLU D 307 29.28 1.83 -4.88
CA GLU D 307 30.55 1.84 -4.18
C GLU D 307 31.36 0.61 -4.57
N LEU D 308 30.71 -0.55 -4.62
CA LEU D 308 31.36 -1.80 -4.98
C LEU D 308 31.73 -1.81 -6.46
N HIS D 309 30.80 -1.35 -7.30
CA HIS D 309 31.01 -1.26 -8.73
C HIS D 309 32.25 -0.44 -9.05
N LEU D 310 32.55 0.51 -8.18
CA LEU D 310 33.74 1.34 -8.32
C LEU D 310 34.96 0.55 -7.89
N ALA D 311 34.80 -0.23 -6.81
CA ALA D 311 35.85 -1.14 -6.37
C ALA D 311 36.22 -2.10 -7.50
N TYR D 312 35.20 -2.63 -8.17
CA TYR D 312 35.43 -3.57 -9.25
C TYR D 312 36.27 -2.94 -10.38
N LEU D 313 36.10 -1.63 -10.59
CA LEU D 313 36.90 -0.92 -11.58
C LEU D 313 38.38 -0.91 -11.15
N PHE D 314 38.63 -0.48 -9.91
CA PHE D 314 39.99 -0.27 -9.39
C PHE D 314 40.89 -1.50 -9.51
N ILE D 315 40.37 -2.65 -9.12
CA ILE D 315 41.12 -3.89 -9.19
C ILE D 315 41.43 -4.21 -10.64
N GLN D 316 40.39 -4.14 -11.47
CA GLN D 316 40.47 -4.40 -12.90
C GLN D 316 41.58 -3.58 -13.54
N LEU D 317 41.69 -2.32 -13.11
CA LEU D 317 42.72 -1.38 -13.58
C LEU D 317 44.12 -1.68 -13.08
N ALA D 318 44.27 -1.89 -11.77
CA ALA D 318 45.58 -2.25 -11.20
C ALA D 318 46.17 -3.52 -11.86
N CYS D 319 45.30 -4.48 -12.19
CA CYS D 319 45.72 -5.69 -12.89
C CYS D 319 46.28 -5.42 -14.27
N GLU D 320 45.49 -4.80 -15.13
CA GLU D 320 45.86 -4.59 -16.54
C GLU D 320 46.69 -3.32 -16.84
N SER E 1 6.44 -14.93 45.36
CA SER E 1 7.37 -14.01 46.01
C SER E 1 6.56 -13.03 46.85
N LEU E 2 6.50 -13.27 48.15
CA LEU E 2 5.33 -12.91 48.97
C LEU E 2 4.43 -14.12 49.16
N PHE E 3 4.75 -15.20 48.47
CA PHE E 3 4.29 -16.51 48.92
C PHE E 3 5.51 -17.39 48.99
N LYS E 4 5.97 -17.65 50.21
CA LYS E 4 7.20 -18.39 50.37
C LYS E 4 6.91 -19.88 50.26
N ASP E 5 7.87 -20.63 49.71
CA ASP E 5 7.64 -22.01 49.33
C ASP E 5 6.65 -22.10 48.18
N ASP E 6 6.79 -21.16 47.23
CA ASP E 6 6.01 -21.22 45.99
C ASP E 6 6.57 -22.39 45.20
N ILE E 7 6.14 -22.65 43.97
CA ILE E 7 6.75 -23.83 43.36
C ILE E 7 8.03 -23.50 42.59
N GLN E 8 7.91 -23.17 41.32
CA GLN E 8 9.08 -22.87 40.50
C GLN E 8 8.73 -21.74 39.57
N LEU E 9 7.87 -22.09 38.60
CA LEU E 9 7.32 -21.18 37.58
C LEU E 9 8.33 -20.45 36.69
N ASN E 10 8.76 -21.05 35.59
CA ASN E 10 9.76 -20.33 34.79
C ASN E 10 9.22 -19.06 34.12
N GLU E 11 10.11 -18.35 33.44
CA GLU E 11 9.74 -17.07 32.86
C GLU E 11 8.46 -17.25 32.05
N HIS E 12 8.35 -18.40 31.40
CA HIS E 12 7.34 -18.63 30.38
C HIS E 12 6.01 -18.95 31.03
N GLN E 13 6.02 -19.76 32.08
CA GLN E 13 4.79 -20.01 32.82
C GLN E 13 4.16 -18.69 33.27
N VAL E 14 4.93 -17.89 34.00
CA VAL E 14 4.40 -16.65 34.57
C VAL E 14 3.72 -15.80 33.52
N ALA E 15 4.35 -15.73 32.36
CA ALA E 15 3.81 -14.98 31.23
C ALA E 15 2.46 -15.54 30.83
N TRP E 16 2.52 -16.72 30.24
CA TRP E 16 1.35 -17.33 29.66
C TRP E 16 0.23 -17.42 30.67
N TYR E 17 0.53 -17.82 31.90
CA TYR E 17 -0.51 -18.00 32.93
C TYR E 17 -1.20 -16.67 33.25
N SER E 18 -0.41 -15.63 33.48
CA SER E 18 -1.01 -14.38 33.90
C SER E 18 -1.68 -13.66 32.73
N LYS E 19 -1.24 -13.97 31.53
CA LYS E 19 -1.76 -13.33 30.33
C LYS E 19 -1.41 -11.86 30.18
N ASP E 20 -0.20 -11.46 30.56
CA ASP E 20 0.30 -10.21 29.95
C ASP E 20 1.07 -10.70 28.73
N TRP E 21 0.74 -10.15 27.56
CA TRP E 21 1.24 -10.71 26.31
C TRP E 21 2.55 -10.09 25.89
N THR E 22 2.91 -8.99 26.55
CA THR E 22 4.20 -8.35 26.34
C THR E 22 5.36 -9.23 26.83
N ALA E 23 5.11 -10.02 27.88
CA ALA E 23 6.10 -10.96 28.45
C ALA E 23 6.12 -12.22 27.62
N VAL E 24 4.93 -12.65 27.23
CA VAL E 24 4.79 -13.77 26.33
C VAL E 24 5.45 -13.38 25.03
N GLN E 25 5.13 -12.18 24.55
CA GLN E 25 5.71 -11.71 23.32
C GLN E 25 7.21 -11.57 23.48
N SER E 26 7.65 -11.16 24.65
CA SER E 26 9.08 -10.98 24.77
C SER E 26 9.67 -12.35 25.01
N ALA E 27 8.84 -13.24 25.55
CA ALA E 27 9.26 -14.60 25.84
C ALA E 27 9.54 -15.35 24.54
N ALA E 28 8.73 -15.09 23.52
CA ALA E 28 8.98 -15.62 22.19
C ALA E 28 10.26 -15.01 21.61
N ASP E 29 10.36 -13.69 21.73
CA ASP E 29 11.47 -12.93 21.12
C ASP E 29 12.86 -13.33 21.61
N SER E 30 12.99 -13.64 22.89
CA SER E 30 14.28 -14.00 23.47
C SER E 30 14.90 -15.24 22.82
N PHE E 31 14.05 -16.21 22.48
CA PHE E 31 14.49 -17.48 21.91
C PHE E 31 15.21 -17.35 20.55
N LYS E 32 14.75 -16.43 19.71
CA LYS E 32 15.29 -16.27 18.36
C LYS E 32 16.77 -15.89 18.30
N GLU E 33 17.45 -16.42 17.29
CA GLU E 33 18.89 -16.20 17.10
C GLU E 33 19.23 -14.73 16.83
N LYS E 34 20.39 -14.31 17.30
CA LYS E 34 20.80 -12.91 17.21
C LYS E 34 21.15 -12.56 15.77
N ALA E 35 20.70 -11.37 15.35
CA ALA E 35 20.82 -10.95 13.95
C ALA E 35 22.25 -11.15 13.48
N GLU E 36 23.19 -10.62 14.27
CA GLU E 36 24.61 -10.62 13.96
C GLU E 36 25.13 -12.05 13.79
N ASN E 37 24.61 -12.96 14.57
CA ASN E 37 25.05 -14.35 14.48
C ASN E 37 24.55 -15.08 13.24
N GLU E 38 23.46 -14.56 12.68
CA GLU E 38 22.84 -15.07 11.45
C GLU E 38 23.64 -14.60 10.24
N PHE E 39 23.93 -13.30 10.22
CA PHE E 39 24.76 -12.67 9.19
C PHE E 39 26.13 -13.33 9.10
N PHE E 40 26.66 -13.80 10.24
CA PHE E 40 27.93 -14.51 10.25
C PHE E 40 27.70 -15.96 9.78
N GLU E 41 26.61 -16.54 10.24
CA GLU E 41 26.25 -17.90 9.90
C GLU E 41 26.23 -18.10 8.38
N ILE E 42 25.68 -17.11 7.66
CA ILE E 42 25.49 -17.19 6.21
C ILE E 42 26.78 -17.04 5.41
N ILE E 43 27.51 -15.95 5.67
CA ILE E 43 28.69 -15.60 4.89
C ILE E 43 29.65 -16.78 4.82
N GLY E 44 29.70 -17.56 5.89
CA GLY E 44 30.62 -18.67 5.96
C GLY E 44 30.22 -19.87 5.12
N ALA E 45 28.94 -19.96 4.79
CA ALA E 45 28.48 -21.10 4.02
C ALA E 45 28.94 -20.98 2.57
N ILE E 46 28.66 -19.83 1.98
CA ILE E 46 29.09 -19.53 0.62
C ILE E 46 30.57 -19.87 0.46
N ASN E 47 31.32 -19.42 1.48
CA ASN E 47 32.79 -19.42 1.55
C ASN E 47 33.31 -20.84 1.72
N ASN E 48 33.02 -21.41 2.89
CA ASN E 48 33.54 -22.72 3.27
C ASN E 48 32.68 -23.82 2.65
N LYS E 49 31.68 -23.36 1.91
CA LYS E 49 30.78 -24.19 1.11
C LYS E 49 30.02 -25.23 1.95
N THR E 50 29.41 -24.76 3.05
CA THR E 50 28.64 -25.66 3.93
C THR E 50 27.14 -25.38 3.94
N LYS E 51 26.37 -26.25 4.57
CA LYS E 51 24.92 -26.20 4.46
C LYS E 51 24.38 -25.00 5.19
N CYS E 52 23.33 -24.44 4.61
CA CYS E 52 22.29 -23.75 5.39
C CYS E 52 21.29 -23.10 4.47
N SER E 53 20.11 -22.82 5.00
CA SER E 53 19.06 -22.19 4.21
C SER E 53 18.76 -20.86 4.83
N ILE E 54 18.13 -20.01 4.05
CA ILE E 54 17.65 -18.74 4.56
C ILE E 54 16.13 -18.79 4.53
N ALA E 55 15.50 -17.65 4.78
CA ALA E 55 14.05 -17.55 4.92
C ALA E 55 13.64 -18.00 6.31
N GLN E 56 14.55 -18.71 6.98
CA GLN E 56 14.48 -18.82 8.43
C GLN E 56 15.29 -17.66 8.98
N LYS E 57 15.84 -16.84 8.08
CA LYS E 57 16.90 -15.86 8.40
C LYS E 57 16.68 -14.46 7.82
N ASP E 58 17.23 -13.46 8.50
CA ASP E 58 17.20 -12.07 8.05
C ASP E 58 18.33 -11.87 7.06
N TYR E 59 17.99 -11.34 5.88
CA TYR E 59 18.93 -11.28 4.74
C TYR E 59 19.08 -9.88 4.14
N SER E 60 20.31 -9.39 4.14
CA SER E 60 20.64 -8.13 3.48
C SER E 60 21.51 -8.41 2.25
N LYS E 61 20.91 -8.17 1.08
CA LYS E 61 21.65 -8.31 -0.15
C LYS E 61 22.97 -7.55 0.05
N PHE E 62 22.88 -6.34 0.60
CA PHE E 62 24.07 -5.50 0.85
C PHE E 62 25.21 -6.21 1.59
N MET E 63 24.90 -6.65 2.81
CA MET E 63 25.84 -7.30 3.72
C MET E 63 26.66 -8.38 3.07
N VAL E 64 26.01 -9.46 2.63
CA VAL E 64 26.73 -10.54 1.98
C VAL E 64 27.62 -9.89 0.93
N GLU E 65 27.01 -9.06 0.10
CA GLU E 65 27.69 -8.42 -1.03
C GLU E 65 28.96 -7.78 -0.53
N ASN E 66 28.78 -6.78 0.33
CA ASN E 66 29.88 -6.06 0.95
C ASN E 66 30.94 -6.93 1.62
N ALA E 67 30.50 -7.63 2.67
CA ALA E 67 31.35 -8.58 3.41
C ALA E 67 32.13 -9.49 2.47
N LEU E 68 31.48 -9.99 1.42
CA LEU E 68 32.16 -10.82 0.43
C LEU E 68 33.24 -10.04 -0.33
N SER E 69 32.96 -8.79 -0.70
CA SER E 69 33.81 -8.07 -1.65
C SER E 69 35.24 -8.01 -1.11
N GLN E 70 35.36 -8.35 0.16
CA GLN E 70 36.62 -8.30 0.89
C GLN E 70 37.77 -9.07 0.24
N PHE E 71 37.49 -10.22 -0.35
CA PHE E 71 38.54 -10.99 -0.99
C PHE E 71 38.42 -10.94 -2.52
N PRO E 72 39.48 -10.44 -3.20
CA PRO E 72 39.55 -10.27 -4.66
C PRO E 72 39.20 -11.52 -5.47
N GLU E 73 39.25 -12.68 -4.82
CA GLU E 73 38.82 -13.96 -5.38
C GLU E 73 37.28 -14.05 -5.46
N CYS E 74 36.58 -13.33 -4.57
CA CYS E 74 35.12 -13.26 -4.56
C CYS E 74 34.55 -12.24 -5.57
N MET E 75 35.31 -11.16 -5.77
CA MET E 75 34.93 -9.96 -6.54
C MET E 75 34.22 -10.08 -7.91
N PRO E 76 34.55 -11.13 -8.70
CA PRO E 76 33.83 -11.40 -9.94
C PRO E 76 32.36 -11.69 -9.70
N ALA E 77 32.03 -12.52 -8.71
CA ALA E 77 30.65 -12.90 -8.49
C ALA E 77 29.90 -11.78 -7.77
N VAL E 78 30.61 -11.02 -6.95
CA VAL E 78 29.96 -9.93 -6.23
C VAL E 78 29.48 -8.90 -7.24
N TYR E 79 30.27 -8.74 -8.28
CA TYR E 79 29.95 -7.85 -9.38
C TYR E 79 28.67 -8.26 -10.11
N ALA E 80 28.64 -9.49 -10.62
CA ALA E 80 27.46 -9.95 -11.36
C ALA E 80 26.21 -9.73 -10.52
N MET E 81 26.23 -10.22 -9.29
CA MET E 81 25.16 -9.98 -8.33
C MET E 81 24.93 -8.51 -8.11
N ASN E 82 25.91 -7.69 -8.47
CA ASN E 82 25.79 -6.25 -8.31
C ASN E 82 24.98 -5.64 -9.44
N LEU E 83 25.48 -5.76 -10.66
CA LEU E 83 24.74 -5.26 -11.79
C LEU E 83 23.39 -5.90 -11.71
N ILE E 84 23.39 -7.21 -11.91
CA ILE E 84 22.18 -8.01 -12.02
C ILE E 84 21.29 -8.19 -10.77
N GLY E 85 21.91 -8.12 -9.58
CA GLY E 85 21.32 -8.55 -8.31
C GLY E 85 19.92 -8.07 -7.95
N SER E 86 19.58 -6.87 -8.39
CA SER E 86 18.22 -6.35 -8.21
C SER E 86 17.19 -7.39 -8.68
N GLY E 87 16.12 -7.54 -7.90
CA GLY E 87 15.00 -8.34 -8.34
C GLY E 87 15.26 -9.83 -8.44
N LEU E 88 16.45 -10.25 -8.03
CA LEU E 88 16.70 -11.66 -7.76
C LEU E 88 16.05 -11.91 -6.42
N SER E 89 15.67 -13.17 -6.17
CA SER E 89 15.10 -13.56 -4.89
C SER E 89 16.22 -13.53 -3.86
N ASP E 90 15.96 -13.04 -2.65
CA ASP E 90 16.99 -12.99 -1.61
C ASP E 90 17.59 -14.37 -1.57
N GLU E 91 16.75 -15.34 -1.91
CA GLU E 91 17.08 -16.74 -1.87
C GLU E 91 17.97 -17.14 -3.00
N ALA E 92 17.75 -16.52 -4.15
CA ALA E 92 18.52 -16.76 -5.37
C ALA E 92 19.92 -16.18 -5.23
N HIS E 93 19.94 -14.89 -4.95
CA HIS E 93 21.14 -14.11 -4.72
C HIS E 93 21.98 -14.84 -3.68
N PHE E 94 21.33 -15.68 -2.90
CA PHE E 94 22.05 -16.57 -2.00
C PHE E 94 22.71 -17.66 -2.83
N ASN E 95 21.94 -18.34 -3.66
CA ASN E 95 22.45 -19.53 -4.31
C ASN E 95 23.42 -19.21 -5.43
N TYR E 96 23.34 -18.00 -5.99
CA TYR E 96 24.37 -17.62 -6.92
C TYR E 96 25.69 -17.72 -6.17
N LEU E 97 25.88 -16.84 -5.19
CA LEU E 97 27.13 -16.78 -4.46
C LEU E 97 27.62 -18.16 -4.03
N MET E 98 26.68 -19.02 -3.60
CA MET E 98 26.99 -20.37 -3.11
C MET E 98 27.83 -21.17 -4.10
N ALA E 99 27.25 -21.43 -5.27
CA ALA E 99 27.92 -22.19 -6.31
C ALA E 99 28.85 -21.31 -7.13
N ALA E 100 28.97 -20.03 -6.75
CA ALA E 100 29.83 -19.10 -7.49
C ALA E 100 31.26 -18.92 -6.91
N VAL E 101 31.39 -18.33 -5.71
CA VAL E 101 32.71 -18.07 -5.16
C VAL E 101 33.29 -19.34 -4.52
N PRO E 102 34.33 -19.92 -5.16
CA PRO E 102 34.75 -21.32 -5.02
C PRO E 102 35.41 -21.77 -3.70
N ARG E 103 36.33 -20.96 -3.22
CA ARG E 103 37.24 -21.34 -2.17
C ARG E 103 36.62 -20.87 -0.90
N GLY E 104 37.35 -20.97 0.20
CA GLY E 104 37.01 -20.15 1.34
C GLY E 104 37.93 -19.89 2.53
N LYS E 105 37.70 -18.70 3.09
CA LYS E 105 38.16 -18.28 4.40
C LYS E 105 37.66 -16.85 4.49
N ARG E 106 37.53 -16.34 5.71
CA ARG E 106 37.04 -14.98 5.91
C ARG E 106 37.55 -14.37 7.20
N TYR E 107 37.68 -13.04 7.20
CA TYR E 107 38.46 -12.37 8.21
C TYR E 107 38.49 -10.87 7.95
N ASP E 116 25.35 4.25 9.99
CA ASP E 116 25.58 4.71 11.35
C ASP E 116 24.26 5.18 11.98
N SER E 117 24.23 5.28 13.31
CA SER E 117 23.04 5.76 14.00
C SER E 117 23.29 7.15 14.60
N THR E 118 24.17 7.19 15.59
CA THR E 118 24.52 8.43 16.26
C THR E 118 24.83 9.54 15.27
N GLU E 119 25.68 9.26 14.29
CA GLU E 119 26.05 10.22 13.25
C GLU E 119 24.85 10.70 12.44
N VAL E 120 23.95 9.77 12.15
CA VAL E 120 22.68 10.07 11.47
C VAL E 120 21.88 11.11 12.25
N LEU E 121 21.82 10.94 13.57
CA LEU E 121 21.20 11.92 14.44
C LEU E 121 21.79 13.30 14.18
N ILE E 122 23.08 13.43 14.46
CA ILE E 122 23.81 14.65 14.19
C ILE E 122 23.51 15.20 12.79
N ILE E 123 23.54 14.34 11.77
CA ILE E 123 23.39 14.83 10.40
C ILE E 123 21.98 15.32 10.05
N LYS E 124 20.98 14.47 10.27
CA LYS E 124 19.60 14.83 9.91
C LYS E 124 19.19 15.98 10.79
N LEU E 125 19.88 16.10 11.91
CA LEU E 125 19.72 17.24 12.80
C LEU E 125 20.18 18.49 12.05
N LEU E 126 21.42 18.46 11.60
CA LEU E 126 22.03 19.64 11.00
C LEU E 126 21.30 20.12 9.74
N ALA E 127 20.79 19.19 8.95
CA ALA E 127 20.14 19.56 7.69
C ALA E 127 18.78 20.20 7.97
N LYS E 128 18.14 19.79 9.07
CA LYS E 128 16.84 20.32 9.40
C LYS E 128 16.94 21.75 9.94
N ARG E 129 18.04 22.06 10.64
CA ARG E 129 18.22 23.37 11.25
C ARG E 129 18.54 24.46 10.25
N TYR E 130 19.46 24.15 9.34
CA TYR E 130 19.94 25.10 8.34
C TYR E 130 19.25 25.00 6.98
N GLN E 131 18.30 24.07 6.88
CA GLN E 131 17.59 23.88 5.62
C GLN E 131 18.56 23.70 4.44
N VAL E 132 19.15 22.52 4.42
CA VAL E 132 20.11 22.13 3.42
C VAL E 132 20.03 20.61 3.24
N ASN E 133 20.66 20.09 2.19
CA ASN E 133 20.61 18.66 1.90
C ASN E 133 21.39 17.80 2.91
N THR E 134 21.36 16.48 2.71
CA THR E 134 22.10 15.56 3.57
C THR E 134 23.55 15.49 3.12
N ASN E 135 23.84 16.17 2.01
CA ASN E 135 25.19 16.27 1.46
C ASN E 135 26.09 17.34 2.08
N ASP E 136 25.57 18.55 2.22
CA ASP E 136 26.31 19.60 2.90
C ASP E 136 26.33 19.23 4.37
N ALA E 137 25.23 18.63 4.81
CA ALA E 137 25.05 18.26 6.20
C ALA E 137 26.16 17.34 6.66
N ILE E 138 26.77 16.60 5.74
CA ILE E 138 27.95 15.82 6.09
C ILE E 138 29.14 16.77 6.21
N ASN E 139 29.27 17.66 5.23
CA ASN E 139 30.35 18.62 5.22
C ASN E 139 30.25 19.59 6.38
N TYR E 140 29.03 19.74 6.91
CA TYR E 140 28.79 20.62 8.05
C TYR E 140 29.25 19.99 9.38
N LYS E 141 29.01 18.69 9.54
CA LYS E 141 29.55 17.95 10.67
C LYS E 141 31.08 18.04 10.62
N SER E 142 31.65 17.77 9.45
CA SER E 142 33.09 17.91 9.23
C SER E 142 33.61 19.29 9.65
N ILE E 143 33.13 20.35 9.00
CA ILE E 143 33.63 21.70 9.27
C ILE E 143 33.53 22.10 10.73
N LEU E 144 32.69 21.42 11.49
CA LEU E 144 32.56 21.75 12.91
C LEU E 144 33.43 20.86 13.79
N THR E 145 33.19 19.55 13.77
CA THR E 145 33.90 18.62 14.66
C THR E 145 35.40 18.92 14.70
N LYS E 146 35.98 19.18 13.54
CA LYS E 146 37.34 19.69 13.49
C LYS E 146 37.38 21.06 14.16
N ASN E 147 36.60 21.99 13.61
CA ASN E 147 36.72 23.40 13.97
C ASN E 147 35.47 23.94 14.65
N GLY E 148 35.66 24.39 15.88
CA GLY E 148 34.57 24.84 16.72
C GLY E 148 34.11 23.68 17.59
N LYS E 149 34.54 22.47 17.22
CA LYS E 149 34.34 21.23 17.98
C LYS E 149 32.86 20.83 18.09
N LEU E 150 31.97 21.77 17.74
CA LEU E 150 30.51 21.62 17.75
C LEU E 150 29.82 20.84 18.90
N PRO E 151 30.31 20.93 20.14
CA PRO E 151 29.29 20.59 21.13
C PRO E 151 28.40 21.82 21.21
N LEU E 152 28.98 22.95 20.83
CA LEU E 152 28.38 24.27 21.00
C LEU E 152 27.15 24.47 20.10
N VAL E 153 27.16 23.87 18.91
CA VAL E 153 25.95 23.81 18.09
C VAL E 153 25.04 22.65 18.55
N LEU E 154 25.67 21.57 19.00
CA LEU E 154 24.94 20.47 19.61
C LEU E 154 24.23 20.95 20.88
N LYS E 155 24.62 22.14 21.36
CA LYS E 155 23.95 22.82 22.48
C LYS E 155 22.68 23.58 22.08
N GLU E 156 22.77 24.38 21.02
CA GLU E 156 21.62 25.12 20.55
C GLU E 156 20.58 24.18 20.00
N LEU E 157 21.07 23.15 19.29
CA LEU E 157 20.20 22.23 18.55
C LEU E 157 19.85 20.95 19.29
N LYS E 158 20.27 20.85 20.55
CA LYS E 158 19.68 19.88 21.44
C LYS E 158 18.19 20.23 21.52
N GLY E 159 17.91 21.52 21.34
CA GLY E 159 16.57 22.07 21.47
C GLY E 159 15.54 21.28 20.70
N LEU E 160 15.79 21.05 19.42
CA LEU E 160 14.86 20.23 18.68
C LEU E 160 15.39 18.80 18.76
N VAL E 161 14.85 17.99 19.66
CA VAL E 161 14.90 16.51 19.58
C VAL E 161 13.56 15.74 19.41
N THR E 162 12.48 16.45 19.14
CA THR E 162 11.13 16.00 19.50
C THR E 162 10.82 14.51 19.26
N ASP E 163 10.10 13.93 20.21
CA ASP E 163 9.83 12.48 20.24
C ASP E 163 9.43 11.94 18.86
N ASP E 164 8.55 12.66 18.16
CA ASP E 164 8.18 12.33 16.77
C ASP E 164 9.42 12.23 15.87
N PHE E 165 10.39 13.12 16.10
CA PHE E 165 11.60 13.21 15.27
C PHE E 165 12.47 11.99 15.44
N LEU E 166 12.38 11.35 16.60
CA LEU E 166 13.16 10.15 16.86
C LEU E 166 12.74 8.98 15.99
N LYS E 167 11.43 8.91 15.70
CA LYS E 167 10.88 7.79 14.93
C LYS E 167 11.41 7.73 13.49
N GLU E 168 11.85 8.87 12.94
CA GLU E 168 12.42 8.93 11.58
C GLU E 168 13.89 8.51 11.57
N VAL E 169 14.54 8.70 12.71
CA VAL E 169 15.87 8.15 12.99
C VAL E 169 15.96 6.61 12.98
N THR E 170 15.32 5.98 13.97
CA THR E 170 15.31 4.52 14.14
C THR E 170 13.97 4.01 14.72
N LYS E 171 13.73 2.70 14.67
CA LYS E 171 12.44 2.15 15.10
C LYS E 171 12.26 1.61 16.54
N ASN E 172 13.25 1.78 17.42
CA ASN E 172 13.23 1.07 18.70
C ASN E 172 13.75 1.81 19.93
N VAL E 173 13.84 1.10 21.05
CA VAL E 173 14.37 1.64 22.31
C VAL E 173 15.74 2.26 22.10
N LYS E 174 16.40 1.83 21.03
CA LYS E 174 17.64 2.43 20.56
C LYS E 174 17.50 3.95 20.37
N GLU E 175 16.27 4.42 20.17
CA GLU E 175 15.99 5.85 19.94
C GLU E 175 15.99 6.68 21.22
N GLN E 176 15.37 6.16 22.28
CA GLN E 176 15.21 6.91 23.52
C GLN E 176 16.49 6.91 24.35
N LYS E 177 17.38 5.99 24.01
CA LYS E 177 18.74 5.98 24.51
C LYS E 177 19.45 7.22 23.95
N GLN E 178 19.24 7.46 22.66
CA GLN E 178 19.78 8.65 21.98
C GLN E 178 19.21 9.95 22.56
N LEU E 179 17.91 9.94 22.83
CA LEU E 179 17.19 11.09 23.36
C LEU E 179 18.09 11.73 24.42
N LYS E 180 18.56 10.90 25.34
CA LYS E 180 19.35 11.36 26.46
C LYS E 180 20.81 11.64 26.11
N LYS E 181 21.40 10.76 25.32
CA LYS E 181 22.81 10.87 25.03
C LYS E 181 23.12 12.30 24.66
N LEU E 182 22.23 12.90 23.86
CA LEU E 182 22.45 14.25 23.37
C LEU E 182 21.93 15.32 24.33
N ALA E 183 21.23 14.87 25.36
CA ALA E 183 20.86 15.74 26.46
C ALA E 183 22.02 15.78 27.46
N LEU E 184 23.13 15.13 27.09
CA LEU E 184 24.15 14.75 28.09
C LEU E 184 25.52 15.45 28.04
N GLU E 185 26.38 15.03 27.11
CA GLU E 185 27.83 15.34 27.20
C GLU E 185 28.26 16.74 26.73
N TRP E 186 27.48 17.36 25.85
CA TRP E 186 27.82 18.68 25.31
C TRP E 186 28.51 19.58 26.34
N LYS F 2 -41.94 14.03 5.95
CA LYS F 2 -41.23 14.21 7.19
C LYS F 2 -41.09 12.83 7.80
N LEU F 3 -40.03 12.58 8.55
CA LEU F 3 -39.86 11.27 9.15
C LEU F 3 -39.82 11.35 10.66
N SER F 4 -40.70 10.59 11.34
CA SER F 4 -40.76 10.62 12.81
C SER F 4 -39.61 9.83 13.41
N LYS F 5 -39.45 9.92 14.73
CA LYS F 5 -38.25 9.40 15.36
C LYS F 5 -38.35 7.87 15.34
N ASP F 6 -39.59 7.37 15.29
CA ASP F 6 -39.90 5.95 15.18
C ASP F 6 -39.52 5.40 13.81
N THR F 7 -39.82 6.14 12.75
CA THR F 7 -39.53 5.68 11.40
C THR F 7 -38.02 5.58 11.21
N THR F 8 -37.31 6.63 11.61
CA THR F 8 -35.86 6.63 11.51
C THR F 8 -35.26 5.55 12.40
N ALA F 9 -35.89 5.29 13.54
CA ALA F 9 -35.48 4.17 14.37
C ALA F 9 -35.46 2.90 13.53
N LEU F 10 -36.63 2.56 12.99
CA LEU F 10 -36.79 1.45 12.06
C LEU F 10 -35.76 1.44 10.92
N LEU F 11 -35.62 2.59 10.25
CA LEU F 11 -34.76 2.69 9.08
C LEU F 11 -33.30 2.41 9.42
N LYS F 12 -32.90 2.82 10.63
CA LYS F 12 -31.52 2.62 11.07
C LYS F 12 -31.28 1.14 11.17
N ASN F 13 -32.28 0.44 11.70
CA ASN F 13 -32.24 -1.00 11.76
C ASN F 13 -32.12 -1.70 10.42
N PHE F 14 -33.00 -1.37 9.48
CA PHE F 14 -32.90 -1.92 8.14
C PHE F 14 -31.52 -1.71 7.59
N ALA F 15 -30.92 -0.58 7.91
CA ALA F 15 -29.59 -0.23 7.44
C ALA F 15 -28.55 -1.27 7.85
N THR F 16 -28.87 -2.07 8.88
CA THR F 16 -27.94 -3.07 9.38
C THR F 16 -28.06 -4.32 8.55
N ILE F 17 -29.22 -4.46 7.92
CA ILE F 17 -29.48 -5.58 7.02
C ILE F 17 -28.84 -5.34 5.65
N ASN F 18 -29.03 -4.14 5.14
CA ASN F 18 -28.41 -3.72 3.89
C ASN F 18 -28.02 -2.23 3.93
N SER F 19 -26.81 -1.89 3.48
CA SER F 19 -26.27 -0.52 3.68
C SER F 19 -27.05 0.56 2.93
N GLY F 20 -27.65 0.18 1.81
CA GLY F 20 -28.56 1.04 1.08
C GLY F 20 -30.03 0.66 1.25
N ILE F 21 -30.91 1.43 0.65
CA ILE F 21 -32.30 1.08 0.64
C ILE F 21 -32.97 1.68 -0.58
N LEU F 23 -36.55 3.35 -1.30
CA LEU F 23 -37.78 3.83 -0.71
C LEU F 23 -38.76 4.21 -1.81
N LYS F 24 -40.00 3.71 -1.70
CA LYS F 24 -41.02 3.98 -2.71
C LYS F 24 -42.23 4.67 -2.08
N SER F 25 -42.81 5.64 -2.77
CA SER F 25 -43.92 6.41 -2.20
C SER F 25 -45.03 5.49 -1.76
N GLY F 26 -45.44 5.67 -0.51
CA GLY F 26 -46.43 4.81 0.13
C GLY F 26 -46.10 4.79 1.61
N GLN F 27 -46.81 3.95 2.35
CA GLN F 27 -46.54 3.76 3.78
C GLN F 27 -45.71 2.51 4.15
N PHE F 28 -45.17 1.86 3.12
CA PHE F 28 -44.45 0.60 3.25
C PHE F 28 -42.97 0.71 2.85
N ILE F 29 -42.08 0.27 3.74
CA ILE F 29 -40.64 0.21 3.44
C ILE F 29 -40.18 -1.22 3.52
N THR F 31 -36.45 -3.94 2.75
CA THR F 31 -35.07 -4.15 2.34
C THR F 31 -34.70 -5.64 2.42
N ARG F 32 -33.59 -6.01 1.80
CA ARG F 32 -33.09 -7.36 1.92
C ARG F 32 -31.57 -7.35 1.89
N ALA F 33 -30.94 -8.18 2.70
CA ALA F 33 -29.49 -8.24 2.69
C ALA F 33 -29.09 -8.50 1.26
N VAL F 34 -27.94 -7.97 0.85
CA VAL F 34 -27.46 -8.19 -0.51
C VAL F 34 -27.42 -9.66 -0.83
N ASN F 35 -27.05 -10.49 0.16
CA ASN F 35 -26.92 -11.93 -0.04
C ASN F 35 -28.23 -12.68 0.10
N GLY F 36 -29.31 -11.93 0.31
CA GLY F 36 -30.65 -12.47 0.24
C GLY F 36 -31.02 -13.33 1.42
N THR F 37 -30.17 -13.27 2.43
CA THR F 37 -30.35 -14.13 3.61
C THR F 37 -31.24 -13.55 4.70
N THR F 38 -31.54 -12.28 4.60
CA THR F 38 -32.45 -11.68 5.55
C THR F 38 -33.27 -10.53 4.92
N TYR F 39 -34.58 -10.55 5.15
CA TYR F 39 -35.50 -9.60 4.51
C TYR F 39 -36.33 -8.90 5.57
N ALA F 40 -36.52 -7.59 5.45
CA ALA F 40 -37.34 -6.88 6.42
C ALA F 40 -38.41 -6.05 5.76
N GLU F 41 -39.56 -5.93 6.40
CA GLU F 41 -40.64 -5.11 5.87
C GLU F 41 -41.41 -4.48 7.01
N ALA F 42 -41.88 -3.25 6.82
CA ALA F 42 -42.62 -2.57 7.86
C ALA F 42 -43.60 -1.59 7.27
N ASN F 43 -44.75 -1.43 7.92
CA ASN F 43 -45.61 -0.29 7.62
C ASN F 43 -45.18 0.84 8.53
N ILE F 44 -45.17 2.05 8.00
CA ILE F 44 -44.74 3.19 8.79
C ILE F 44 -45.85 4.24 8.90
N SER F 45 -45.77 5.07 9.93
CA SER F 45 -46.85 6.02 10.21
C SER F 45 -46.79 7.22 9.28
N ASP F 46 -45.57 7.56 8.83
CA ASP F 46 -45.33 8.66 7.89
C ASP F 46 -45.50 8.27 6.46
N VAL F 47 -45.96 9.18 5.62
CA VAL F 47 -46.12 8.82 4.23
C VAL F 47 -44.94 9.30 3.38
N ILE F 48 -44.29 8.36 2.69
CA ILE F 48 -43.18 8.66 1.80
C ILE F 48 -43.74 9.17 0.49
N ASP F 49 -43.41 10.42 0.12
CA ASP F 49 -44.02 11.01 -1.08
C ASP F 49 -43.23 11.01 -2.37
N PHE F 50 -42.04 10.39 -2.40
CA PHE F 50 -41.37 10.17 -3.70
C PHE F 50 -40.39 8.99 -3.74
N ASP F 51 -40.27 8.34 -4.90
CA ASP F 51 -39.36 7.20 -5.06
C ASP F 51 -37.93 7.71 -5.01
N VAL F 52 -37.11 7.09 -4.18
CA VAL F 52 -35.69 7.48 -4.12
C VAL F 52 -34.82 6.31 -3.65
N ALA F 53 -33.64 6.17 -4.24
CA ALA F 53 -32.69 5.16 -3.79
C ALA F 53 -31.65 5.86 -2.94
N ILE F 54 -31.32 5.31 -1.78
CA ILE F 54 -30.28 5.89 -0.95
C ILE F 54 -29.11 4.94 -0.80
N TYR F 55 -27.92 5.37 -1.20
CA TYR F 55 -26.76 4.47 -1.24
C TYR F 55 -26.17 4.20 0.15
N ASP F 56 -25.95 5.24 0.95
CA ASP F 56 -25.55 5.00 2.33
C ASP F 56 -26.65 5.48 3.24
N LEU F 57 -27.41 4.53 3.77
CA LEU F 57 -28.65 4.83 4.48
C LEU F 57 -28.34 5.21 5.89
N ASN F 58 -27.21 4.73 6.38
CA ASN F 58 -26.79 5.07 7.71
C ASN F 58 -26.34 6.51 7.72
N GLY F 59 -25.59 6.89 6.68
CA GLY F 59 -25.13 8.25 6.58
C GLY F 59 -26.31 9.19 6.54
N PHE F 60 -27.28 8.85 5.71
CA PHE F 60 -28.48 9.67 5.51
C PHE F 60 -29.20 9.90 6.81
N LEU F 61 -29.34 8.83 7.58
CA LEU F 61 -30.04 8.92 8.84
C LEU F 61 -29.29 9.76 9.86
N GLY F 62 -27.97 9.64 9.90
CA GLY F 62 -27.15 10.48 10.77
C GLY F 62 -27.44 11.95 10.52
N ILE F 63 -27.44 12.32 9.26
CA ILE F 63 -27.72 13.70 8.88
C ILE F 63 -29.08 14.10 9.39
N LEU F 64 -30.09 13.28 9.15
CA LEU F 64 -31.44 13.62 9.57
C LEU F 64 -31.46 14.06 11.02
N SER F 65 -30.80 13.29 11.87
CA SER F 65 -30.83 13.50 13.32
C SER F 65 -30.16 14.81 13.72
N LEU F 66 -29.55 15.48 12.76
CA LEU F 66 -28.95 16.80 12.98
C LEU F 66 -29.85 17.95 12.58
N VAL F 67 -31.09 17.65 12.20
CA VAL F 67 -32.06 18.66 11.83
C VAL F 67 -33.27 18.56 12.76
N ASN F 68 -34.21 19.49 12.68
CA ASN F 68 -35.36 19.42 13.55
C ASN F 68 -36.27 18.33 13.02
N ASP F 69 -37.34 18.00 13.73
CA ASP F 69 -38.18 16.88 13.32
C ASP F 69 -39.11 17.28 12.18
N ASP F 70 -39.50 18.56 12.19
CA ASP F 70 -40.34 19.15 11.15
C ASP F 70 -39.58 19.30 9.83
N ALA F 71 -38.27 19.04 9.84
CA ALA F 71 -37.47 19.17 8.63
C ALA F 71 -38.14 18.43 7.48
N GLU F 72 -38.32 19.14 6.37
CA GLU F 72 -39.11 18.63 5.27
C GLU F 72 -38.25 18.06 4.16
N ILE F 73 -38.22 16.73 4.06
CA ILE F 73 -37.49 16.08 3.00
C ILE F 73 -38.27 16.16 1.70
N SER F 74 -37.65 16.63 0.61
CA SER F 74 -38.31 16.59 -0.69
C SER F 74 -37.34 16.28 -1.80
N GLN F 75 -37.88 16.11 -3.01
CA GLN F 75 -37.04 15.86 -4.16
C GLN F 75 -36.31 17.15 -4.53
N SER F 76 -35.02 17.03 -4.84
CA SER F 76 -34.24 18.19 -5.22
C SER F 76 -34.53 18.61 -6.64
N GLU F 77 -34.32 19.88 -6.92
CA GLU F 77 -34.54 20.45 -8.24
C GLU F 77 -33.86 19.60 -9.32
N ASP F 78 -32.60 19.22 -9.05
CA ASP F 78 -31.80 18.36 -9.94
C ASP F 78 -32.02 16.88 -9.67
N GLY F 79 -32.88 16.58 -8.71
CA GLY F 79 -33.31 15.21 -8.42
C GLY F 79 -32.81 14.53 -7.14
N ASN F 80 -31.73 15.03 -6.57
CA ASN F 80 -31.17 14.43 -5.36
C ASN F 80 -32.10 14.72 -4.18
N ILE F 81 -31.68 14.42 -2.97
CA ILE F 81 -32.59 14.64 -1.84
C ILE F 81 -32.34 15.99 -1.17
N LYS F 82 -33.42 16.66 -0.82
CA LYS F 82 -33.30 17.96 -0.16
C LYS F 82 -33.95 17.95 1.20
N ILE F 83 -33.14 18.04 2.24
CA ILE F 83 -33.65 18.13 3.59
C ILE F 83 -33.69 19.59 4.01
N ALA F 84 -34.88 20.16 4.16
CA ALA F 84 -34.99 21.60 4.39
C ALA F 84 -35.43 21.92 5.80
N ASP F 85 -34.56 22.63 6.50
CA ASP F 85 -34.70 22.96 7.90
C ASP F 85 -35.27 24.37 8.02
N ALA F 86 -35.49 24.84 9.23
CA ALA F 86 -35.95 26.21 9.40
C ALA F 86 -35.02 27.20 8.65
N ARG F 87 -33.80 27.36 9.16
CA ARG F 87 -32.79 28.23 8.53
C ARG F 87 -31.78 27.53 7.59
N SER F 88 -31.76 26.21 7.57
CA SER F 88 -30.73 25.50 6.83
C SER F 88 -31.26 24.57 5.74
N THR F 89 -30.42 24.28 4.77
CA THR F 89 -30.77 23.33 3.69
C THR F 89 -29.63 22.33 3.47
N ILE F 90 -29.92 21.03 3.59
CA ILE F 90 -28.95 19.99 3.29
C ILE F 90 -29.27 19.23 2.00
N PHE F 91 -28.24 18.79 1.29
CA PHE F 91 -28.45 18.03 0.05
C PHE F 91 -27.76 16.68 0.06
N TRP F 92 -28.57 15.63 -0.03
CA TRP F 92 -28.06 14.27 0.01
C TRP F 92 -28.31 13.62 -1.33
N PRO F 93 -27.33 12.82 -1.79
CA PRO F 93 -27.43 12.22 -3.12
C PRO F 93 -28.45 11.09 -3.26
N ALA F 94 -29.24 11.19 -4.33
CA ALA F 94 -30.08 10.09 -4.77
C ALA F 94 -29.15 9.13 -5.48
N ALA F 95 -29.46 7.85 -5.40
CA ALA F 95 -28.57 6.84 -5.93
C ALA F 95 -29.19 6.21 -7.16
N ASP F 96 -28.35 5.75 -8.07
CA ASP F 96 -28.85 5.06 -9.23
C ASP F 96 -29.49 3.80 -8.69
N PRO F 97 -30.76 3.60 -8.98
CA PRO F 97 -31.42 2.36 -8.53
C PRO F 97 -30.63 1.09 -8.89
N SER F 98 -30.03 1.06 -10.07
CA SER F 98 -29.24 -0.10 -10.48
C SER F 98 -28.04 -0.40 -9.57
N THR F 99 -27.70 0.50 -8.65
CA THR F 99 -26.63 0.18 -7.73
C THR F 99 -27.09 -0.26 -6.34
N VAL F 100 -28.39 -0.21 -6.05
CA VAL F 100 -28.87 -0.61 -4.71
C VAL F 100 -29.78 -1.82 -4.72
N VAL F 101 -29.44 -2.80 -3.88
CA VAL F 101 -30.18 -4.04 -3.85
C VAL F 101 -31.46 -3.93 -3.11
N ALA F 102 -32.44 -4.35 -3.82
CA ALA F 102 -33.71 -4.24 -3.27
C ALA F 102 -34.36 -5.55 -3.55
N PRO F 103 -35.29 -5.94 -2.70
CA PRO F 103 -36.11 -7.12 -2.99
C PRO F 103 -37.02 -6.82 -4.17
N ASN F 104 -37.43 -7.83 -4.92
CA ASN F 104 -38.28 -7.61 -6.09
C ASN F 104 -39.66 -7.14 -5.70
N LYS F 105 -40.30 -8.00 -4.91
CA LYS F 105 -41.64 -7.81 -4.38
C LYS F 105 -41.65 -8.46 -3.02
N PRO F 106 -42.64 -8.11 -2.19
CA PRO F 106 -42.89 -8.86 -0.96
C PRO F 106 -43.61 -10.19 -1.23
N ILE F 107 -42.88 -11.29 -1.42
CA ILE F 107 -43.55 -12.59 -1.58
C ILE F 107 -44.29 -12.99 -0.32
N PRO F 108 -45.58 -13.39 -0.45
CA PRO F 108 -46.34 -13.89 0.72
C PRO F 108 -45.63 -15.04 1.40
N PHE F 109 -45.67 -15.06 2.72
CA PHE F 109 -45.03 -16.16 3.41
C PHE F 109 -45.99 -17.33 3.41
N PRO F 110 -45.49 -18.51 3.03
CA PRO F 110 -46.24 -19.77 3.07
C PRO F 110 -46.88 -20.01 4.44
N VAL F 111 -48.07 -20.59 4.50
CA VAL F 111 -48.65 -20.86 5.82
C VAL F 111 -47.63 -21.64 6.64
N ALA F 112 -47.53 -21.32 7.91
CA ALA F 112 -46.42 -21.81 8.71
C ALA F 112 -46.38 -23.33 8.86
N SER F 113 -45.18 -23.90 8.83
CA SER F 113 -44.97 -25.28 9.22
C SER F 113 -45.11 -25.44 10.73
N ALA F 114 -44.44 -24.56 11.49
CA ALA F 114 -44.52 -24.51 12.95
C ALA F 114 -44.76 -23.09 13.43
N VAL F 115 -45.50 -22.91 14.52
CA VAL F 115 -45.68 -21.58 15.10
C VAL F 115 -45.36 -21.53 16.59
N THR F 116 -44.54 -20.54 16.94
CA THR F 116 -44.20 -20.25 18.32
C THR F 116 -44.03 -18.74 18.49
N GLU F 117 -43.53 -18.30 19.63
CA GLU F 117 -43.37 -16.88 19.90
C GLU F 117 -42.09 -16.75 20.70
N ILE F 118 -41.49 -15.55 20.67
CA ILE F 118 -40.28 -15.26 21.44
C ILE F 118 -40.39 -13.92 22.12
N LYS F 119 -40.15 -13.92 23.43
CA LYS F 119 -40.34 -12.71 24.23
C LYS F 119 -39.20 -11.69 24.05
N ALA F 120 -39.52 -10.40 24.05
CA ALA F 120 -38.51 -9.35 23.83
C ALA F 120 -37.21 -9.53 24.62
N GLU F 121 -37.31 -9.92 25.90
CA GLU F 121 -36.10 -10.01 26.72
C GLU F 121 -35.38 -11.33 26.51
N ASP F 122 -36.05 -12.30 25.91
CA ASP F 122 -35.37 -13.57 25.62
C ASP F 122 -34.57 -13.43 24.36
N LEU F 123 -35.16 -12.74 23.40
CA LEU F 123 -34.46 -12.44 22.14
C LEU F 123 -33.24 -11.60 22.45
N GLN F 124 -33.36 -10.71 23.44
CA GLN F 124 -32.23 -9.89 23.82
C GLN F 124 -31.14 -10.70 24.49
N GLN F 125 -31.48 -11.53 25.47
CA GLN F 125 -30.49 -12.39 26.11
C GLN F 125 -29.74 -13.20 25.06
N LEU F 126 -30.49 -13.80 24.12
CA LEU F 126 -29.93 -14.63 23.07
C LEU F 126 -28.89 -13.86 22.27
N LEU F 127 -29.24 -12.67 21.82
CA LEU F 127 -28.30 -11.89 21.05
C LEU F 127 -27.05 -11.55 21.87
N ARG F 128 -27.27 -11.01 23.08
CA ARG F 128 -26.21 -10.55 24.00
C ARG F 128 -25.29 -11.69 24.41
N VAL F 129 -25.87 -12.77 24.93
CA VAL F 129 -25.09 -13.94 25.31
C VAL F 129 -24.24 -14.37 24.13
N SER F 130 -24.78 -14.16 22.93
CA SER F 130 -24.21 -14.74 21.72
C SER F 130 -22.79 -14.24 21.45
N ARG F 131 -22.56 -12.99 21.79
CA ARG F 131 -21.26 -12.41 21.58
C ARG F 131 -20.28 -12.97 22.60
N GLY F 132 -20.74 -13.16 23.84
CA GLY F 132 -19.91 -13.64 24.94
C GLY F 132 -19.49 -15.10 24.90
N LEU F 133 -20.43 -15.99 24.62
CA LEU F 133 -20.17 -17.43 24.44
C LEU F 133 -19.57 -17.73 23.08
N GLN F 134 -19.65 -16.77 22.17
CA GLN F 134 -19.25 -17.02 20.79
C GLN F 134 -20.14 -18.07 20.12
N ILE F 135 -21.45 -17.87 20.20
CA ILE F 135 -22.40 -18.74 19.56
C ILE F 135 -22.67 -18.19 18.17
N ASP F 136 -22.19 -18.85 17.12
CA ASP F 136 -22.44 -18.28 15.81
C ASP F 136 -23.56 -18.95 15.08
N THR F 137 -24.11 -20.03 15.62
CA THR F 137 -25.27 -20.66 14.97
C THR F 137 -26.25 -21.17 16.01
N ILE F 138 -27.55 -21.10 15.71
CA ILE F 138 -28.58 -21.55 16.65
C ILE F 138 -29.50 -22.51 15.95
N ALA F 139 -30.18 -23.34 16.74
CA ALA F 139 -31.08 -24.33 16.18
C ALA F 139 -32.43 -24.35 16.90
N ILE F 140 -33.49 -24.01 16.20
CA ILE F 140 -34.82 -24.10 16.76
C ILE F 140 -35.22 -25.53 16.51
N THR F 141 -35.48 -26.28 17.57
CA THR F 141 -35.71 -27.72 17.44
C THR F 141 -36.74 -28.14 18.47
N VAL F 142 -36.98 -29.44 18.61
CA VAL F 142 -37.92 -29.93 19.60
C VAL F 142 -37.22 -30.76 20.69
N LYS F 143 -37.54 -30.48 21.94
CA LYS F 143 -37.06 -31.32 23.02
C LYS F 143 -38.16 -31.41 24.05
N GLU F 144 -38.43 -32.63 24.50
CA GLU F 144 -39.34 -32.90 25.62
C GLU F 144 -40.67 -32.15 25.55
N GLY F 145 -41.23 -32.09 24.34
CA GLY F 145 -42.53 -31.48 24.15
C GLY F 145 -42.51 -29.96 24.11
N LYS F 146 -41.33 -29.36 23.95
CA LYS F 146 -41.21 -27.90 23.94
C LYS F 146 -40.31 -27.38 22.82
N ILE F 147 -40.60 -26.17 22.33
CA ILE F 147 -39.77 -25.53 21.32
C ILE F 147 -38.60 -24.84 22.01
N VAL F 148 -37.39 -25.27 21.69
CA VAL F 148 -36.22 -24.63 22.27
C VAL F 148 -35.27 -24.06 21.23
N ILE F 149 -34.46 -23.07 21.62
CA ILE F 149 -33.38 -22.60 20.77
C ILE F 149 -32.06 -23.05 21.38
N ASN F 150 -31.18 -23.64 20.57
CA ASN F 150 -29.89 -24.11 21.08
C ASN F 150 -28.76 -23.42 20.33
N GLY F 151 -27.86 -22.77 21.05
CA GLY F 151 -26.73 -22.13 20.40
C GLY F 151 -25.51 -23.01 20.36
N PHE F 152 -24.71 -22.86 19.32
CA PHE F 152 -23.52 -23.68 19.11
C PHE F 152 -22.44 -22.78 18.58
N ASN F 153 -21.20 -23.16 18.80
CA ASN F 153 -20.11 -22.43 18.19
C ASN F 153 -19.56 -23.31 17.09
N LYS F 154 -19.88 -22.96 15.85
CA LYS F 154 -19.64 -23.85 14.73
C LYS F 154 -18.17 -23.94 14.32
N VAL F 155 -17.36 -22.93 14.68
CA VAL F 155 -15.93 -23.01 14.41
C VAL F 155 -15.29 -24.11 15.27
N GLU F 156 -15.63 -24.16 16.56
CA GLU F 156 -15.04 -25.14 17.46
C GLU F 156 -15.79 -26.47 17.51
N ASP F 157 -17.02 -26.46 17.02
CA ASP F 157 -17.83 -27.66 17.01
C ASP F 157 -18.54 -27.74 15.66
N SER F 158 -18.12 -28.67 14.79
CA SER F 158 -18.52 -28.58 13.40
C SER F 158 -19.93 -29.09 13.24
N ALA F 159 -20.23 -30.12 14.02
CA ALA F 159 -21.44 -30.91 13.85
C ALA F 159 -22.63 -30.29 14.58
N LEU F 160 -22.36 -29.26 15.38
CA LEU F 160 -23.36 -28.73 16.31
C LEU F 160 -23.71 -29.78 17.35
N THR F 161 -22.69 -30.45 17.88
CA THR F 161 -22.83 -31.40 18.97
C THR F 161 -22.92 -30.78 20.39
N ARG F 162 -22.02 -29.87 20.73
CA ARG F 162 -21.99 -29.28 22.08
C ARG F 162 -22.80 -28.00 22.17
N VAL F 163 -23.86 -28.05 23.00
CA VAL F 163 -24.81 -26.94 23.11
C VAL F 163 -24.47 -25.94 24.23
N LYS F 164 -24.05 -24.74 23.84
CA LYS F 164 -23.59 -23.73 24.79
C LYS F 164 -24.72 -22.95 25.44
N TYR F 165 -25.88 -22.93 24.80
CA TYR F 165 -27.01 -22.16 25.30
C TYR F 165 -28.31 -22.81 24.87
N SER F 166 -29.33 -22.69 25.70
CA SER F 166 -30.63 -23.24 25.37
C SER F 166 -31.69 -22.31 25.93
N LEU F 167 -32.72 -22.00 25.16
CA LEU F 167 -33.82 -21.15 25.61
C LEU F 167 -35.18 -21.79 25.24
N THR F 168 -36.11 -21.81 26.20
CA THR F 168 -37.36 -22.52 25.99
C THR F 168 -38.51 -21.61 25.67
N LEU F 169 -38.97 -21.67 24.43
CA LEU F 169 -39.96 -20.73 23.92
C LEU F 169 -41.39 -21.09 24.31
N GLY F 170 -41.71 -22.37 24.21
CA GLY F 170 -43.05 -22.82 24.46
C GLY F 170 -43.21 -24.27 24.08
N ASP F 171 -44.25 -24.91 24.59
CA ASP F 171 -44.46 -26.32 24.35
C ASP F 171 -44.82 -26.53 22.87
N TYR F 172 -44.63 -27.76 22.40
CA TYR F 172 -44.88 -28.09 21.00
C TYR F 172 -45.92 -29.20 20.86
N ASP F 173 -47.00 -28.93 20.15
CA ASP F 173 -48.13 -29.85 20.06
C ASP F 173 -47.99 -31.01 19.06
N GLY F 174 -47.47 -30.68 17.88
CA GLY F 174 -47.32 -31.63 16.79
C GLY F 174 -46.38 -32.77 17.15
N GLU F 175 -46.29 -33.75 16.24
CA GLU F 175 -45.42 -34.91 16.41
C GLU F 175 -44.13 -34.87 15.63
N ASN F 176 -43.96 -33.81 14.86
CA ASN F 176 -42.84 -33.69 13.90
C ASN F 176 -41.51 -33.32 14.51
N THR F 177 -40.45 -33.97 14.08
CA THR F 177 -39.15 -33.51 14.46
C THR F 177 -38.77 -32.51 13.40
N PHE F 178 -38.20 -31.39 13.82
CA PHE F 178 -37.54 -30.50 12.92
C PHE F 178 -36.33 -29.92 13.62
N ASN F 179 -35.19 -29.95 12.97
CA ASN F 179 -34.05 -29.21 13.52
C ASN F 179 -33.70 -28.04 12.59
N PHE F 180 -34.14 -26.84 12.95
CA PHE F 180 -34.04 -25.69 12.06
C PHE F 180 -32.85 -24.89 12.50
N ILE F 181 -31.80 -24.86 11.67
CA ILE F 181 -30.59 -24.14 12.01
C ILE F 181 -30.61 -22.75 11.42
N ILE F 182 -30.22 -21.77 12.24
CA ILE F 182 -30.10 -20.37 11.81
C ILE F 182 -28.70 -19.76 12.05
N ASN F 183 -28.23 -18.92 11.13
CA ASN F 183 -26.93 -18.28 11.27
C ASN F 183 -27.10 -17.00 12.07
N ALA F 185 -25.42 -14.49 12.40
CA ALA F 185 -25.11 -13.32 11.61
C ALA F 185 -26.36 -12.77 10.91
N ASN F 186 -27.36 -13.62 10.67
CA ASN F 186 -28.59 -13.18 10.03
C ASN F 186 -29.77 -12.79 10.94
N LYS F 188 -31.09 -10.06 12.57
CA LYS F 188 -30.95 -8.62 12.58
C LYS F 188 -32.15 -7.91 13.15
N GLN F 190 -34.78 -5.84 15.12
CA GLN F 190 -34.81 -4.92 16.22
C GLN F 190 -35.48 -5.62 17.41
N PRO F 191 -35.00 -5.33 18.63
CA PRO F 191 -35.50 -5.97 19.85
C PRO F 191 -36.99 -5.72 20.03
N GLY F 192 -37.68 -6.75 20.46
CA GLY F 192 -39.12 -6.67 20.67
C GLY F 192 -39.66 -8.07 20.72
N ASN F 193 -40.99 -8.21 20.74
CA ASN F 193 -41.61 -9.54 20.74
C ASN F 193 -41.95 -9.99 19.35
N TYR F 194 -41.80 -11.26 19.05
CA TYR F 194 -42.08 -11.74 17.71
C TYR F 194 -42.88 -13.03 17.65
N LYS F 195 -43.96 -13.02 16.89
CA LYS F 195 -44.55 -14.28 16.48
C LYS F 195 -43.45 -14.90 15.64
N LEU F 196 -43.19 -16.18 15.81
CA LEU F 196 -42.16 -16.85 15.01
C LEU F 196 -42.78 -17.94 14.12
N LEU F 197 -42.76 -17.72 12.81
CA LEU F 197 -43.36 -18.70 11.88
C LEU F 197 -42.31 -19.48 11.12
N LEU F 198 -42.14 -20.76 11.45
CA LEU F 198 -41.17 -21.58 10.77
C LEU F 198 -41.83 -22.29 9.58
N TRP F 199 -41.11 -22.38 8.46
CA TRP F 199 -41.61 -23.03 7.25
C TRP F 199 -40.50 -23.79 6.52
N ALA F 200 -40.82 -24.98 6.01
CA ALA F 200 -39.88 -25.79 5.27
C ALA F 200 -40.55 -26.65 4.20
N LYS F 201 -39.94 -26.73 3.02
CA LYS F 201 -40.29 -27.76 2.04
C LYS F 201 -39.02 -28.45 1.55
N GLY F 202 -38.81 -29.71 1.91
CA GLY F 202 -37.54 -30.36 1.62
C GLY F 202 -36.32 -29.56 2.09
N LYS F 203 -35.37 -29.35 1.16
CA LYS F 203 -34.11 -28.67 1.47
C LYS F 203 -34.28 -27.18 1.59
N GLN F 204 -35.39 -26.70 1.05
CA GLN F 204 -35.78 -25.32 1.26
C GLN F 204 -36.14 -25.08 2.77
N GLY F 205 -35.93 -23.85 3.26
CA GLY F 205 -36.42 -23.40 4.57
C GLY F 205 -36.34 -21.87 4.83
N ALA F 206 -37.26 -21.33 5.64
CA ALA F 206 -37.16 -19.93 6.07
C ALA F 206 -37.93 -19.69 7.36
N ALA F 207 -37.48 -18.73 8.15
CA ALA F 207 -38.18 -18.37 9.37
C ALA F 207 -38.59 -16.92 9.30
N LYS F 208 -39.86 -16.64 9.55
CA LYS F 208 -40.38 -15.28 9.54
C LYS F 208 -40.66 -14.82 10.97
N PHE F 209 -39.91 -13.84 11.47
CA PHE F 209 -40.23 -13.24 12.74
C PHE F 209 -41.18 -12.10 12.50
N GLU F 210 -42.34 -12.11 13.15
CA GLU F 210 -43.36 -11.10 12.91
C GLU F 210 -43.55 -10.25 14.14
N GLY F 211 -43.10 -9.02 14.05
CA GLY F 211 -43.11 -8.15 15.20
C GLY F 211 -44.20 -7.14 15.08
N GLU F 212 -44.32 -6.28 16.09
CA GLU F 212 -45.29 -5.21 16.02
C GLU F 212 -44.88 -4.17 14.98
N HIS F 213 -43.60 -3.80 14.99
CA HIS F 213 -43.11 -2.77 14.08
C HIS F 213 -42.82 -3.29 12.66
N ALA F 214 -42.23 -4.48 12.55
CA ALA F 214 -41.86 -5.01 11.24
C ALA F 214 -41.84 -6.55 11.18
N ASN F 215 -41.55 -7.09 10.00
CA ASN F 215 -41.34 -8.51 9.84
C ASN F 215 -39.94 -8.78 9.32
N TYR F 216 -39.40 -9.96 9.62
CA TYR F 216 -38.09 -10.36 9.13
C TYR F 216 -38.14 -11.80 8.70
N VAL F 217 -37.82 -12.10 7.45
CA VAL F 217 -37.67 -13.48 7.03
C VAL F 217 -36.18 -13.81 6.99
N VAL F 218 -35.76 -14.97 7.46
CA VAL F 218 -34.35 -15.28 7.47
C VAL F 218 -34.07 -16.74 7.19
N ALA F 219 -33.11 -16.98 6.31
CA ALA F 219 -32.88 -18.32 5.77
C ALA F 219 -32.43 -19.29 6.84
N LEU F 220 -32.90 -20.53 6.75
CA LEU F 220 -32.38 -21.60 7.59
C LEU F 220 -31.26 -22.22 6.80
N GLU F 221 -30.18 -22.56 7.48
CA GLU F 221 -29.02 -23.06 6.77
C GLU F 221 -29.24 -24.42 6.08
N ALA F 222 -28.39 -24.77 5.12
CA ALA F 222 -28.54 -26.02 4.37
C ALA F 222 -28.61 -27.27 5.23
N ASP F 223 -28.00 -27.23 6.41
CA ASP F 223 -27.96 -28.38 7.30
C ASP F 223 -29.22 -28.52 8.14
N SER F 224 -30.14 -27.56 8.08
CA SER F 224 -31.44 -27.77 8.71
C SER F 224 -32.02 -29.08 8.18
N THR F 225 -32.72 -29.80 9.05
CA THR F 225 -33.28 -31.11 8.71
C THR F 225 -34.77 -31.09 9.11
N HIS F 226 -35.64 -31.85 8.44
CA HIS F 226 -37.01 -32.04 8.97
C HIS F 226 -37.85 -33.20 8.46
N ASP F 227 -39.03 -33.32 9.08
CA ASP F 227 -40.14 -34.25 8.76
C ASP F 227 -41.31 -33.65 7.98
N PHE F 228 -41.14 -32.44 7.43
CA PHE F 228 -42.26 -31.75 6.77
C PHE F 228 -42.53 -32.07 5.27
N LYS G 2 -3.08 30.10 38.84
CA LYS G 2 -4.12 29.08 38.88
C LYS G 2 -4.94 29.25 37.61
N LEU G 3 -5.51 28.17 37.10
CA LEU G 3 -6.27 28.25 35.87
C LEU G 3 -7.73 27.85 36.08
N SER G 4 -8.66 28.75 35.72
CA SER G 4 -10.08 28.45 35.91
C SER G 4 -10.57 27.47 34.86
N LYS G 5 -11.80 26.99 35.03
CA LYS G 5 -12.33 25.93 34.17
C LYS G 5 -12.58 26.51 32.77
N ASP G 6 -12.83 27.82 32.72
CA ASP G 6 -13.00 28.54 31.47
C ASP G 6 -11.68 28.64 30.71
N THR G 7 -10.59 28.91 31.44
CA THR G 7 -9.30 29.08 30.79
C THR G 7 -8.89 27.78 30.16
N THR G 8 -8.94 26.70 30.94
CA THR G 8 -8.61 25.37 30.45
C THR G 8 -9.56 24.91 29.33
N ALA G 9 -10.81 25.36 29.38
CA ALA G 9 -11.75 25.15 28.28
C ALA G 9 -11.12 25.70 27.02
N LEU G 10 -10.82 26.99 27.06
CA LEU G 10 -10.12 27.68 25.97
C LEU G 10 -8.86 26.98 25.54
N LEU G 11 -7.99 26.69 26.49
CA LEU G 11 -6.71 26.08 26.19
C LEU G 11 -6.85 24.75 25.46
N LYS G 12 -7.87 23.97 25.80
CA LYS G 12 -8.09 22.66 25.20
C LYS G 12 -8.43 22.83 23.73
N ASN G 13 -9.24 23.85 23.46
CA ASN G 13 -9.55 24.22 22.10
C ASN G 13 -8.32 24.59 21.29
N PHE G 14 -7.48 25.49 21.82
CA PHE G 14 -6.25 25.91 21.13
C PHE G 14 -5.39 24.70 20.81
N ALA G 15 -5.42 23.72 21.72
CA ALA G 15 -4.71 22.44 21.55
C ALA G 15 -5.12 21.70 20.27
N THR G 16 -6.31 22.01 19.76
CA THR G 16 -6.76 21.39 18.52
C THR G 16 -6.15 22.07 17.32
N ILE G 17 -5.80 23.34 17.50
CA ILE G 17 -5.16 24.12 16.45
C ILE G 17 -3.70 23.74 16.33
N ASN G 18 -3.02 23.67 17.47
CA ASN G 18 -1.64 23.24 17.55
C ASN G 18 -1.37 22.41 18.82
N SER G 19 -0.71 21.25 18.68
CA SER G 19 -0.53 20.34 19.81
C SER G 19 0.25 20.94 20.98
N GLY G 20 1.13 21.88 20.68
CA GLY G 20 1.84 22.61 21.71
C GLY G 20 1.36 24.05 21.87
N ILE G 21 1.95 24.76 22.81
CA ILE G 21 1.66 26.16 22.96
C ILE G 21 2.84 26.86 23.62
N LEU G 23 3.11 29.81 26.25
CA LEU G 23 2.43 30.71 27.22
C LEU G 23 3.37 31.76 27.79
N LYS G 24 2.97 33.02 27.73
CA LYS G 24 3.82 34.12 28.21
C LYS G 24 3.11 34.91 29.32
N SER G 25 3.85 35.26 30.37
CA SER G 25 3.22 35.92 31.52
C SER G 25 2.40 37.10 31.06
N GLY G 26 1.16 37.16 31.51
CA GLY G 26 0.27 38.22 31.11
C GLY G 26 -1.11 37.63 31.07
N GLN G 27 -2.08 38.38 30.59
CA GLN G 27 -3.43 37.88 30.47
C GLN G 27 -3.85 37.39 29.07
N PHE G 28 -2.86 37.27 28.19
CA PHE G 28 -3.08 36.98 26.77
C PHE G 28 -2.44 35.66 26.32
N ILE G 29 -3.24 34.77 25.73
CA ILE G 29 -2.74 33.53 25.14
C ILE G 29 -2.97 33.51 23.64
N THR G 31 -1.91 31.03 19.80
CA THR G 31 -1.34 29.87 19.14
C THR G 31 -1.61 29.97 17.63
N ARG G 32 -0.86 29.20 16.85
CA ARG G 32 -1.13 29.10 15.42
C ARG G 32 -0.86 27.70 14.94
N ALA G 33 -1.64 27.24 13.98
CA ALA G 33 -1.40 25.90 13.46
C ALA G 33 0.00 25.86 12.93
N VAL G 34 0.70 24.74 13.06
CA VAL G 34 2.07 24.66 12.57
C VAL G 34 2.15 25.14 11.13
N ASN G 35 1.13 24.83 10.35
CA ASN G 35 1.13 25.19 8.93
C ASN G 35 0.70 26.65 8.66
N GLY G 36 0.47 27.40 9.72
CA GLY G 36 0.17 28.80 9.60
C GLY G 36 -1.20 29.14 9.02
N THR G 37 -2.05 28.13 8.84
CA THR G 37 -3.35 28.33 8.21
C THR G 37 -4.48 28.73 9.18
N THR G 38 -4.24 28.61 10.50
CA THR G 38 -5.22 29.02 11.50
C THR G 38 -4.53 29.58 12.76
N TYR G 39 -5.01 30.73 13.23
CA TYR G 39 -4.44 31.47 14.37
C TYR G 39 -5.51 31.80 15.39
N ALA G 40 -5.24 31.59 16.67
CA ALA G 40 -6.21 31.93 17.71
C ALA G 40 -5.62 32.81 18.80
N GLU G 41 -6.44 33.70 19.35
CA GLU G 41 -5.95 34.58 20.41
C GLU G 41 -7.11 34.85 21.35
N ALA G 42 -6.81 34.93 22.64
CA ALA G 42 -7.84 35.22 23.64
C ALA G 42 -7.27 35.97 24.82
N ASN G 43 -8.06 36.88 25.40
CA ASN G 43 -7.74 37.38 26.71
C ASN G 43 -8.35 36.44 27.71
N ILE G 44 -7.65 36.21 28.81
CA ILE G 44 -8.13 35.29 29.85
C ILE G 44 -8.24 36.00 31.19
N SER G 45 -9.11 35.48 32.07
CA SER G 45 -9.40 36.11 33.34
C SER G 45 -8.29 35.86 34.33
N ASP G 46 -7.60 34.72 34.22
CA ASP G 46 -6.44 34.39 35.06
C ASP G 46 -5.16 35.04 34.57
N VAL G 47 -4.22 35.29 35.48
CA VAL G 47 -2.97 35.88 35.07
C VAL G 47 -1.87 34.83 35.08
N ILE G 48 -1.27 34.63 33.92
CA ILE G 48 -0.15 33.71 33.76
C ILE G 48 1.09 34.40 34.31
N ASP G 49 1.70 33.80 35.33
CA ASP G 49 2.86 34.42 35.97
C ASP G 49 4.25 33.92 35.59
N PHE G 50 4.39 33.04 34.60
CA PHE G 50 5.72 32.77 34.06
C PHE G 50 5.76 32.24 32.61
N ASP G 51 6.81 32.59 31.87
CA ASP G 51 7.00 32.10 30.50
C ASP G 51 7.29 30.61 30.50
N VAL G 52 6.51 29.86 29.72
CA VAL G 52 6.72 28.42 29.60
C VAL G 52 6.22 27.87 28.25
N ALA G 53 6.98 26.95 27.68
CA ALA G 53 6.56 26.27 26.46
C ALA G 53 6.08 24.89 26.85
N ILE G 54 4.91 24.50 26.35
CA ILE G 54 4.37 23.18 26.66
C ILE G 54 4.26 22.35 25.39
N TYR G 55 4.90 21.18 25.37
CA TYR G 55 5.01 20.40 24.13
C TYR G 55 3.73 19.64 23.79
N ASP G 56 3.18 18.94 24.78
CA ASP G 56 1.88 18.32 24.61
C ASP G 56 0.88 19.03 25.53
N LEU G 57 0.08 19.89 24.92
CA LEU G 57 -0.78 20.77 25.69
C LEU G 57 -2.02 20.00 26.06
N ASN G 58 -2.34 19.00 25.26
CA ASN G 58 -3.53 18.24 25.57
C ASN G 58 -3.25 17.39 26.80
N GLY G 59 -2.05 16.82 26.86
CA GLY G 59 -1.65 16.00 27.98
C GLY G 59 -1.61 16.80 29.27
N PHE G 60 -1.00 17.97 29.18
CA PHE G 60 -0.93 18.90 30.31
C PHE G 60 -2.32 19.21 30.85
N LEU G 61 -3.25 19.53 29.97
CA LEU G 61 -4.60 19.88 30.40
C LEU G 61 -5.34 18.70 31.06
N GLY G 62 -5.13 17.49 30.52
CA GLY G 62 -5.71 16.30 31.12
C GLY G 62 -5.29 16.17 32.57
N ILE G 63 -3.98 16.31 32.81
CA ILE G 63 -3.45 16.27 34.17
C ILE G 63 -4.10 17.32 35.06
N LEU G 64 -4.16 18.56 34.58
CA LEU G 64 -4.79 19.61 35.35
C LEU G 64 -6.14 19.17 35.88
N SER G 65 -6.98 18.62 35.02
CA SER G 65 -8.34 18.28 35.40
C SER G 65 -8.39 17.16 36.46
N LEU G 66 -7.23 16.61 36.79
CA LEU G 66 -7.12 15.60 37.85
C LEU G 66 -6.75 16.18 39.21
N VAL G 67 -6.64 17.50 39.29
CA VAL G 67 -6.27 18.21 40.50
C VAL G 67 -7.40 19.19 40.87
N ASN G 68 -7.38 19.72 42.09
CA ASN G 68 -8.41 20.66 42.51
C ASN G 68 -8.24 21.95 41.73
N ASP G 69 -9.22 22.83 41.76
CA ASP G 69 -9.10 24.07 40.99
C ASP G 69 -8.08 25.06 41.56
N ASP G 70 -7.95 25.04 42.89
CA ASP G 70 -6.99 25.86 43.64
C ASP G 70 -5.54 25.41 43.40
N ALA G 71 -5.36 24.29 42.71
CA ALA G 71 -4.04 23.77 42.45
C ALA G 71 -3.15 24.85 41.85
N GLU G 72 -1.98 25.01 42.44
CA GLU G 72 -1.14 26.16 42.14
C GLU G 72 0.01 25.79 41.20
N ILE G 73 -0.11 26.19 39.94
CA ILE G 73 0.92 25.95 38.97
C ILE G 73 2.06 26.94 39.17
N SER G 74 3.29 26.44 39.32
CA SER G 74 4.43 27.37 39.37
C SER G 74 5.63 26.81 38.63
N GLN G 75 6.68 27.63 38.55
CA GLN G 75 7.93 27.19 37.90
C GLN G 75 8.61 26.20 38.82
N SER G 76 9.12 25.11 38.24
CA SER G 76 9.79 24.11 39.05
C SER G 76 11.18 24.58 39.43
N GLU G 77 11.71 24.03 40.51
CA GLU G 77 13.04 24.34 41.00
C GLU G 77 14.08 24.21 39.87
N ASP G 78 13.98 23.11 39.13
CA ASP G 78 14.86 22.84 37.98
C ASP G 78 14.30 23.42 36.67
N GLY G 79 13.18 24.11 36.74
CA GLY G 79 12.66 24.84 35.60
C GLY G 79 11.42 24.30 34.91
N ASN G 80 11.09 23.03 35.15
CA ASN G 80 9.90 22.43 34.55
C ASN G 80 8.64 22.97 35.24
N ILE G 81 7.48 22.42 34.93
CA ILE G 81 6.26 22.91 35.57
C ILE G 81 5.91 22.12 36.82
N LYS G 82 5.47 22.81 37.86
CA LYS G 82 5.08 22.16 39.08
C LYS G 82 3.63 22.50 39.40
N ILE G 83 2.77 21.48 39.35
CA ILE G 83 1.37 21.62 39.73
C ILE G 83 1.21 21.16 41.16
N ALA G 84 0.87 22.07 42.06
CA ALA G 84 0.88 21.68 43.46
C ALA G 84 -0.53 21.71 44.02
N ASP G 85 -0.95 20.55 44.50
CA ASP G 85 -2.28 20.28 44.99
C ASP G 85 -2.27 20.40 46.52
N ALA G 86 -3.40 20.17 47.17
CA ALA G 86 -3.39 20.11 48.64
C ALA G 86 -2.36 19.11 49.21
N ARG G 87 -2.58 17.80 48.98
CA ARG G 87 -1.66 16.76 49.41
C ARG G 87 -0.67 16.29 48.34
N SER G 88 -0.86 16.69 47.09
CA SER G 88 -0.06 16.09 46.03
C SER G 88 0.74 17.10 45.23
N THR G 89 1.79 16.61 44.57
CA THR G 89 2.59 17.42 43.67
C THR G 89 2.84 16.69 42.35
N ILE G 90 2.43 17.32 41.25
CA ILE G 90 2.76 16.81 39.90
C ILE G 90 3.84 17.62 39.16
N PHE G 91 4.64 16.94 38.34
CA PHE G 91 5.67 17.62 37.58
C PHE G 91 5.53 17.38 36.09
N TRP G 92 5.34 18.46 35.35
CA TRP G 92 5.21 18.34 33.92
C TRP G 92 6.37 19.07 33.27
N PRO G 93 6.86 18.53 32.15
CA PRO G 93 8.03 19.10 31.47
C PRO G 93 7.81 20.41 30.73
N ALA G 94 8.73 21.34 30.97
CA ALA G 94 8.83 22.55 30.19
C ALA G 94 9.50 22.16 28.90
N ALA G 95 9.14 22.82 27.81
CA ALA G 95 9.65 22.41 26.51
C ALA G 95 10.63 23.44 26.02
N ASP G 96 11.61 23.01 25.26
CA ASP G 96 12.50 23.94 24.60
C ASP G 96 11.64 24.77 23.66
N PRO G 97 11.62 26.09 23.84
CA PRO G 97 10.86 26.95 22.95
C PRO G 97 11.16 26.68 21.48
N SER G 98 12.41 26.37 21.14
CA SER G 98 12.78 26.09 19.74
C SER G 98 12.04 24.88 19.12
N THR G 99 11.38 24.08 19.96
CA THR G 99 10.57 22.96 19.48
C THR G 99 9.05 23.18 19.31
N VAL G 100 8.53 24.31 19.78
CA VAL G 100 7.10 24.58 19.67
C VAL G 100 6.79 25.82 18.88
N VAL G 101 5.86 25.67 17.94
CA VAL G 101 5.51 26.75 17.02
C VAL G 101 4.58 27.82 17.60
N ALA G 102 4.99 29.09 17.43
CA ALA G 102 4.23 30.21 17.97
C ALA G 102 4.12 31.33 16.94
N PRO G 103 3.04 32.11 17.01
CA PRO G 103 2.93 33.31 16.18
C PRO G 103 3.91 34.39 16.68
N ASN G 104 4.38 35.28 15.81
CA ASN G 104 5.34 36.32 16.23
C ASN G 104 4.73 37.34 17.17
N LYS G 105 3.67 37.96 16.66
CA LYS G 105 2.91 38.97 17.37
C LYS G 105 1.45 38.82 16.95
N PRO G 106 0.54 39.39 17.73
CA PRO G 106 -0.85 39.52 17.26
C PRO G 106 -1.03 40.63 16.23
N ILE G 107 -0.92 40.36 14.92
CA ILE G 107 -1.18 41.41 13.91
C ILE G 107 -2.62 41.93 13.94
N PRO G 108 -2.80 43.27 14.04
CA PRO G 108 -4.17 43.78 14.00
C PRO G 108 -4.88 43.27 12.75
N PHE G 109 -6.15 42.97 12.89
CA PHE G 109 -6.92 42.58 11.72
C PHE G 109 -7.39 43.82 10.99
N PRO G 110 -7.17 43.84 9.67
CA PRO G 110 -7.62 44.92 8.79
C PRO G 110 -9.11 45.18 8.96
N VAL G 111 -9.53 46.43 8.80
CA VAL G 111 -10.96 46.73 8.92
C VAL G 111 -11.65 45.82 7.96
N ALA G 112 -12.80 45.31 8.35
CA ALA G 112 -13.43 44.24 7.59
C ALA G 112 -13.89 44.63 6.17
N SER G 113 -13.70 43.72 5.22
CA SER G 113 -14.28 43.89 3.89
C SER G 113 -15.79 43.66 3.97
N ALA G 114 -16.19 42.59 4.66
CA ALA G 114 -17.60 42.30 4.90
C ALA G 114 -17.83 41.89 6.35
N VAL G 115 -19.00 42.21 6.90
CA VAL G 115 -19.33 41.79 8.25
C VAL G 115 -20.69 41.08 8.37
N THR G 116 -20.67 39.94 9.04
CA THR G 116 -21.86 39.17 9.37
C THR G 116 -21.69 38.48 10.72
N GLU G 117 -22.63 37.62 11.07
CA GLU G 117 -22.55 36.91 12.34
C GLU G 117 -23.01 35.46 12.15
N ILE G 118 -22.56 34.56 13.03
CA ILE G 118 -22.97 33.17 12.95
C ILE G 118 -23.39 32.68 14.32
N LYS G 119 -24.61 32.12 14.42
CA LYS G 119 -25.19 31.71 15.72
C LYS G 119 -24.63 30.39 16.20
N ALA G 120 -24.44 30.26 17.51
CA ALA G 120 -23.76 29.10 18.07
C ALA G 120 -24.26 27.73 17.54
N GLU G 121 -25.57 27.60 17.36
CA GLU G 121 -26.11 26.31 16.95
C GLU G 121 -26.04 26.11 15.44
N ASP G 122 -25.84 27.19 14.71
CA ASP G 122 -25.62 27.06 13.28
C ASP G 122 -24.17 26.64 13.01
N LEU G 123 -23.24 27.21 13.74
CA LEU G 123 -21.85 26.79 13.60
C LEU G 123 -21.74 25.34 14.02
N GLN G 124 -22.55 24.93 14.98
CA GLN G 124 -22.50 23.55 15.39
C GLN G 124 -23.04 22.63 14.30
N GLN G 125 -24.19 22.98 13.71
CA GLN G 125 -24.76 22.15 12.66
C GLN G 125 -23.79 22.00 11.52
N LEU G 126 -23.19 23.11 11.11
CA LEU G 126 -22.19 23.11 10.06
C LEU G 126 -21.06 22.15 10.35
N LEU G 127 -20.46 22.23 11.53
CA LEU G 127 -19.37 21.30 11.85
C LEU G 127 -19.82 19.84 11.81
N ARG G 128 -20.93 19.59 12.50
CA ARG G 128 -21.49 18.25 12.65
C ARG G 128 -21.90 17.66 11.31
N VAL G 129 -22.72 18.38 10.56
CA VAL G 129 -23.17 17.93 9.26
C VAL G 129 -21.96 17.59 8.43
N SER G 130 -20.90 18.35 8.63
CA SER G 130 -19.73 18.30 7.78
C SER G 130 -19.04 16.94 7.73
N ARG G 131 -19.06 16.25 8.86
CA ARG G 131 -18.46 14.93 8.92
C ARG G 131 -19.35 13.94 8.17
N GLY G 132 -20.66 14.15 8.25
CA GLY G 132 -21.65 13.27 7.66
C GLY G 132 -21.81 13.35 6.15
N LEU G 133 -21.86 14.56 5.62
CA LEU G 133 -21.98 14.78 4.20
C LEU G 133 -20.63 14.69 3.55
N GLN G 134 -19.58 14.69 4.37
CA GLN G 134 -18.19 14.74 3.87
C GLN G 134 -17.88 16.05 3.12
N ILE G 135 -18.23 17.17 3.74
CA ILE G 135 -18.00 18.50 3.16
C ILE G 135 -16.63 18.94 3.65
N ASP G 136 -15.64 18.96 2.77
CA ASP G 136 -14.32 19.37 3.22
C ASP G 136 -13.99 20.81 2.87
N THR G 137 -14.83 21.51 2.11
CA THR G 137 -14.61 22.93 1.87
C THR G 137 -15.92 23.70 1.85
N ILE G 138 -15.91 24.93 2.38
CA ILE G 138 -17.12 25.74 2.46
C ILE G 138 -16.86 27.09 1.82
N ALA G 139 -17.92 27.76 1.41
CA ALA G 139 -17.78 29.05 0.74
C ALA G 139 -18.78 30.05 1.28
N ILE G 140 -18.27 31.11 1.89
CA ILE G 140 -19.09 32.22 2.29
C ILE G 140 -19.22 33.11 1.08
N THR G 141 -20.45 33.28 0.59
CA THR G 141 -20.66 33.97 -0.67
C THR G 141 -21.96 34.75 -0.58
N VAL G 142 -22.36 35.36 -1.69
CA VAL G 142 -23.61 36.10 -1.72
C VAL G 142 -24.64 35.40 -2.61
N LYS G 143 -25.85 35.25 -2.10
CA LYS G 143 -26.99 34.81 -2.90
C LYS G 143 -28.25 35.58 -2.48
N GLU G 144 -28.98 36.07 -3.48
CA GLU G 144 -30.29 36.68 -3.28
C GLU G 144 -30.36 37.70 -2.13
N GLY G 145 -29.32 38.51 -2.00
CA GLY G 145 -29.28 39.55 -1.01
C GLY G 145 -28.95 39.08 0.40
N LYS G 146 -28.42 37.85 0.53
CA LYS G 146 -28.07 37.29 1.84
C LYS G 146 -26.68 36.64 1.84
N ILE G 147 -26.03 36.64 3.01
CA ILE G 147 -24.75 35.95 3.19
C ILE G 147 -24.97 34.48 3.53
N VAL G 148 -24.52 33.59 2.67
CA VAL G 148 -24.72 32.17 2.95
C VAL G 148 -23.40 31.42 3.01
N ILE G 149 -23.41 30.27 3.68
CA ILE G 149 -22.28 29.36 3.64
C ILE G 149 -22.67 28.13 2.83
N ASN G 150 -21.85 27.76 1.83
CA ASN G 150 -22.12 26.59 1.03
C ASN G 150 -21.03 25.55 1.21
N GLY G 151 -21.38 24.34 1.63
CA GLY G 151 -20.43 23.24 1.71
C GLY G 151 -20.32 22.40 0.44
N PHE G 152 -19.10 21.93 0.17
CA PHE G 152 -18.84 21.16 -1.04
C PHE G 152 -17.91 20.05 -0.66
N ASN G 153 -17.95 18.95 -1.40
CA ASN G 153 -16.96 17.90 -1.20
C ASN G 153 -15.98 17.98 -2.33
N LYS G 154 -14.79 18.47 -2.03
CA LYS G 154 -13.84 18.84 -3.06
C LYS G 154 -13.19 17.62 -3.71
N VAL G 155 -13.16 16.48 -3.02
CA VAL G 155 -12.58 15.28 -3.63
C VAL G 155 -13.48 14.81 -4.78
N GLU G 156 -14.78 14.77 -4.53
CA GLU G 156 -15.76 14.34 -5.53
C GLU G 156 -16.21 15.42 -6.50
N ASP G 157 -16.02 16.68 -6.12
CA ASP G 157 -16.41 17.78 -6.96
C ASP G 157 -15.27 18.81 -6.97
N SER G 158 -14.55 18.92 -8.07
CA SER G 158 -13.29 19.65 -8.02
C SER G 158 -13.51 21.12 -8.06
N ALA G 159 -14.55 21.52 -8.78
CA ALA G 159 -14.80 22.93 -9.10
C ALA G 159 -15.61 23.62 -8.01
N LEU G 160 -16.13 22.82 -7.08
CA LEU G 160 -17.11 23.31 -6.14
C LEU G 160 -18.39 23.68 -6.87
N THR G 161 -18.80 22.83 -7.80
CA THR G 161 -20.08 22.99 -8.49
C THR G 161 -21.32 22.50 -7.67
N ARG G 162 -21.26 21.29 -7.09
CA ARG G 162 -22.42 20.68 -6.40
C ARG G 162 -22.44 20.98 -4.90
N VAL G 163 -23.46 21.75 -4.49
CA VAL G 163 -23.55 22.27 -3.12
C VAL G 163 -24.35 21.35 -2.21
N LYS G 164 -23.64 20.72 -1.28
CA LYS G 164 -24.22 19.72 -0.39
C LYS G 164 -24.95 20.34 0.81
N TYR G 165 -24.58 21.56 1.15
CA TYR G 165 -25.13 22.22 2.33
C TYR G 165 -25.16 23.71 2.16
N SER G 166 -26.17 24.36 2.71
CA SER G 166 -26.24 25.80 2.63
C SER G 166 -26.85 26.34 3.91
N LEU G 167 -26.27 27.40 4.47
CA LEU G 167 -26.76 28.01 5.71
C LEU G 167 -26.83 29.54 5.57
N THR G 168 -27.95 30.13 5.99
CA THR G 168 -28.16 31.53 5.71
C THR G 168 -27.90 32.39 6.94
N LEU G 169 -26.80 33.15 6.92
CA LEU G 169 -26.34 33.91 8.07
C LEU G 169 -27.10 35.21 8.26
N GLY G 170 -27.32 35.93 7.17
CA GLY G 170 -27.99 37.22 7.24
C GLY G 170 -27.96 37.90 5.89
N ASP G 171 -28.80 38.93 5.73
CA ASP G 171 -28.87 39.66 4.46
C ASP G 171 -27.59 40.46 4.22
N TYR G 172 -27.35 40.80 2.96
CA TYR G 172 -26.14 41.51 2.56
C TYR G 172 -26.46 42.81 1.87
N ASP G 173 -25.94 43.91 2.43
CA ASP G 173 -26.28 45.28 1.98
C ASP G 173 -25.50 45.78 0.75
N GLY G 174 -24.20 45.50 0.72
CA GLY G 174 -23.32 45.99 -0.32
C GLY G 174 -23.68 45.41 -1.66
N GLU G 175 -22.98 45.87 -2.70
CA GLU G 175 -23.17 45.37 -4.06
C GLU G 175 -22.14 44.37 -4.57
N ASN G 176 -21.14 44.10 -3.74
CA ASN G 176 -20.01 43.26 -4.14
C ASN G 176 -20.27 41.77 -4.17
N THR G 177 -19.77 41.10 -5.20
CA THR G 177 -19.73 39.66 -5.16
C THR G 177 -18.42 39.30 -4.52
N PHE G 178 -18.48 38.34 -3.62
CA PHE G 178 -17.28 37.72 -3.10
C PHE G 178 -17.54 36.26 -2.89
N ASN G 179 -16.66 35.39 -3.40
CA ASN G 179 -16.80 33.99 -3.08
C ASN G 179 -15.59 33.59 -2.23
N PHE G 180 -15.80 33.50 -0.91
CA PHE G 180 -14.69 33.28 0.01
C PHE G 180 -14.68 31.83 0.39
N ILE G 181 -13.67 31.10 -0.07
CA ILE G 181 -13.60 29.67 0.21
C ILE G 181 -12.75 29.37 1.43
N ILE G 182 -13.23 28.50 2.31
CA ILE G 182 -12.49 28.12 3.51
C ILE G 182 -12.34 26.61 3.58
N ASN G 183 -11.23 26.14 4.12
CA ASN G 183 -10.97 24.70 4.26
C ASN G 183 -11.53 24.21 5.59
N ALA G 185 -10.98 21.82 7.37
CA ALA G 185 -9.91 21.41 8.25
C ALA G 185 -9.41 22.56 9.13
N ASN G 186 -9.60 23.81 8.68
CA ASN G 186 -9.19 24.98 9.45
C ASN G 186 -10.24 25.65 10.35
N LYS G 188 -11.51 25.54 13.52
CA LYS G 188 -11.20 24.95 14.80
C LYS G 188 -11.89 25.66 15.96
N GLN G 190 -13.89 26.91 19.04
CA GLN G 190 -14.77 26.34 20.04
C GLN G 190 -16.18 26.86 19.80
N PRO G 191 -17.18 26.02 20.11
CA PRO G 191 -18.57 26.36 19.81
C PRO G 191 -19.00 27.61 20.57
N GLY G 192 -19.82 28.43 19.91
CA GLY G 192 -20.32 29.65 20.49
C GLY G 192 -20.77 30.56 19.38
N ASN G 193 -21.07 31.80 19.71
CA ASN G 193 -21.46 32.79 18.70
C ASN G 193 -20.26 33.61 18.26
N TYR G 194 -20.23 33.98 16.99
CA TYR G 194 -19.09 34.71 16.45
C TYR G 194 -19.48 35.88 15.55
N LYS G 195 -18.95 37.06 15.84
CA LYS G 195 -18.92 38.08 14.82
C LYS G 195 -18.02 37.46 13.75
N LEU G 196 -18.40 37.58 12.48
CA LEU G 196 -17.58 37.07 11.39
C LEU G 196 -17.04 38.21 10.51
N LEU G 197 -15.73 38.44 10.54
CA LEU G 197 -15.18 39.55 9.77
C LEU G 197 -14.40 39.05 8.57
N LEU G 198 -14.93 39.29 7.38
CA LEU G 198 -14.23 38.86 6.19
C LEU G 198 -13.35 40.00 5.65
N TRP G 199 -12.15 39.68 5.16
CA TRP G 199 -11.25 40.66 4.59
C TRP G 199 -10.47 40.09 3.41
N ALA G 200 -10.32 40.90 2.37
CA ALA G 200 -9.56 40.49 1.19
C ALA G 200 -8.84 41.65 0.48
N LYS G 201 -7.60 41.43 0.05
CA LYS G 201 -6.94 42.33 -0.90
C LYS G 201 -6.35 41.49 -2.02
N GLY G 202 -6.91 41.59 -3.22
CA GLY G 202 -6.48 40.71 -4.30
C GLY G 202 -6.48 39.24 -3.92
N LYS G 203 -5.38 38.56 -4.21
CA LYS G 203 -5.29 37.12 -3.97
C LYS G 203 -5.17 36.78 -2.49
N GLN G 204 -4.74 37.77 -1.70
CA GLN G 204 -4.75 37.66 -0.24
C GLN G 204 -6.17 37.54 0.28
N GLY G 205 -6.31 36.93 1.45
CA GLY G 205 -7.56 36.92 2.19
C GLY G 205 -7.47 36.29 3.57
N ALA G 206 -8.37 36.69 4.47
CA ALA G 206 -8.54 36.00 5.75
C ALA G 206 -9.92 36.24 6.38
N ALA G 207 -10.39 35.29 7.19
CA ALA G 207 -11.63 35.47 7.94
C ALA G 207 -11.35 35.40 9.42
N LYS G 208 -11.84 36.39 10.16
CA LYS G 208 -11.65 36.44 11.59
C LYS G 208 -12.99 36.18 12.26
N PHE G 209 -13.08 35.08 13.01
CA PHE G 209 -14.24 34.82 13.86
C PHE G 209 -13.97 35.36 15.24
N GLU G 210 -14.81 36.30 15.66
CA GLU G 210 -14.60 36.97 16.93
C GLU G 210 -15.69 36.55 17.90
N GLY G 211 -15.29 35.75 18.88
CA GLY G 211 -16.21 35.21 19.85
C GLY G 211 -16.10 35.90 21.19
N GLU G 212 -16.95 35.51 22.11
CA GLU G 212 -16.87 36.09 23.44
C GLU G 212 -15.55 35.67 24.10
N HIS G 213 -15.21 34.38 24.01
CA HIS G 213 -14.04 33.82 24.70
C HIS G 213 -12.71 34.10 23.98
N ALA G 214 -12.72 34.02 22.65
CA ALA G 214 -11.50 34.17 21.85
C ALA G 214 -11.76 34.65 20.42
N ASN G 215 -10.68 34.85 19.68
CA ASN G 215 -10.76 35.16 18.25
C ASN G 215 -10.03 34.09 17.45
N TYR G 216 -10.49 33.86 16.22
CA TYR G 216 -9.83 32.96 15.29
C TYR G 216 -9.69 33.58 13.91
N VAL G 217 -8.47 33.68 13.40
CA VAL G 217 -8.27 34.12 12.02
C VAL G 217 -7.97 32.87 11.18
N VAL G 218 -8.61 32.74 10.02
CA VAL G 218 -8.35 31.55 9.22
C VAL G 218 -8.28 31.89 7.75
N ALA G 219 -7.27 31.32 7.09
CA ALA G 219 -6.96 31.67 5.70
C ALA G 219 -8.05 31.25 4.71
N LEU G 220 -8.33 32.09 3.71
CA LEU G 220 -9.26 31.74 2.64
C LEU G 220 -8.45 31.13 1.52
N GLU G 221 -9.05 30.15 0.84
CA GLU G 221 -8.34 29.31 -0.12
C GLU G 221 -8.06 29.99 -1.44
N ALA G 222 -7.09 29.44 -2.15
CA ALA G 222 -6.60 29.99 -3.40
C ALA G 222 -7.69 30.42 -4.39
N ASP G 223 -8.76 29.63 -4.49
CA ASP G 223 -9.81 29.80 -5.50
C ASP G 223 -10.72 31.02 -5.26
N SER G 224 -10.47 31.72 -4.18
CA SER G 224 -11.36 32.77 -3.74
C SER G 224 -11.44 33.94 -4.72
N THR G 225 -12.65 34.34 -5.05
CA THR G 225 -12.89 35.43 -5.97
C THR G 225 -13.51 36.60 -5.22
N HIS G 226 -13.31 37.83 -5.69
CA HIS G 226 -14.08 38.95 -5.15
C HIS G 226 -13.73 40.26 -5.81
N ASP G 227 -14.67 41.20 -5.75
CA ASP G 227 -14.48 42.58 -6.26
C ASP G 227 -14.13 43.65 -5.22
N PHE G 228 -13.87 43.25 -3.98
CA PHE G 228 -13.53 44.21 -2.92
C PHE G 228 -12.36 45.13 -3.27
N LYS H 2 -26.20 -18.00 44.21
CA LYS H 2 -26.53 -16.83 43.44
C LYS H 2 -25.49 -15.78 43.83
N LEU H 3 -25.18 -14.87 42.92
CA LEU H 3 -24.18 -13.86 43.20
C LEU H 3 -24.75 -12.47 43.04
N SER H 4 -24.65 -11.66 44.10
CA SER H 4 -25.14 -10.28 44.10
C SER H 4 -24.26 -9.36 43.29
N LYS H 5 -24.80 -8.20 42.95
CA LYS H 5 -24.11 -7.26 42.07
C LYS H 5 -22.81 -6.80 42.72
N ASP H 6 -22.79 -6.77 44.06
CA ASP H 6 -21.60 -6.44 44.86
C ASP H 6 -20.53 -7.52 44.76
N THR H 7 -20.94 -8.79 44.82
CA THR H 7 -19.96 -9.88 44.75
C THR H 7 -19.31 -9.89 43.37
N THR H 8 -20.13 -9.80 42.33
CA THR H 8 -19.59 -9.76 40.97
C THR H 8 -18.75 -8.52 40.73
N ALA H 9 -19.10 -7.40 41.39
CA ALA H 9 -18.26 -6.19 41.39
C ALA H 9 -16.87 -6.57 41.88
N LEU H 10 -16.82 -7.12 43.09
CA LEU H 10 -15.59 -7.62 43.67
C LEU H 10 -14.84 -8.58 42.77
N LEU H 11 -15.55 -9.59 42.28
CA LEU H 11 -14.94 -10.62 41.48
C LEU H 11 -14.34 -10.05 40.19
N LYS H 12 -14.98 -9.01 39.63
CA LYS H 12 -14.44 -8.39 38.41
C LYS H 12 -13.10 -7.78 38.67
N ASN H 13 -12.99 -7.16 39.85
CA ASN H 13 -11.75 -6.61 40.30
C ASN H 13 -10.66 -7.66 40.43
N PHE H 14 -10.97 -8.75 41.14
CA PHE H 14 -9.98 -9.80 41.36
C PHE H 14 -9.48 -10.30 40.04
N ALA H 15 -10.38 -10.33 39.05
CA ALA H 15 -10.04 -10.70 37.68
C ALA H 15 -8.89 -9.85 37.07
N THR H 16 -8.69 -8.64 37.60
CA THR H 16 -7.65 -7.79 37.10
C THR H 16 -6.34 -8.19 37.74
N ILE H 17 -6.42 -8.84 38.89
CA ILE H 17 -5.23 -9.32 39.55
C ILE H 17 -4.74 -10.60 38.90
N ASN H 18 -5.68 -11.50 38.67
CA ASN H 18 -5.38 -12.76 38.01
C ASN H 18 -6.56 -13.16 37.11
N SER H 19 -6.28 -13.60 35.88
CA SER H 19 -7.33 -13.81 34.88
C SER H 19 -8.26 -14.93 35.23
N GLY H 20 -7.74 -15.89 35.99
CA GLY H 20 -8.55 -16.96 36.55
C GLY H 20 -8.78 -16.81 38.05
N ILE H 21 -9.54 -17.74 38.62
CA ILE H 21 -9.74 -17.77 40.06
C ILE H 21 -10.07 -19.16 40.51
N LEU H 23 -12.53 -20.67 43.24
CA LEU H 23 -13.59 -20.45 44.23
C LEU H 23 -13.84 -21.71 45.06
N LYS H 24 -13.89 -21.54 46.38
CA LYS H 24 -14.14 -22.66 47.28
C LYS H 24 -15.35 -22.39 48.14
N SER H 25 -16.16 -23.44 48.34
CA SER H 25 -17.41 -23.30 49.08
C SER H 25 -17.14 -22.65 50.42
N GLY H 26 -17.92 -21.61 50.68
CA GLY H 26 -17.73 -20.81 51.87
C GLY H 26 -18.14 -19.39 51.54
N GLN H 27 -17.87 -18.48 52.47
CA GLN H 27 -18.11 -17.06 52.26
C GLN H 27 -16.88 -16.22 51.88
N PHE H 28 -15.77 -16.90 51.61
CA PHE H 28 -14.48 -16.28 51.42
C PHE H 28 -13.91 -16.53 50.01
N ILE H 29 -13.55 -15.44 49.33
CA ILE H 29 -12.87 -15.57 48.04
C ILE H 29 -11.47 -14.96 48.12
N THR H 31 -7.52 -14.51 45.63
CA THR H 31 -6.76 -14.71 44.40
C THR H 31 -5.37 -14.11 44.56
N ARG H 32 -4.45 -14.46 43.68
CA ARG H 32 -3.14 -13.84 43.72
C ARG H 32 -2.63 -13.69 42.30
N ALA H 33 -1.92 -12.62 42.01
CA ALA H 33 -1.34 -12.48 40.68
C ALA H 33 -0.48 -13.70 40.44
N VAL H 34 -0.46 -14.20 39.22
CA VAL H 34 0.38 -15.37 38.91
C VAL H 34 1.83 -15.17 39.42
N ASN H 35 2.34 -13.94 39.31
CA ASN H 35 3.71 -13.62 39.69
C ASN H 35 3.88 -13.40 41.19
N GLY H 36 2.80 -13.58 41.94
CA GLY H 36 2.85 -13.57 43.39
C GLY H 36 3.03 -12.19 44.01
N THR H 37 3.01 -11.15 43.18
CA THR H 37 3.28 -9.79 43.63
C THR H 37 2.07 -9.07 44.20
N THR H 38 0.87 -9.59 43.98
CA THR H 38 -0.31 -8.95 44.55
C THR H 38 -1.36 -9.99 44.95
N TYR H 39 -1.91 -9.88 46.15
CA TYR H 39 -2.86 -10.85 46.70
C TYR H 39 -4.14 -10.16 47.19
N ALA H 40 -5.31 -10.70 46.88
CA ALA H 40 -6.55 -10.10 47.39
C ALA H 40 -7.46 -11.09 48.11
N GLU H 41 -8.17 -10.63 49.11
CA GLU H 41 -9.06 -11.51 49.84
C GLU H 41 -10.26 -10.72 50.27
N ALA H 42 -11.42 -11.36 50.28
CA ALA H 42 -12.63 -10.67 50.69
C ALA H 42 -13.64 -11.66 51.27
N ASN H 43 -14.39 -11.21 52.28
CA ASN H 43 -15.56 -11.93 52.70
C ASN H 43 -16.71 -11.43 51.85
N ILE H 44 -17.58 -12.33 51.43
CA ILE H 44 -18.73 -11.96 50.61
C ILE H 44 -20.04 -12.32 51.30
N SER H 45 -21.10 -11.62 50.90
CA SER H 45 -22.39 -11.78 51.53
C SER H 45 -23.08 -13.06 51.07
N ASP H 46 -22.83 -13.45 49.82
CA ASP H 46 -23.36 -14.69 49.25
C ASP H 46 -22.59 -15.93 49.64
N VAL H 47 -23.25 -17.08 49.65
CA VAL H 47 -22.52 -18.28 50.01
C VAL H 47 -22.24 -19.10 48.78
N ILE H 48 -20.97 -19.38 48.53
CA ILE H 48 -20.54 -20.21 47.43
C ILE H 48 -20.76 -21.65 47.84
N ASP H 49 -21.59 -22.39 47.11
CA ASP H 49 -21.89 -23.77 47.51
C ASP H 49 -21.15 -24.91 46.80
N PHE H 50 -20.18 -24.61 45.93
CA PHE H 50 -19.33 -25.69 45.42
C PHE H 50 -17.93 -25.27 44.93
N ASP H 51 -16.96 -26.15 45.07
CA ASP H 51 -15.59 -25.86 44.63
C ASP H 51 -15.54 -25.84 43.12
N VAL H 52 -15.02 -24.77 42.55
CA VAL H 52 -14.85 -24.67 41.10
C VAL H 52 -13.70 -23.74 40.68
N ALA H 53 -12.96 -24.14 39.67
CA ALA H 53 -11.90 -23.30 39.13
C ALA H 53 -12.44 -22.67 37.86
N ILE H 54 -12.26 -21.36 37.70
CA ILE H 54 -12.70 -20.68 36.49
C ILE H 54 -11.51 -20.12 35.70
N TYR H 55 -11.37 -20.52 34.44
CA TYR H 55 -10.16 -20.17 33.69
C TYR H 55 -10.16 -18.70 33.20
N ASP H 56 -11.27 -18.28 32.60
CA ASP H 56 -11.43 -16.89 32.26
C ASP H 56 -12.56 -16.34 33.10
N LEU H 57 -12.19 -15.59 34.13
CA LEU H 57 -13.13 -15.14 35.13
C LEU H 57 -13.82 -13.91 34.61
N ASN H 58 -13.15 -13.21 33.70
CA ASN H 58 -13.73 -12.01 33.17
C ASN H 58 -14.84 -12.43 32.24
N GLY H 59 -14.59 -13.45 31.46
CA GLY H 59 -15.58 -13.93 30.52
C GLY H 59 -16.81 -14.43 31.23
N PHE H 60 -16.59 -15.22 32.30
CA PHE H 60 -17.65 -15.75 33.15
C PHE H 60 -18.52 -14.64 33.70
N LEU H 61 -17.89 -13.56 34.16
CA LEU H 61 -18.63 -12.48 34.79
C LEU H 61 -19.46 -11.70 33.79
N GLY H 62 -18.92 -11.52 32.60
CA GLY H 62 -19.67 -10.89 31.53
C GLY H 62 -20.95 -11.63 31.25
N ILE H 63 -20.85 -12.95 31.12
CA ILE H 63 -22.01 -13.82 30.95
C ILE H 63 -23.01 -13.60 32.06
N LEU H 64 -22.55 -13.65 33.31
CA LEU H 64 -23.45 -13.46 34.45
C LEU H 64 -24.31 -12.22 34.27
N SER H 65 -23.70 -11.12 33.91
CA SER H 65 -24.40 -9.86 33.82
C SER H 65 -25.46 -9.84 32.75
N LEU H 66 -25.53 -10.91 31.94
CA LEU H 66 -26.54 -11.05 30.89
C LEU H 66 -27.74 -11.88 31.34
N VAL H 67 -27.74 -12.29 32.59
CA VAL H 67 -28.82 -13.09 33.15
C VAL H 67 -29.47 -12.29 34.27
N ASN H 68 -30.60 -12.76 34.81
CA ASN H 68 -31.25 -12.04 35.90
C ASN H 68 -30.42 -12.24 37.14
N ASP H 69 -30.77 -11.58 38.24
CA ASP H 69 -29.96 -11.68 39.44
C ASP H 69 -30.21 -13.00 40.20
N ASP H 70 -31.47 -13.43 40.15
CA ASP H 70 -31.93 -14.70 40.74
C ASP H 70 -31.34 -15.92 40.02
N ALA H 71 -30.63 -15.70 38.92
CA ALA H 71 -30.07 -16.80 38.15
C ALA H 71 -29.25 -17.68 39.06
N GLU H 72 -29.53 -18.97 39.00
CA GLU H 72 -29.00 -19.91 39.95
C GLU H 72 -27.83 -20.68 39.38
N ILE H 73 -26.63 -20.34 39.84
CA ILE H 73 -25.43 -21.04 39.43
C ILE H 73 -25.30 -22.35 40.19
N SER H 74 -25.13 -23.46 39.47
CA SER H 74 -24.92 -24.76 40.10
C SER H 74 -23.92 -25.63 39.36
N GLN H 75 -23.51 -26.72 39.99
CA GLN H 75 -22.59 -27.62 39.33
C GLN H 75 -23.34 -28.29 38.18
N SER H 76 -22.67 -28.47 37.05
CA SER H 76 -23.30 -29.12 35.93
C SER H 76 -23.29 -30.63 36.09
N GLU H 77 -24.23 -31.29 35.42
CA GLU H 77 -24.37 -32.74 35.45
C GLU H 77 -23.03 -33.42 35.14
N ASP H 78 -22.33 -32.90 34.13
CA ASP H 78 -21.01 -33.38 33.74
C ASP H 78 -19.86 -32.66 34.46
N GLY H 79 -20.22 -31.75 35.35
CA GLY H 79 -19.24 -31.10 36.23
C GLY H 79 -18.92 -29.65 35.95
N ASN H 80 -19.20 -29.18 34.74
CA ASN H 80 -18.92 -27.79 34.41
C ASN H 80 -19.91 -26.86 35.12
N ILE H 81 -19.91 -25.58 34.81
CA ILE H 81 -20.81 -24.68 35.50
C ILE H 81 -22.13 -24.54 34.75
N LYS H 82 -23.23 -24.51 35.49
CA LYS H 82 -24.55 -24.30 34.89
C LYS H 82 -25.21 -23.07 35.48
N ILE H 83 -25.38 -22.03 34.65
CA ILE H 83 -26.10 -20.84 35.06
C ILE H 83 -27.54 -20.97 34.60
N ALA H 84 -28.48 -21.08 35.53
CA ALA H 84 -29.85 -21.33 35.11
C ALA H 84 -30.78 -20.16 35.37
N ASP H 85 -31.33 -19.64 34.28
CA ASP H 85 -32.16 -18.44 34.28
C ASP H 85 -33.62 -18.87 34.33
N ALA H 86 -34.54 -17.92 34.24
CA ALA H 86 -35.97 -18.26 34.17
C ALA H 86 -36.26 -19.22 33.00
N ARG H 87 -36.16 -18.72 31.77
CA ARG H 87 -36.36 -19.53 30.57
C ARG H 87 -35.07 -20.09 29.93
N SER H 88 -33.89 -19.63 30.39
CA SER H 88 -32.66 -19.96 29.70
C SER H 88 -31.64 -20.70 30.56
N THR H 89 -30.72 -21.40 29.91
CA THR H 89 -29.67 -22.14 30.60
C THR H 89 -28.36 -21.93 29.88
N ILE H 90 -27.34 -21.44 30.58
CA ILE H 90 -25.99 -21.28 30.01
C ILE H 90 -24.99 -22.23 30.65
N PHE H 91 -24.01 -22.65 29.86
CA PHE H 91 -23.00 -23.59 30.36
C PHE H 91 -21.60 -23.04 30.20
N TRP H 92 -20.89 -22.90 31.30
CA TRP H 92 -19.54 -22.39 31.26
C TRP H 92 -18.65 -23.46 31.79
N PRO H 93 -17.46 -23.56 31.23
CA PRO H 93 -16.49 -24.60 31.59
C PRO H 93 -15.83 -24.43 32.97
N ALA H 94 -15.84 -25.52 33.72
CA ALA H 94 -15.01 -25.67 34.88
C ALA H 94 -13.58 -25.86 34.37
N ALA H 95 -12.59 -25.43 35.14
CA ALA H 95 -11.20 -25.53 34.71
C ALA H 95 -10.47 -26.53 35.58
N ASP H 96 -9.46 -27.15 35.00
CA ASP H 96 -8.62 -28.04 35.75
C ASP H 96 -7.92 -27.17 36.74
N PRO H 97 -8.11 -27.45 38.04
CA PRO H 97 -7.41 -26.69 39.08
C PRO H 97 -5.90 -26.53 38.77
N SER H 98 -5.27 -27.57 38.23
CA SER H 98 -3.83 -27.52 37.93
C SER H 98 -3.43 -26.48 36.88
N THR H 99 -4.42 -25.88 36.23
CA THR H 99 -4.14 -24.78 35.31
C THR H 99 -4.37 -23.35 35.83
N VAL H 100 -4.93 -23.20 37.04
CA VAL H 100 -5.23 -21.87 37.61
C VAL H 100 -4.51 -21.57 38.92
N VAL H 101 -3.85 -20.43 39.01
CA VAL H 101 -3.08 -20.11 40.20
C VAL H 101 -3.96 -19.57 41.41
N ALA H 102 -4.05 -20.30 42.55
CA ALA H 102 -4.75 -19.89 43.81
C ALA H 102 -3.76 -19.81 44.97
N PRO H 103 -4.00 -18.93 45.94
CA PRO H 103 -3.14 -18.90 47.13
C PRO H 103 -3.34 -20.16 48.00
N ASN H 104 -2.34 -20.59 48.76
CA ASN H 104 -2.46 -21.76 49.64
C ASN H 104 -3.42 -21.54 50.79
N LYS H 105 -3.10 -20.52 51.58
CA LYS H 105 -3.84 -20.14 52.75
C LYS H 105 -3.72 -18.62 52.88
N PRO H 106 -4.68 -17.99 53.56
CA PRO H 106 -4.37 -16.61 53.93
C PRO H 106 -3.30 -16.55 55.05
N ILE H 107 -2.08 -16.08 54.75
CA ILE H 107 -1.05 -15.96 55.81
C ILE H 107 -1.29 -14.68 56.58
N PRO H 108 -1.32 -14.75 57.93
CA PRO H 108 -1.50 -13.53 58.70
C PRO H 108 -0.47 -12.49 58.30
N PHE H 109 -0.87 -11.24 58.23
CA PHE H 109 0.10 -10.19 57.96
C PHE H 109 0.84 -9.83 59.24
N PRO H 110 2.18 -9.79 59.16
CA PRO H 110 3.06 -9.38 60.26
C PRO H 110 2.66 -8.02 60.84
N VAL H 111 2.78 -7.81 62.14
CA VAL H 111 2.41 -6.52 62.69
C VAL H 111 3.17 -5.49 61.89
N ALA H 112 2.52 -4.36 61.61
CA ALA H 112 3.07 -3.42 60.65
C ALA H 112 4.39 -2.76 61.07
N SER H 113 5.29 -2.56 60.11
CA SER H 113 6.49 -1.75 60.33
C SER H 113 6.11 -0.28 60.41
N ALA H 114 5.27 0.16 59.49
CA ALA H 114 4.76 1.53 59.49
C ALA H 114 3.25 1.52 59.20
N VAL H 115 2.53 2.49 59.72
CA VAL H 115 1.09 2.58 59.42
C VAL H 115 0.66 3.97 59.02
N THR H 116 -0.11 4.03 57.94
CA THR H 116 -0.68 5.28 57.44
C THR H 116 -2.02 4.96 56.77
N GLU H 117 -2.62 5.94 56.11
CA GLU H 117 -3.90 5.73 55.42
C GLU H 117 -3.91 6.49 54.11
N ILE H 118 -4.75 6.07 53.17
CA ILE H 118 -4.85 6.75 51.88
C ILE H 118 -6.31 6.96 51.51
N LYS H 119 -6.67 8.20 51.21
CA LYS H 119 -8.06 8.55 50.98
C LYS H 119 -8.53 8.09 49.60
N ALA H 120 -9.80 7.70 49.50
CA ALA H 120 -10.34 7.20 48.24
C ALA H 120 -10.05 8.04 46.99
N GLU H 121 -10.15 9.36 47.10
CA GLU H 121 -9.92 10.18 45.93
C GLU H 121 -8.44 10.44 45.65
N ASP H 122 -7.58 10.18 46.64
CA ASP H 122 -6.15 10.29 46.43
C ASP H 122 -5.62 9.05 45.71
N LEU H 123 -6.08 7.89 46.15
CA LEU H 123 -5.78 6.66 45.45
C LEU H 123 -6.26 6.73 44.00
N GLN H 124 -7.38 7.42 43.79
CA GLN H 124 -7.91 7.55 42.45
C GLN H 124 -7.02 8.43 41.63
N GLN H 125 -6.64 9.61 42.16
CA GLN H 125 -5.76 10.52 41.43
C GLN H 125 -4.46 9.84 41.06
N LEU H 126 -3.86 9.15 42.02
CA LEU H 126 -2.65 8.38 41.77
C LEU H 126 -2.77 7.43 40.59
N LEU H 127 -3.78 6.58 40.60
CA LEU H 127 -3.96 5.64 39.51
C LEU H 127 -4.10 6.41 38.19
N ARG H 128 -5.02 7.37 38.17
CA ARG H 128 -5.40 8.11 36.97
C ARG H 128 -4.22 8.88 36.39
N VAL H 129 -3.60 9.69 37.23
CA VAL H 129 -2.43 10.44 36.83
C VAL H 129 -1.41 9.49 36.25
N SER H 130 -1.31 8.31 36.85
CA SER H 130 -0.28 7.34 36.50
C SER H 130 -0.22 6.96 35.03
N ARG H 131 -1.38 6.91 34.38
CA ARG H 131 -1.47 6.55 32.98
C ARG H 131 -0.98 7.72 32.14
N GLY H 132 -1.28 8.93 32.59
CA GLY H 132 -0.92 10.13 31.87
C GLY H 132 0.54 10.58 31.92
N LEU H 133 1.12 10.55 33.12
CA LEU H 133 2.52 10.86 33.30
C LEU H 133 3.39 9.69 32.94
N GLN H 134 2.79 8.53 32.75
CA GLN H 134 3.54 7.30 32.54
C GLN H 134 4.39 6.94 33.74
N ILE H 135 3.77 6.93 34.91
CA ILE H 135 4.46 6.55 36.16
C ILE H 135 4.31 5.06 36.32
N ASP H 136 5.39 4.29 36.14
CA ASP H 136 5.27 2.86 36.33
C ASP H 136 5.79 2.33 37.64
N THR H 137 6.38 3.18 38.47
CA THR H 137 6.78 2.74 39.80
C THR H 137 6.63 3.86 40.82
N ILE H 138 6.21 3.51 42.03
CA ILE H 138 5.96 4.50 43.07
C ILE H 138 6.71 4.13 44.32
N ALA H 139 7.00 5.12 45.16
CA ALA H 139 7.79 4.88 46.36
C ALA H 139 7.14 5.55 47.57
N ILE H 140 6.72 4.75 48.52
CA ILE H 140 6.25 5.28 49.78
C ILE H 140 7.48 5.48 50.61
N THR H 141 7.73 6.73 51.01
CA THR H 141 8.98 7.09 51.66
C THR H 141 8.71 8.19 52.70
N VAL H 142 9.76 8.68 53.35
CA VAL H 142 9.61 9.76 54.32
C VAL H 142 10.22 11.06 53.81
N LYS H 143 9.49 12.16 53.92
CA LYS H 143 10.05 13.47 53.65
C LYS H 143 9.47 14.47 54.64
N GLU H 144 10.35 15.28 55.24
CA GLU H 144 9.95 16.39 56.09
C GLU H 144 8.87 16.03 57.13
N GLY H 145 9.02 14.86 57.75
CA GLY H 145 8.12 14.43 58.80
C GLY H 145 6.76 13.92 58.33
N LYS H 146 6.66 13.61 57.04
CA LYS H 146 5.40 13.15 56.44
C LYS H 146 5.59 11.93 55.53
N ILE H 147 4.57 11.06 55.49
CA ILE H 147 4.56 9.92 54.58
C ILE H 147 4.07 10.35 53.21
N VAL H 148 4.92 10.23 52.20
CA VAL H 148 4.53 10.61 50.85
C VAL H 148 4.65 9.44 49.86
N ILE H 149 3.91 9.54 48.76
CA ILE H 149 4.12 8.61 47.66
C ILE H 149 4.73 9.39 46.48
N ASN H 150 5.81 8.86 45.92
CA ASN H 150 6.47 9.50 44.79
C ASN H 150 6.45 8.60 43.54
N GLY H 151 5.85 9.08 42.45
CA GLY H 151 5.85 8.32 41.22
C GLY H 151 7.06 8.62 40.35
N PHE H 152 7.54 7.60 39.65
CA PHE H 152 8.70 7.69 38.77
C PHE H 152 8.40 6.93 37.50
N ASN H 153 9.01 7.33 36.40
CA ASN H 153 8.92 6.51 35.19
C ASN H 153 10.22 5.77 35.03
N LYS H 154 10.19 4.47 35.30
CA LYS H 154 11.44 3.73 35.44
C LYS H 154 12.14 3.45 34.10
N VAL H 155 11.39 3.51 32.99
CA VAL H 155 12.00 3.30 31.67
C VAL H 155 12.90 4.49 31.36
N GLU H 156 12.42 5.70 31.59
CA GLU H 156 13.18 6.89 31.29
C GLU H 156 14.13 7.34 32.42
N ASP H 157 13.90 6.84 33.62
CA ASP H 157 14.74 7.19 34.75
C ASP H 157 14.99 5.89 35.51
N SER H 158 16.23 5.39 35.46
CA SER H 158 16.48 4.03 35.93
C SER H 158 16.57 4.00 37.43
N ALA H 159 17.16 5.05 38.00
CA ALA H 159 17.48 5.12 39.42
C ALA H 159 16.30 5.54 40.29
N LEU H 160 15.24 6.02 39.65
CA LEU H 160 14.17 6.69 40.36
C LEU H 160 14.67 8.01 40.95
N THR H 161 15.41 8.76 40.13
CA THR H 161 15.88 10.09 40.51
C THR H 161 14.86 11.23 40.28
N ARG H 162 14.18 11.24 39.12
CA ARG H 162 13.23 12.32 38.78
C ARG H 162 11.80 11.95 39.16
N VAL H 163 11.25 12.68 40.13
CA VAL H 163 9.92 12.40 40.70
C VAL H 163 8.83 13.19 39.96
N LYS H 164 8.00 12.46 39.21
CA LYS H 164 6.96 13.07 38.40
C LYS H 164 5.70 13.41 39.20
N TYR H 165 5.52 12.74 40.33
CA TYR H 165 4.32 12.93 41.13
C TYR H 165 4.60 12.69 42.61
N SER H 166 3.91 13.41 43.48
CA SER H 166 4.09 13.22 44.90
C SER H 166 2.76 13.44 45.60
N LEU H 167 2.40 12.57 46.54
CA LEU H 167 1.16 12.73 47.27
C LEU H 167 1.40 12.56 48.76
N THR H 168 0.82 13.41 49.58
CA THR H 168 1.13 13.41 51.02
C THR H 168 0.01 12.77 51.83
N LEU H 169 0.32 11.61 52.39
CA LEU H 169 -0.65 10.79 53.10
C LEU H 169 -0.88 11.25 54.54
N GLY H 170 0.21 11.55 55.23
CA GLY H 170 0.11 11.96 56.61
C GLY H 170 1.50 12.06 57.21
N ASP H 171 1.59 12.73 58.36
CA ASP H 171 2.87 12.94 59.03
C ASP H 171 3.42 11.61 59.55
N TYR H 172 4.72 11.58 59.81
CA TYR H 172 5.38 10.35 60.25
C TYR H 172 6.09 10.56 61.59
N ASP H 173 5.72 9.77 62.58
CA ASP H 173 6.19 9.92 63.95
C ASP H 173 7.59 9.36 64.22
N GLY H 174 7.83 8.15 63.71
CA GLY H 174 9.06 7.43 63.94
C GLY H 174 10.27 8.15 63.38
N GLU H 175 11.44 7.62 63.66
CA GLU H 175 12.69 8.19 63.17
C GLU H 175 13.31 7.48 61.97
N ASN H 176 12.68 6.40 61.55
CA ASN H 176 13.21 5.49 60.53
C ASN H 176 13.08 6.01 59.10
N THR H 177 14.13 5.86 58.32
CA THR H 177 14.00 6.07 56.90
C THR H 177 13.59 4.74 56.32
N PHE H 178 12.62 4.79 55.43
CA PHE H 178 12.30 3.65 54.61
C PHE H 178 11.95 4.13 53.21
N ASN H 179 12.55 3.55 52.19
CA ASN H 179 12.12 3.87 50.86
C ASN H 179 11.47 2.60 50.27
N PHE H 180 10.14 2.56 50.27
CA PHE H 180 9.40 1.35 49.87
C PHE H 180 8.94 1.55 48.45
N ILE H 181 9.49 0.76 47.54
CA ILE H 181 9.13 0.87 46.14
C ILE H 181 8.05 -0.13 45.77
N ILE H 182 7.06 0.32 45.01
CA ILE H 182 6.00 -0.56 44.54
C ILE H 182 5.83 -0.46 43.02
N ASN H 183 5.45 -1.57 42.39
CA ASN H 183 5.23 -1.59 40.94
C ASN H 183 3.80 -1.21 40.61
N ALA H 185 1.98 -1.62 38.20
CA ALA H 185 1.28 -2.76 37.64
C ALA H 185 0.61 -3.63 38.72
N ASN H 186 1.12 -3.57 39.96
CA ASN H 186 0.55 -4.36 41.04
C ASN H 186 -0.47 -3.66 41.94
N LYS H 188 -3.81 -3.03 42.22
CA LYS H 188 -5.06 -3.47 41.61
C LYS H 188 -6.28 -3.13 42.47
N GLN H 190 -9.56 -2.06 44.18
CA GLN H 190 -10.76 -1.33 43.87
C GLN H 190 -10.73 -0.02 44.64
N PRO H 191 -11.31 1.01 44.05
CA PRO H 191 -11.26 2.36 44.61
C PRO H 191 -11.98 2.41 45.95
N GLY H 192 -11.42 3.14 46.90
CA GLY H 192 -12.00 3.29 48.22
C GLY H 192 -10.92 3.75 49.18
N ASN H 193 -11.22 3.78 50.47
CA ASN H 193 -10.22 4.20 51.43
C ASN H 193 -9.48 3.01 51.98
N TYR H 194 -8.20 3.18 52.27
CA TYR H 194 -7.42 2.05 52.77
C TYR H 194 -6.52 2.37 53.94
N LYS H 195 -6.60 1.56 55.00
CA LYS H 195 -5.54 1.55 56.00
C LYS H 195 -4.35 0.98 55.23
N LEU H 196 -3.18 1.60 55.36
CA LEU H 196 -2.01 1.12 54.64
C LEU H 196 -0.98 0.59 55.63
N LEU H 197 -0.75 -0.71 55.62
CA LEU H 197 0.22 -1.28 56.56
C LEU H 197 1.51 -1.74 55.87
N LEU H 198 2.60 -1.03 56.10
CA LEU H 198 3.88 -1.40 55.50
C LEU H 198 4.67 -2.32 56.41
N TRP H 199 5.36 -3.30 55.84
CA TRP H 199 6.16 -4.23 56.62
C TRP H 199 7.39 -4.65 55.85
N ALA H 200 8.51 -4.76 56.55
CA ALA H 200 9.76 -5.19 55.92
C ALA H 200 10.65 -5.94 56.90
N LYS H 201 11.30 -7.01 56.43
CA LYS H 201 12.40 -7.60 57.17
C LYS H 201 13.54 -7.77 56.18
N GLY H 202 14.59 -6.97 56.34
CA GLY H 202 15.69 -6.98 55.38
C GLY H 202 15.24 -6.81 53.94
N LYS H 203 15.68 -7.72 53.07
CA LYS H 203 15.36 -7.60 51.63
C LYS H 203 13.90 -7.95 51.34
N GLN H 204 13.29 -8.70 52.25
CA GLN H 204 11.87 -8.99 52.17
C GLN H 204 11.08 -7.69 52.33
N GLY H 205 9.87 -7.64 51.76
CA GLY H 205 8.91 -6.57 52.04
C GLY H 205 7.53 -6.84 51.47
N ALA H 206 6.50 -6.26 52.10
CA ALA H 206 5.15 -6.25 51.53
C ALA H 206 4.29 -5.11 52.08
N ALA H 207 3.33 -4.64 51.29
CA ALA H 207 2.38 -3.64 51.78
C ALA H 207 0.97 -4.18 51.71
N LYS H 208 0.24 -4.04 52.82
CA LYS H 208 -1.14 -4.50 52.88
C LYS H 208 -2.10 -3.33 52.91
N PHE H 209 -2.91 -3.18 51.85
CA PHE H 209 -3.97 -2.17 51.84
C PHE H 209 -5.23 -2.80 52.38
N GLU H 210 -5.75 -2.24 53.46
CA GLU H 210 -6.90 -2.85 54.11
C GLU H 210 -8.09 -1.92 53.95
N GLY H 211 -9.03 -2.34 53.10
CA GLY H 211 -10.16 -1.50 52.80
C GLY H 211 -11.39 -2.03 53.47
N GLU H 212 -12.50 -1.36 53.28
CA GLU H 212 -13.73 -1.79 53.91
C GLU H 212 -14.20 -3.09 53.29
N HIS H 213 -14.16 -3.15 51.96
CA HIS H 213 -14.63 -4.33 51.22
C HIS H 213 -13.64 -5.50 51.13
N ALA H 214 -12.34 -5.20 50.96
CA ALA H 214 -11.33 -6.25 50.87
C ALA H 214 -9.95 -5.82 51.33
N ASN H 215 -9.00 -6.75 51.30
CA ASN H 215 -7.61 -6.46 51.63
C ASN H 215 -6.76 -6.80 50.42
N TYR H 216 -5.64 -6.11 50.28
CA TYR H 216 -4.69 -6.39 49.22
C TYR H 216 -3.28 -6.37 49.77
N VAL H 217 -2.53 -7.45 49.63
CA VAL H 217 -1.11 -7.41 49.93
C VAL H 217 -0.30 -7.28 48.64
N VAL H 218 0.69 -6.42 48.62
CA VAL H 218 1.44 -6.29 47.38
C VAL H 218 2.95 -6.12 47.65
N ALA H 219 3.74 -6.87 46.89
CA ALA H 219 5.18 -6.93 47.09
C ALA H 219 5.84 -5.59 46.83
N LEU H 220 6.89 -5.31 47.61
CA LEU H 220 7.78 -4.15 47.41
C LEU H 220 9.14 -4.63 47.04
N GLU H 221 10.10 -3.69 47.10
CA GLU H 221 11.47 -3.94 47.58
C GLU H 221 11.93 -2.67 48.33
N ALA H 222 13.03 -2.72 49.10
CA ALA H 222 13.48 -1.54 49.90
C ALA H 222 14.96 -1.07 49.72
#